data_1LAC
# 
_entry.id   1LAC 
# 
_audit_conform.dict_name       mmcif_pdbx.dic 
_audit_conform.dict_version    5.391 
_audit_conform.dict_location   http://mmcif.pdb.org/dictionaries/ascii/mmcif_pdbx.dic 
# 
loop_
_database_2.database_id 
_database_2.database_code 
_database_2.pdbx_database_accession 
_database_2.pdbx_DOI 
PDB   1LAC         pdb_00001lac 10.2210/pdb1lac/pdb 
WWPDB D_1000174628 ?            ?                   
# 
loop_
_pdbx_audit_revision_history.ordinal 
_pdbx_audit_revision_history.data_content_type 
_pdbx_audit_revision_history.major_revision 
_pdbx_audit_revision_history.minor_revision 
_pdbx_audit_revision_history.revision_date 
1 'Structure model' 1 0 1993-07-15 
2 'Structure model' 1 1 2008-03-03 
3 'Structure model' 1 2 2011-07-13 
4 'Structure model' 1 3 2017-11-29 
5 'Structure model' 1 4 2024-05-01 
# 
_pdbx_audit_revision_details.ordinal             1 
_pdbx_audit_revision_details.revision_ordinal    1 
_pdbx_audit_revision_details.data_content_type   'Structure model' 
_pdbx_audit_revision_details.provider            repository 
_pdbx_audit_revision_details.type                'Initial release' 
_pdbx_audit_revision_details.description         ? 
_pdbx_audit_revision_details.details             ? 
# 
loop_
_pdbx_audit_revision_group.ordinal 
_pdbx_audit_revision_group.revision_ordinal 
_pdbx_audit_revision_group.data_content_type 
_pdbx_audit_revision_group.group 
1 2 'Structure model' 'Version format compliance' 
2 3 'Structure model' 'Version format compliance' 
3 4 'Structure model' 'Derived calculations'      
4 4 'Structure model' Other                       
5 5 'Structure model' 'Data collection'           
6 5 'Structure model' 'Database references'       
# 
loop_
_pdbx_audit_revision_category.ordinal 
_pdbx_audit_revision_category.revision_ordinal 
_pdbx_audit_revision_category.data_content_type 
_pdbx_audit_revision_category.category 
1 4 'Structure model' pdbx_database_status  
2 4 'Structure model' pdbx_struct_assembly  
3 4 'Structure model' pdbx_struct_oper_list 
4 4 'Structure model' struct_conf           
5 5 'Structure model' chem_comp_atom        
6 5 'Structure model' chem_comp_bond        
7 5 'Structure model' database_2            
# 
loop_
_pdbx_audit_revision_item.ordinal 
_pdbx_audit_revision_item.revision_ordinal 
_pdbx_audit_revision_item.data_content_type 
_pdbx_audit_revision_item.item 
1 4 'Structure model' '_pdbx_database_status.process_site'  
2 5 'Structure model' '_database_2.pdbx_DOI'                
3 5 'Structure model' '_database_2.pdbx_database_accession' 
# 
_pdbx_database_status.status_code                     REL 
_pdbx_database_status.entry_id                        1LAC 
_pdbx_database_status.recvd_initial_deposition_date   1992-09-02 
_pdbx_database_status.deposit_site                    ? 
_pdbx_database_status.process_site                    BNL 
_pdbx_database_status.SG_entry                        . 
_pdbx_database_status.pdb_format_compatible           Y 
_pdbx_database_status.status_code_mr                  ? 
_pdbx_database_status.status_code_sf                  ? 
_pdbx_database_status.status_code_cs                  ? 
_pdbx_database_status.methods_development_category    ? 
_pdbx_database_status.status_code_nmr_data            ? 
# 
_pdbx_database_related.db_name        PDB 
_pdbx_database_related.db_id          1LAB 
_pdbx_database_related.details        . 
_pdbx_database_related.content_type   ensemble 
# 
loop_
_audit_author.name 
_audit_author.pdbx_ordinal 
'Dardel, F.'   1 
'Davis, A.L.'  2 
'Laue, E.D.'   3 
'Perham, R.N.' 4 
# 
loop_
_citation.id 
_citation.title 
_citation.journal_abbrev 
_citation.journal_volume 
_citation.page_first 
_citation.page_last 
_citation.year 
_citation.journal_id_ASTM 
_citation.country 
_citation.journal_id_ISSN 
_citation.journal_id_CSD 
_citation.book_publisher 
_citation.pdbx_database_id_PubMed 
_citation.pdbx_database_id_DOI 
primary 
'Three-dimensional structure of the lipoyl domain from Bacillus stearothermophilus pyruvate dehydrogenase multienzyme complex.' 
J.Mol.Biol.    229 1037 1048 1993 JMOBAK UK 0022-2836 0070 ? 8445635 10.1006/jmbi.1993.1103 
1       
;Sequence-Specific 1H-NMR Assignments and Secondary Structure of the Lipoyl Domain of the Bacillus Stearothermophilus Pyruvate Dehydrogenase Multienzyme Complex
;
Eur.J.Biochem. 201 203  ?    1991 EJBCAI IX 0014-2956 0262 ? ?       ?                      
# 
loop_
_citation_author.citation_id 
_citation_author.name 
_citation_author.ordinal 
_citation_author.identifier_ORCID 
primary 'Dardel, F.'   1 ? 
primary 'Davis, A.L.'  2 ? 
primary 'Laue, E.D.'   3 ? 
primary 'Perham, R.N.' 4 ? 
1       'Dardel, F.'   5 ? 
1       'Laue, E.D.'   6 ? 
1       'Perham, R.N.' 7 ? 
# 
_entity.id                         1 
_entity.type                       polymer 
_entity.src_method                 man 
_entity.pdbx_description           'DIHYDROLIPOAMIDE ACETYLTRANSFERASE' 
_entity.formula_weight             8653.785 
_entity.pdbx_number_of_molecules   1 
_entity.pdbx_ec                    2.3.1.12 
_entity.pdbx_mutation              ? 
_entity.pdbx_fragment              ? 
_entity.details                    ? 
# 
_entity_poly.entity_id                      1 
_entity_poly.type                           'polypeptide(L)' 
_entity_poly.nstd_linkage                   no 
_entity_poly.nstd_monomer                   no 
_entity_poly.pdbx_seq_one_letter_code       AFEFKLPDIGEGIHEGEIVKWFVKPGDEVNEDDVLCEVQNDKAVVEIPSPVKGKVLEILVPEGTVATVGQTLITLDAPGY 
_entity_poly.pdbx_seq_one_letter_code_can   AFEFKLPDIGEGIHEGEIVKWFVKPGDEVNEDDVLCEVQNDKAVVEIPSPVKGKVLEILVPEGTVATVGQTLITLDAPGY 
_entity_poly.pdbx_strand_id                 A 
_entity_poly.pdbx_target_identifier         ? 
# 
loop_
_entity_poly_seq.entity_id 
_entity_poly_seq.num 
_entity_poly_seq.mon_id 
_entity_poly_seq.hetero 
1 1  ALA n 
1 2  PHE n 
1 3  GLU n 
1 4  PHE n 
1 5  LYS n 
1 6  LEU n 
1 7  PRO n 
1 8  ASP n 
1 9  ILE n 
1 10 GLY n 
1 11 GLU n 
1 12 GLY n 
1 13 ILE n 
1 14 HIS n 
1 15 GLU n 
1 16 GLY n 
1 17 GLU n 
1 18 ILE n 
1 19 VAL n 
1 20 LYS n 
1 21 TRP n 
1 22 PHE n 
1 23 VAL n 
1 24 LYS n 
1 25 PRO n 
1 26 GLY n 
1 27 ASP n 
1 28 GLU n 
1 29 VAL n 
1 30 ASN n 
1 31 GLU n 
1 32 ASP n 
1 33 ASP n 
1 34 VAL n 
1 35 LEU n 
1 36 CYS n 
1 37 GLU n 
1 38 VAL n 
1 39 GLN n 
1 40 ASN n 
1 41 ASP n 
1 42 LYS n 
1 43 ALA n 
1 44 VAL n 
1 45 VAL n 
1 46 GLU n 
1 47 ILE n 
1 48 PRO n 
1 49 SER n 
1 50 PRO n 
1 51 VAL n 
1 52 LYS n 
1 53 GLY n 
1 54 LYS n 
1 55 VAL n 
1 56 LEU n 
1 57 GLU n 
1 58 ILE n 
1 59 LEU n 
1 60 VAL n 
1 61 PRO n 
1 62 GLU n 
1 63 GLY n 
1 64 THR n 
1 65 VAL n 
1 66 ALA n 
1 67 THR n 
1 68 VAL n 
1 69 GLY n 
1 70 GLN n 
1 71 THR n 
1 72 LEU n 
1 73 ILE n 
1 74 THR n 
1 75 LEU n 
1 76 ASP n 
1 77 ALA n 
1 78 PRO n 
1 79 GLY n 
1 80 TYR n 
# 
_entity_src_gen.entity_id                          1 
_entity_src_gen.pdbx_src_id                        1 
_entity_src_gen.pdbx_alt_source_flag               sample 
_entity_src_gen.pdbx_seq_type                      ? 
_entity_src_gen.pdbx_beg_seq_num                   ? 
_entity_src_gen.pdbx_end_seq_num                   ? 
_entity_src_gen.gene_src_common_name               ? 
_entity_src_gen.gene_src_genus                     Geobacillus 
_entity_src_gen.pdbx_gene_src_gene                 'BACILLUS STEAROTHERMOPHILUS' 
_entity_src_gen.gene_src_species                   ? 
_entity_src_gen.gene_src_strain                    ? 
_entity_src_gen.gene_src_tissue                    ? 
_entity_src_gen.gene_src_tissue_fraction           ? 
_entity_src_gen.gene_src_details                   ? 
_entity_src_gen.pdbx_gene_src_fragment             ? 
_entity_src_gen.pdbx_gene_src_scientific_name      'Geobacillus stearothermophilus' 
_entity_src_gen.pdbx_gene_src_ncbi_taxonomy_id     1422 
_entity_src_gen.pdbx_gene_src_variant              ? 
_entity_src_gen.pdbx_gene_src_cell_line            ? 
_entity_src_gen.pdbx_gene_src_atcc                 ? 
_entity_src_gen.pdbx_gene_src_organ                ? 
_entity_src_gen.pdbx_gene_src_organelle            ? 
_entity_src_gen.pdbx_gene_src_cell                 ? 
_entity_src_gen.pdbx_gene_src_cellular_location    ? 
_entity_src_gen.host_org_common_name               ? 
_entity_src_gen.pdbx_host_org_scientific_name      ? 
_entity_src_gen.pdbx_host_org_ncbi_taxonomy_id     ? 
_entity_src_gen.host_org_genus                     ? 
_entity_src_gen.pdbx_host_org_gene                 'BACILLUS STEAROTHERMOPHILUS' 
_entity_src_gen.pdbx_host_org_organ                ? 
_entity_src_gen.host_org_species                   ? 
_entity_src_gen.pdbx_host_org_tissue               ? 
_entity_src_gen.pdbx_host_org_tissue_fraction      ? 
_entity_src_gen.pdbx_host_org_strain               ? 
_entity_src_gen.pdbx_host_org_variant              ? 
_entity_src_gen.pdbx_host_org_cell_line            ? 
_entity_src_gen.pdbx_host_org_atcc                 ? 
_entity_src_gen.pdbx_host_org_culture_collection   ? 
_entity_src_gen.pdbx_host_org_cell                 ? 
_entity_src_gen.pdbx_host_org_organelle            ? 
_entity_src_gen.pdbx_host_org_cellular_location    ? 
_entity_src_gen.pdbx_host_org_vector_type          ? 
_entity_src_gen.pdbx_host_org_vector               ? 
_entity_src_gen.host_org_details                   ? 
_entity_src_gen.expression_system_id               ? 
_entity_src_gen.plasmid_name                       ? 
_entity_src_gen.plasmid_details                    ? 
_entity_src_gen.pdbx_description                   ? 
# 
loop_
_chem_comp.id 
_chem_comp.type 
_chem_comp.mon_nstd_flag 
_chem_comp.name 
_chem_comp.pdbx_synonyms 
_chem_comp.formula 
_chem_comp.formula_weight 
ALA 'L-peptide linking' y ALANINE         ? 'C3 H7 N O2'     89.093  
ASN 'L-peptide linking' y ASPARAGINE      ? 'C4 H8 N2 O3'    132.118 
ASP 'L-peptide linking' y 'ASPARTIC ACID' ? 'C4 H7 N O4'     133.103 
CYS 'L-peptide linking' y CYSTEINE        ? 'C3 H7 N O2 S'   121.158 
GLN 'L-peptide linking' y GLUTAMINE       ? 'C5 H10 N2 O3'   146.144 
GLU 'L-peptide linking' y 'GLUTAMIC ACID' ? 'C5 H9 N O4'     147.129 
GLY 'peptide linking'   y GLYCINE         ? 'C2 H5 N O2'     75.067  
HIS 'L-peptide linking' y HISTIDINE       ? 'C6 H10 N3 O2 1' 156.162 
ILE 'L-peptide linking' y ISOLEUCINE      ? 'C6 H13 N O2'    131.173 
LEU 'L-peptide linking' y LEUCINE         ? 'C6 H13 N O2'    131.173 
LYS 'L-peptide linking' y LYSINE          ? 'C6 H15 N2 O2 1' 147.195 
PHE 'L-peptide linking' y PHENYLALANINE   ? 'C9 H11 N O2'    165.189 
PRO 'L-peptide linking' y PROLINE         ? 'C5 H9 N O2'     115.130 
SER 'L-peptide linking' y SERINE          ? 'C3 H7 N O3'     105.093 
THR 'L-peptide linking' y THREONINE       ? 'C4 H9 N O3'     119.119 
TRP 'L-peptide linking' y TRYPTOPHAN      ? 'C11 H12 N2 O2'  204.225 
TYR 'L-peptide linking' y TYROSINE        ? 'C9 H11 N O3'    181.189 
VAL 'L-peptide linking' y VALINE          ? 'C5 H11 N O2'    117.146 
# 
loop_
_pdbx_poly_seq_scheme.asym_id 
_pdbx_poly_seq_scheme.entity_id 
_pdbx_poly_seq_scheme.seq_id 
_pdbx_poly_seq_scheme.mon_id 
_pdbx_poly_seq_scheme.ndb_seq_num 
_pdbx_poly_seq_scheme.pdb_seq_num 
_pdbx_poly_seq_scheme.auth_seq_num 
_pdbx_poly_seq_scheme.pdb_mon_id 
_pdbx_poly_seq_scheme.auth_mon_id 
_pdbx_poly_seq_scheme.pdb_strand_id 
_pdbx_poly_seq_scheme.pdb_ins_code 
_pdbx_poly_seq_scheme.hetero 
A 1 1  ALA 1  1  1  ALA ALA A . n 
A 1 2  PHE 2  2  2  PHE PHE A . n 
A 1 3  GLU 3  3  3  GLU GLU A . n 
A 1 4  PHE 4  4  4  PHE PHE A . n 
A 1 5  LYS 5  5  5  LYS LYS A . n 
A 1 6  LEU 6  6  6  LEU LEU A . n 
A 1 7  PRO 7  7  7  PRO PRO A . n 
A 1 8  ASP 8  8  8  ASP ASP A . n 
A 1 9  ILE 9  9  9  ILE ILE A . n 
A 1 10 GLY 10 10 10 GLY GLY A . n 
A 1 11 GLU 11 11 11 GLU GLU A . n 
A 1 12 GLY 12 12 12 GLY GLY A . n 
A 1 13 ILE 13 13 13 ILE ILE A . n 
A 1 14 HIS 14 14 14 HIS HIS A . n 
A 1 15 GLU 15 15 15 GLU GLU A . n 
A 1 16 GLY 16 16 16 GLY GLY A . n 
A 1 17 GLU 17 17 17 GLU GLU A . n 
A 1 18 ILE 18 18 18 ILE ILE A . n 
A 1 19 VAL 19 19 19 VAL VAL A . n 
A 1 20 LYS 20 20 20 LYS LYS A . n 
A 1 21 TRP 21 21 21 TRP TRP A . n 
A 1 22 PHE 22 22 22 PHE PHE A . n 
A 1 23 VAL 23 23 23 VAL VAL A . n 
A 1 24 LYS 24 24 24 LYS LYS A . n 
A 1 25 PRO 25 25 25 PRO PRO A . n 
A 1 26 GLY 26 26 26 GLY GLY A . n 
A 1 27 ASP 27 27 27 ASP ASP A . n 
A 1 28 GLU 28 28 28 GLU GLU A . n 
A 1 29 VAL 29 29 29 VAL VAL A . n 
A 1 30 ASN 30 30 30 ASN ASN A . n 
A 1 31 GLU 31 31 31 GLU GLU A . n 
A 1 32 ASP 32 32 32 ASP ASP A . n 
A 1 33 ASP 33 33 33 ASP ASP A . n 
A 1 34 VAL 34 34 34 VAL VAL A . n 
A 1 35 LEU 35 35 35 LEU LEU A . n 
A 1 36 CYS 36 36 36 CYS CYS A . n 
A 1 37 GLU 37 37 37 GLU GLU A . n 
A 1 38 VAL 38 38 38 VAL VAL A . n 
A 1 39 GLN 39 39 39 GLN GLN A . n 
A 1 40 ASN 40 40 40 ASN ASN A . n 
A 1 41 ASP 41 41 41 ASP ASP A . n 
A 1 42 LYS 42 42 42 LYS LYS A . n 
A 1 43 ALA 43 43 43 ALA ALA A . n 
A 1 44 VAL 44 44 44 VAL VAL A . n 
A 1 45 VAL 45 45 45 VAL VAL A . n 
A 1 46 GLU 46 46 46 GLU GLU A . n 
A 1 47 ILE 47 47 47 ILE ILE A . n 
A 1 48 PRO 48 48 48 PRO PRO A . n 
A 1 49 SER 49 49 49 SER SER A . n 
A 1 50 PRO 50 50 50 PRO PRO A . n 
A 1 51 VAL 51 51 51 VAL VAL A . n 
A 1 52 LYS 52 52 52 LYS LYS A . n 
A 1 53 GLY 53 53 53 GLY GLY A . n 
A 1 54 LYS 54 54 54 LYS LYS A . n 
A 1 55 VAL 55 55 55 VAL VAL A . n 
A 1 56 LEU 56 56 56 LEU LEU A . n 
A 1 57 GLU 57 57 57 GLU GLU A . n 
A 1 58 ILE 58 58 58 ILE ILE A . n 
A 1 59 LEU 59 59 59 LEU LEU A . n 
A 1 60 VAL 60 60 60 VAL VAL A . n 
A 1 61 PRO 61 61 61 PRO PRO A . n 
A 1 62 GLU 62 62 62 GLU GLU A . n 
A 1 63 GLY 63 63 63 GLY GLY A . n 
A 1 64 THR 64 64 64 THR THR A . n 
A 1 65 VAL 65 65 65 VAL VAL A . n 
A 1 66 ALA 66 66 66 ALA ALA A . n 
A 1 67 THR 67 67 67 THR THR A . n 
A 1 68 VAL 68 68 68 VAL VAL A . n 
A 1 69 GLY 69 69 69 GLY GLY A . n 
A 1 70 GLN 70 70 70 GLN GLN A . n 
A 1 71 THR 71 71 71 THR THR A . n 
A 1 72 LEU 72 72 72 LEU LEU A . n 
A 1 73 ILE 73 73 73 ILE ILE A . n 
A 1 74 THR 74 74 74 THR THR A . n 
A 1 75 LEU 75 75 75 LEU LEU A . n 
A 1 76 ASP 76 76 76 ASP ASP A . n 
A 1 77 ALA 77 77 77 ALA ALA A . n 
A 1 78 PRO 78 78 78 PRO PRO A . n 
A 1 79 GLY 79 79 79 GLY GLY A . n 
A 1 80 TYR 80 80 80 TYR TYR A . n 
# 
loop_
_software.name 
_software.classification 
_software.version 
_software.citation_id 
_software.pdbx_ordinal 
X-PLOR 'model building' . ? 1 
X-PLOR refinement       . ? 2 
X-PLOR phasing          . ? 3 
# 
_cell.entry_id           1LAC 
_cell.length_a           1.000 
_cell.length_b           1.000 
_cell.length_c           1.000 
_cell.angle_alpha        90.00 
_cell.angle_beta         90.00 
_cell.angle_gamma        90.00 
_cell.Z_PDB              1 
_cell.pdbx_unique_axis   ? 
# 
_symmetry.entry_id                         1LAC 
_symmetry.space_group_name_H-M             'P 1' 
_symmetry.pdbx_full_space_group_name_H-M   ? 
_symmetry.cell_setting                     ? 
_symmetry.Int_Tables_number                1 
# 
_exptl.entry_id          1LAC 
_exptl.method            'SOLUTION NMR' 
_exptl.crystals_number   ? 
# 
_struct.entry_id                  1LAC 
_struct.title                     
'THREE-DIMENSIONAL STRUCTURE OF THE LIPOYL DOMAIN FROM BACILLUS STEAROTHERMOPHILUS PYRUVATE DEHYDROGENASE MULTIENZYME COMPLEX' 
_struct.pdbx_model_details        ? 
_struct.pdbx_CASP_flag            ? 
_struct.pdbx_model_type_details   ? 
# 
_struct_keywords.entry_id        1LAC 
_struct_keywords.pdbx_keywords   'TRANSFERASE (ACYLTRANSFERASE)' 
_struct_keywords.text            'TRANSFERASE (ACYLTRANSFERASE)' 
# 
_struct_asym.id                            A 
_struct_asym.pdbx_blank_PDB_chainid_flag   Y 
_struct_asym.pdbx_modified                 N 
_struct_asym.entity_id                     1 
_struct_asym.details                       ? 
# 
_struct_ref.id                         1 
_struct_ref.db_name                    UNP 
_struct_ref.db_code                    ODP2_BACST 
_struct_ref.entity_id                  1 
_struct_ref.pdbx_db_accession          P11961 
_struct_ref.pdbx_align_begin           1 
_struct_ref.pdbx_seq_one_letter_code   
;AFEFKLPDIGEGIHEGEIVKWFVKPGDEVNEDDVLCEVQNDKAVVEIPSPVKGKVLEILVPEGTVATVGQTLITLDAPGY
ENMTFKGQEQEEAKKEEKTETVSKEEKVDAVAPNAPAAEAEAGPNRRVIAMPSVRKYAREKGVDIRLVQGTGKNGRVLKE
DIDAFLAGGAKPAPAAAEEKAAPAAAKPATTEGEFPETREKMSGIRRAIAKAMVHSKHTAPHVTLMDEADVTKLVAHRKK
FKAIAAEKGIKLTFLPYVVKALVSALREYPVLNTSIDDETEEIIQKHYYNIGIAADTDRGLLVPVIKHADRKPIFALAQE
INELAEKARDGKLTPGEMKGASCTITNIGSAGGQWFTPVINHPEVAILGIGRIAEKPIVRDGEIVAAPMLALSLSFDHRM
IDGATAQKALNHIKRLLSDPELLLMEA
;
_struct_ref.pdbx_db_isoform            ? 
# 
_struct_ref_seq.align_id                      1 
_struct_ref_seq.ref_id                        1 
_struct_ref_seq.pdbx_PDB_id_code              1LAC 
_struct_ref_seq.pdbx_strand_id                A 
_struct_ref_seq.seq_align_beg                 1 
_struct_ref_seq.pdbx_seq_align_beg_ins_code   ? 
_struct_ref_seq.seq_align_end                 80 
_struct_ref_seq.pdbx_seq_align_end_ins_code   ? 
_struct_ref_seq.pdbx_db_accession             P11961 
_struct_ref_seq.db_align_beg                  1 
_struct_ref_seq.pdbx_db_align_beg_ins_code    ? 
_struct_ref_seq.db_align_end                  80 
_struct_ref_seq.pdbx_db_align_end_ins_code    ? 
_struct_ref_seq.pdbx_auth_seq_align_beg       1 
_struct_ref_seq.pdbx_auth_seq_align_end       80 
# 
_pdbx_struct_assembly.id                   1 
_pdbx_struct_assembly.details              author_defined_assembly 
_pdbx_struct_assembly.method_details       ? 
_pdbx_struct_assembly.oligomeric_details   monomeric 
_pdbx_struct_assembly.oligomeric_count     1 
# 
_pdbx_struct_assembly_gen.assembly_id       1 
_pdbx_struct_assembly_gen.oper_expression   1 
_pdbx_struct_assembly_gen.asym_id_list      A 
# 
_pdbx_struct_oper_list.id                   1 
_pdbx_struct_oper_list.type                 'identity operation' 
_pdbx_struct_oper_list.name                 1_555 
_pdbx_struct_oper_list.symmetry_operation   ? 
_pdbx_struct_oper_list.matrix[1][1]         1.0000000000 
_pdbx_struct_oper_list.matrix[1][2]         0.0000000000 
_pdbx_struct_oper_list.matrix[1][3]         0.0000000000 
_pdbx_struct_oper_list.vector[1]            0.0000000000 
_pdbx_struct_oper_list.matrix[2][1]         0.0000000000 
_pdbx_struct_oper_list.matrix[2][2]         1.0000000000 
_pdbx_struct_oper_list.matrix[2][3]         0.0000000000 
_pdbx_struct_oper_list.vector[2]            0.0000000000 
_pdbx_struct_oper_list.matrix[3][1]         0.0000000000 
_pdbx_struct_oper_list.matrix[3][2]         0.0000000000 
_pdbx_struct_oper_list.matrix[3][3]         1.0000000000 
_pdbx_struct_oper_list.vector[3]            0.0000000000 
# 
_struct_biol.id   1 
# 
loop_
_struct_sheet.id 
_struct_sheet.type 
_struct_sheet.number_strands 
_struct_sheet.details 
A ? 4 ? 
B ? 4 ? 
# 
loop_
_struct_sheet_order.sheet_id 
_struct_sheet_order.range_id_1 
_struct_sheet_order.range_id_2 
_struct_sheet_order.offset 
_struct_sheet_order.sense 
A 1 2 ? anti-parallel 
A 2 3 ? anti-parallel 
A 3 4 ? anti-parallel 
B 1 2 ? anti-parallel 
B 2 3 ? anti-parallel 
B 3 4 ? anti-parallel 
# 
loop_
_struct_sheet_range.sheet_id 
_struct_sheet_range.id 
_struct_sheet_range.beg_label_comp_id 
_struct_sheet_range.beg_label_asym_id 
_struct_sheet_range.beg_label_seq_id 
_struct_sheet_range.pdbx_beg_PDB_ins_code 
_struct_sheet_range.end_label_comp_id 
_struct_sheet_range.end_label_asym_id 
_struct_sheet_range.end_label_seq_id 
_struct_sheet_range.pdbx_end_PDB_ins_code 
_struct_sheet_range.beg_auth_comp_id 
_struct_sheet_range.beg_auth_asym_id 
_struct_sheet_range.beg_auth_seq_id 
_struct_sheet_range.end_auth_comp_id 
_struct_sheet_range.end_auth_asym_id 
_struct_sheet_range.end_auth_seq_id 
A 1 ALA A 1  ? PHE A 4  ? ALA A 1  PHE A 4  
A 2 ILE A 73 ? PRO A 78 ? ILE A 73 PRO A 78 
A 3 GLY A 53 ? LEU A 59 ? GLY A 53 LEU A 59 
A 4 ASP A 27 ? VAL A 29 ? ASP A 27 VAL A 29 
B 1 ALA A 43 ? ILE A 47 ? ALA A 43 ILE A 47 
B 2 CYS A 36 ? ASN A 40 ? CYS A 36 ASN A 40 
B 3 GLU A 15 ? VAL A 19 ? GLU A 15 VAL A 19 
B 4 GLY A 63 ? VAL A 68 ? GLY A 63 VAL A 68 
# 
_struct_site.id                   LIP 
_struct_site.pdbx_evidence_code   Unknown 
_struct_site.pdbx_auth_asym_id    ? 
_struct_site.pdbx_auth_comp_id    ? 
_struct_site.pdbx_auth_seq_id     ? 
_struct_site.pdbx_auth_ins_code   ? 
_struct_site.pdbx_num_residues    1 
_struct_site.details              ? 
# 
_struct_site_gen.id                   1 
_struct_site_gen.site_id              LIP 
_struct_site_gen.pdbx_num_res         1 
_struct_site_gen.label_comp_id        LYS 
_struct_site_gen.label_asym_id        A 
_struct_site_gen.label_seq_id         42 
_struct_site_gen.pdbx_auth_ins_code   ? 
_struct_site_gen.auth_comp_id         LYS 
_struct_site_gen.auth_asym_id         A 
_struct_site_gen.auth_seq_id          42 
_struct_site_gen.label_atom_id        . 
_struct_site_gen.label_alt_id         ? 
_struct_site_gen.symmetry             1_555 
_struct_site_gen.details              ? 
# 
loop_
_pdbx_validate_rmsd_angle.id 
_pdbx_validate_rmsd_angle.PDB_model_num 
_pdbx_validate_rmsd_angle.auth_atom_id_1 
_pdbx_validate_rmsd_angle.auth_asym_id_1 
_pdbx_validate_rmsd_angle.auth_comp_id_1 
_pdbx_validate_rmsd_angle.auth_seq_id_1 
_pdbx_validate_rmsd_angle.PDB_ins_code_1 
_pdbx_validate_rmsd_angle.label_alt_id_1 
_pdbx_validate_rmsd_angle.auth_atom_id_2 
_pdbx_validate_rmsd_angle.auth_asym_id_2 
_pdbx_validate_rmsd_angle.auth_comp_id_2 
_pdbx_validate_rmsd_angle.auth_seq_id_2 
_pdbx_validate_rmsd_angle.PDB_ins_code_2 
_pdbx_validate_rmsd_angle.label_alt_id_2 
_pdbx_validate_rmsd_angle.auth_atom_id_3 
_pdbx_validate_rmsd_angle.auth_asym_id_3 
_pdbx_validate_rmsd_angle.auth_comp_id_3 
_pdbx_validate_rmsd_angle.auth_seq_id_3 
_pdbx_validate_rmsd_angle.PDB_ins_code_3 
_pdbx_validate_rmsd_angle.label_alt_id_3 
_pdbx_validate_rmsd_angle.angle_value 
_pdbx_validate_rmsd_angle.angle_target_value 
_pdbx_validate_rmsd_angle.angle_deviation 
_pdbx_validate_rmsd_angle.angle_standard_deviation 
_pdbx_validate_rmsd_angle.linker_flag 
1  1 N   A PHE 2  ? ? CA  A PHE 2  ? ? C   A PHE 2  ? ? 92.57  111.00 -18.43 2.70 N 
2  1 CG  A TRP 21 ? ? CD1 A TRP 21 ? ? NE1 A TRP 21 ? ? 102.06 110.10 -8.04  1.00 N 
3  1 CD1 A TRP 21 ? ? NE1 A TRP 21 ? ? CE2 A TRP 21 ? ? 117.57 109.00 8.57   0.90 N 
4  1 NE1 A TRP 21 ? ? CE2 A TRP 21 ? ? CZ2 A TRP 21 ? ? 137.37 130.40 6.97   1.10 N 
5  1 CB  A ASP 27 ? ? CG  A ASP 27 ? ? OD2 A ASP 27 ? ? 112.58 118.30 -5.72  0.90 N 
6  1 CB  A LEU 35 ? ? CG  A LEU 35 ? ? CD2 A LEU 35 ? ? 129.25 111.00 18.25  1.70 N 
7  1 N   A VAL 44 ? ? CA  A VAL 44 ? ? C   A VAL 44 ? ? 93.93  111.00 -17.07 2.70 N 
8  1 N   A ILE 47 ? ? CA  A ILE 47 ? ? C   A ILE 47 ? ? 90.92  111.00 -20.08 2.70 N 
9  1 N   A ILE 58 ? ? CA  A ILE 58 ? ? C   A ILE 58 ? ? 93.85  111.00 -17.15 2.70 N 
10 1 N   A VAL 68 ? ? CA  A VAL 68 ? ? C   A VAL 68 ? ? 94.31  111.00 -16.69 2.70 N 
# 
loop_
_pdbx_validate_torsion.id 
_pdbx_validate_torsion.PDB_model_num 
_pdbx_validate_torsion.auth_comp_id 
_pdbx_validate_torsion.auth_asym_id 
_pdbx_validate_torsion.auth_seq_id 
_pdbx_validate_torsion.PDB_ins_code 
_pdbx_validate_torsion.label_alt_id 
_pdbx_validate_torsion.phi 
_pdbx_validate_torsion.psi 
1  1 PRO A 7  ? ? -54.16  81.52   
2  1 ASP A 8  ? ? -122.57 -84.77  
3  1 ILE A 9  ? ? 38.33   37.64   
4  1 ASP A 32 ? ? 175.98  28.36   
5  1 LEU A 35 ? ? -136.61 -99.69  
6  1 ASP A 41 ? ? -10.78  -60.86  
7  1 LEU A 56 ? ? -29.04  -78.43  
8  1 PRO A 61 ? ? -78.63  -97.62  
9  1 THR A 67 ? ? -112.48 -157.63 
10 1 LEU A 72 ? ? -139.07 -68.60  
11 1 PRO A 78 ? ? -46.82  72.91   
# 
_pdbx_validate_peptide_omega.id               1 
_pdbx_validate_peptide_omega.PDB_model_num    1 
_pdbx_validate_peptide_omega.auth_comp_id_1   SER 
_pdbx_validate_peptide_omega.auth_asym_id_1   A 
_pdbx_validate_peptide_omega.auth_seq_id_1    49 
_pdbx_validate_peptide_omega.PDB_ins_code_1   ? 
_pdbx_validate_peptide_omega.label_alt_id_1   ? 
_pdbx_validate_peptide_omega.auth_comp_id_2   PRO 
_pdbx_validate_peptide_omega.auth_asym_id_2   A 
_pdbx_validate_peptide_omega.auth_seq_id_2    50 
_pdbx_validate_peptide_omega.PDB_ins_code_2   ? 
_pdbx_validate_peptide_omega.label_alt_id_2   ? 
_pdbx_validate_peptide_omega.omega            144.09 
# 
_pdbx_nmr_ensemble.entry_id                             1LAC 
_pdbx_nmr_ensemble.conformers_calculated_total_number   ? 
_pdbx_nmr_ensemble.conformers_submitted_total_number    1 
_pdbx_nmr_ensemble.conformer_selection_criteria         ? 
# 
_pdbx_nmr_software.classification   refinement 
_pdbx_nmr_software.name             X-PLOR 
_pdbx_nmr_software.version          ? 
_pdbx_nmr_software.authors          BRUNGER 
_pdbx_nmr_software.ordinal          1 
# 
loop_
_chem_comp_atom.comp_id 
_chem_comp_atom.atom_id 
_chem_comp_atom.type_symbol 
_chem_comp_atom.pdbx_aromatic_flag 
_chem_comp_atom.pdbx_stereo_config 
_chem_comp_atom.pdbx_ordinal 
ALA N    N N N 1   
ALA CA   C N S 2   
ALA C    C N N 3   
ALA O    O N N 4   
ALA CB   C N N 5   
ALA OXT  O N N 6   
ALA H    H N N 7   
ALA H2   H N N 8   
ALA HA   H N N 9   
ALA HB1  H N N 10  
ALA HB2  H N N 11  
ALA HB3  H N N 12  
ALA HXT  H N N 13  
ASN N    N N N 14  
ASN CA   C N S 15  
ASN C    C N N 16  
ASN O    O N N 17  
ASN CB   C N N 18  
ASN CG   C N N 19  
ASN OD1  O N N 20  
ASN ND2  N N N 21  
ASN OXT  O N N 22  
ASN H    H N N 23  
ASN H2   H N N 24  
ASN HA   H N N 25  
ASN HB2  H N N 26  
ASN HB3  H N N 27  
ASN HD21 H N N 28  
ASN HD22 H N N 29  
ASN HXT  H N N 30  
ASP N    N N N 31  
ASP CA   C N S 32  
ASP C    C N N 33  
ASP O    O N N 34  
ASP CB   C N N 35  
ASP CG   C N N 36  
ASP OD1  O N N 37  
ASP OD2  O N N 38  
ASP OXT  O N N 39  
ASP H    H N N 40  
ASP H2   H N N 41  
ASP HA   H N N 42  
ASP HB2  H N N 43  
ASP HB3  H N N 44  
ASP HD2  H N N 45  
ASP HXT  H N N 46  
CYS N    N N N 47  
CYS CA   C N R 48  
CYS C    C N N 49  
CYS O    O N N 50  
CYS CB   C N N 51  
CYS SG   S N N 52  
CYS OXT  O N N 53  
CYS H    H N N 54  
CYS H2   H N N 55  
CYS HA   H N N 56  
CYS HB2  H N N 57  
CYS HB3  H N N 58  
CYS HG   H N N 59  
CYS HXT  H N N 60  
GLN N    N N N 61  
GLN CA   C N S 62  
GLN C    C N N 63  
GLN O    O N N 64  
GLN CB   C N N 65  
GLN CG   C N N 66  
GLN CD   C N N 67  
GLN OE1  O N N 68  
GLN NE2  N N N 69  
GLN OXT  O N N 70  
GLN H    H N N 71  
GLN H2   H N N 72  
GLN HA   H N N 73  
GLN HB2  H N N 74  
GLN HB3  H N N 75  
GLN HG2  H N N 76  
GLN HG3  H N N 77  
GLN HE21 H N N 78  
GLN HE22 H N N 79  
GLN HXT  H N N 80  
GLU N    N N N 81  
GLU CA   C N S 82  
GLU C    C N N 83  
GLU O    O N N 84  
GLU CB   C N N 85  
GLU CG   C N N 86  
GLU CD   C N N 87  
GLU OE1  O N N 88  
GLU OE2  O N N 89  
GLU OXT  O N N 90  
GLU H    H N N 91  
GLU H2   H N N 92  
GLU HA   H N N 93  
GLU HB2  H N N 94  
GLU HB3  H N N 95  
GLU HG2  H N N 96  
GLU HG3  H N N 97  
GLU HE2  H N N 98  
GLU HXT  H N N 99  
GLY N    N N N 100 
GLY CA   C N N 101 
GLY C    C N N 102 
GLY O    O N N 103 
GLY OXT  O N N 104 
GLY H    H N N 105 
GLY H2   H N N 106 
GLY HA2  H N N 107 
GLY HA3  H N N 108 
GLY HXT  H N N 109 
HIS N    N N N 110 
HIS CA   C N S 111 
HIS C    C N N 112 
HIS O    O N N 113 
HIS CB   C N N 114 
HIS CG   C Y N 115 
HIS ND1  N Y N 116 
HIS CD2  C Y N 117 
HIS CE1  C Y N 118 
HIS NE2  N Y N 119 
HIS OXT  O N N 120 
HIS H    H N N 121 
HIS H2   H N N 122 
HIS HA   H N N 123 
HIS HB2  H N N 124 
HIS HB3  H N N 125 
HIS HD1  H N N 126 
HIS HD2  H N N 127 
HIS HE1  H N N 128 
HIS HE2  H N N 129 
HIS HXT  H N N 130 
ILE N    N N N 131 
ILE CA   C N S 132 
ILE C    C N N 133 
ILE O    O N N 134 
ILE CB   C N S 135 
ILE CG1  C N N 136 
ILE CG2  C N N 137 
ILE CD1  C N N 138 
ILE OXT  O N N 139 
ILE H    H N N 140 
ILE H2   H N N 141 
ILE HA   H N N 142 
ILE HB   H N N 143 
ILE HG12 H N N 144 
ILE HG13 H N N 145 
ILE HG21 H N N 146 
ILE HG22 H N N 147 
ILE HG23 H N N 148 
ILE HD11 H N N 149 
ILE HD12 H N N 150 
ILE HD13 H N N 151 
ILE HXT  H N N 152 
LEU N    N N N 153 
LEU CA   C N S 154 
LEU C    C N N 155 
LEU O    O N N 156 
LEU CB   C N N 157 
LEU CG   C N N 158 
LEU CD1  C N N 159 
LEU CD2  C N N 160 
LEU OXT  O N N 161 
LEU H    H N N 162 
LEU H2   H N N 163 
LEU HA   H N N 164 
LEU HB2  H N N 165 
LEU HB3  H N N 166 
LEU HG   H N N 167 
LEU HD11 H N N 168 
LEU HD12 H N N 169 
LEU HD13 H N N 170 
LEU HD21 H N N 171 
LEU HD22 H N N 172 
LEU HD23 H N N 173 
LEU HXT  H N N 174 
LYS N    N N N 175 
LYS CA   C N S 176 
LYS C    C N N 177 
LYS O    O N N 178 
LYS CB   C N N 179 
LYS CG   C N N 180 
LYS CD   C N N 181 
LYS CE   C N N 182 
LYS NZ   N N N 183 
LYS OXT  O N N 184 
LYS H    H N N 185 
LYS H2   H N N 186 
LYS HA   H N N 187 
LYS HB2  H N N 188 
LYS HB3  H N N 189 
LYS HG2  H N N 190 
LYS HG3  H N N 191 
LYS HD2  H N N 192 
LYS HD3  H N N 193 
LYS HE2  H N N 194 
LYS HE3  H N N 195 
LYS HZ1  H N N 196 
LYS HZ2  H N N 197 
LYS HZ3  H N N 198 
LYS HXT  H N N 199 
PHE N    N N N 200 
PHE CA   C N S 201 
PHE C    C N N 202 
PHE O    O N N 203 
PHE CB   C N N 204 
PHE CG   C Y N 205 
PHE CD1  C Y N 206 
PHE CD2  C Y N 207 
PHE CE1  C Y N 208 
PHE CE2  C Y N 209 
PHE CZ   C Y N 210 
PHE OXT  O N N 211 
PHE H    H N N 212 
PHE H2   H N N 213 
PHE HA   H N N 214 
PHE HB2  H N N 215 
PHE HB3  H N N 216 
PHE HD1  H N N 217 
PHE HD2  H N N 218 
PHE HE1  H N N 219 
PHE HE2  H N N 220 
PHE HZ   H N N 221 
PHE HXT  H N N 222 
PRO N    N N N 223 
PRO CA   C N S 224 
PRO C    C N N 225 
PRO O    O N N 226 
PRO CB   C N N 227 
PRO CG   C N N 228 
PRO CD   C N N 229 
PRO OXT  O N N 230 
PRO H    H N N 231 
PRO HA   H N N 232 
PRO HB2  H N N 233 
PRO HB3  H N N 234 
PRO HG2  H N N 235 
PRO HG3  H N N 236 
PRO HD2  H N N 237 
PRO HD3  H N N 238 
PRO HXT  H N N 239 
SER N    N N N 240 
SER CA   C N S 241 
SER C    C N N 242 
SER O    O N N 243 
SER CB   C N N 244 
SER OG   O N N 245 
SER OXT  O N N 246 
SER H    H N N 247 
SER H2   H N N 248 
SER HA   H N N 249 
SER HB2  H N N 250 
SER HB3  H N N 251 
SER HG   H N N 252 
SER HXT  H N N 253 
THR N    N N N 254 
THR CA   C N S 255 
THR C    C N N 256 
THR O    O N N 257 
THR CB   C N R 258 
THR OG1  O N N 259 
THR CG2  C N N 260 
THR OXT  O N N 261 
THR H    H N N 262 
THR H2   H N N 263 
THR HA   H N N 264 
THR HB   H N N 265 
THR HG1  H N N 266 
THR HG21 H N N 267 
THR HG22 H N N 268 
THR HG23 H N N 269 
THR HXT  H N N 270 
TRP N    N N N 271 
TRP CA   C N S 272 
TRP C    C N N 273 
TRP O    O N N 274 
TRP CB   C N N 275 
TRP CG   C Y N 276 
TRP CD1  C Y N 277 
TRP CD2  C Y N 278 
TRP NE1  N Y N 279 
TRP CE2  C Y N 280 
TRP CE3  C Y N 281 
TRP CZ2  C Y N 282 
TRP CZ3  C Y N 283 
TRP CH2  C Y N 284 
TRP OXT  O N N 285 
TRP H    H N N 286 
TRP H2   H N N 287 
TRP HA   H N N 288 
TRP HB2  H N N 289 
TRP HB3  H N N 290 
TRP HD1  H N N 291 
TRP HE1  H N N 292 
TRP HE3  H N N 293 
TRP HZ2  H N N 294 
TRP HZ3  H N N 295 
TRP HH2  H N N 296 
TRP HXT  H N N 297 
TYR N    N N N 298 
TYR CA   C N S 299 
TYR C    C N N 300 
TYR O    O N N 301 
TYR CB   C N N 302 
TYR CG   C Y N 303 
TYR CD1  C Y N 304 
TYR CD2  C Y N 305 
TYR CE1  C Y N 306 
TYR CE2  C Y N 307 
TYR CZ   C Y N 308 
TYR OH   O N N 309 
TYR OXT  O N N 310 
TYR H    H N N 311 
TYR H2   H N N 312 
TYR HA   H N N 313 
TYR HB2  H N N 314 
TYR HB3  H N N 315 
TYR HD1  H N N 316 
TYR HD2  H N N 317 
TYR HE1  H N N 318 
TYR HE2  H N N 319 
TYR HH   H N N 320 
TYR HXT  H N N 321 
VAL N    N N N 322 
VAL CA   C N S 323 
VAL C    C N N 324 
VAL O    O N N 325 
VAL CB   C N N 326 
VAL CG1  C N N 327 
VAL CG2  C N N 328 
VAL OXT  O N N 329 
VAL H    H N N 330 
VAL H2   H N N 331 
VAL HA   H N N 332 
VAL HB   H N N 333 
VAL HG11 H N N 334 
VAL HG12 H N N 335 
VAL HG13 H N N 336 
VAL HG21 H N N 337 
VAL HG22 H N N 338 
VAL HG23 H N N 339 
VAL HXT  H N N 340 
# 
loop_
_chem_comp_bond.comp_id 
_chem_comp_bond.atom_id_1 
_chem_comp_bond.atom_id_2 
_chem_comp_bond.value_order 
_chem_comp_bond.pdbx_aromatic_flag 
_chem_comp_bond.pdbx_stereo_config 
_chem_comp_bond.pdbx_ordinal 
ALA N   CA   sing N N 1   
ALA N   H    sing N N 2   
ALA N   H2   sing N N 3   
ALA CA  C    sing N N 4   
ALA CA  CB   sing N N 5   
ALA CA  HA   sing N N 6   
ALA C   O    doub N N 7   
ALA C   OXT  sing N N 8   
ALA CB  HB1  sing N N 9   
ALA CB  HB2  sing N N 10  
ALA CB  HB3  sing N N 11  
ALA OXT HXT  sing N N 12  
ASN N   CA   sing N N 13  
ASN N   H    sing N N 14  
ASN N   H2   sing N N 15  
ASN CA  C    sing N N 16  
ASN CA  CB   sing N N 17  
ASN CA  HA   sing N N 18  
ASN C   O    doub N N 19  
ASN C   OXT  sing N N 20  
ASN CB  CG   sing N N 21  
ASN CB  HB2  sing N N 22  
ASN CB  HB3  sing N N 23  
ASN CG  OD1  doub N N 24  
ASN CG  ND2  sing N N 25  
ASN ND2 HD21 sing N N 26  
ASN ND2 HD22 sing N N 27  
ASN OXT HXT  sing N N 28  
ASP N   CA   sing N N 29  
ASP N   H    sing N N 30  
ASP N   H2   sing N N 31  
ASP CA  C    sing N N 32  
ASP CA  CB   sing N N 33  
ASP CA  HA   sing N N 34  
ASP C   O    doub N N 35  
ASP C   OXT  sing N N 36  
ASP CB  CG   sing N N 37  
ASP CB  HB2  sing N N 38  
ASP CB  HB3  sing N N 39  
ASP CG  OD1  doub N N 40  
ASP CG  OD2  sing N N 41  
ASP OD2 HD2  sing N N 42  
ASP OXT HXT  sing N N 43  
CYS N   CA   sing N N 44  
CYS N   H    sing N N 45  
CYS N   H2   sing N N 46  
CYS CA  C    sing N N 47  
CYS CA  CB   sing N N 48  
CYS CA  HA   sing N N 49  
CYS C   O    doub N N 50  
CYS C   OXT  sing N N 51  
CYS CB  SG   sing N N 52  
CYS CB  HB2  sing N N 53  
CYS CB  HB3  sing N N 54  
CYS SG  HG   sing N N 55  
CYS OXT HXT  sing N N 56  
GLN N   CA   sing N N 57  
GLN N   H    sing N N 58  
GLN N   H2   sing N N 59  
GLN CA  C    sing N N 60  
GLN CA  CB   sing N N 61  
GLN CA  HA   sing N N 62  
GLN C   O    doub N N 63  
GLN C   OXT  sing N N 64  
GLN CB  CG   sing N N 65  
GLN CB  HB2  sing N N 66  
GLN CB  HB3  sing N N 67  
GLN CG  CD   sing N N 68  
GLN CG  HG2  sing N N 69  
GLN CG  HG3  sing N N 70  
GLN CD  OE1  doub N N 71  
GLN CD  NE2  sing N N 72  
GLN NE2 HE21 sing N N 73  
GLN NE2 HE22 sing N N 74  
GLN OXT HXT  sing N N 75  
GLU N   CA   sing N N 76  
GLU N   H    sing N N 77  
GLU N   H2   sing N N 78  
GLU CA  C    sing N N 79  
GLU CA  CB   sing N N 80  
GLU CA  HA   sing N N 81  
GLU C   O    doub N N 82  
GLU C   OXT  sing N N 83  
GLU CB  CG   sing N N 84  
GLU CB  HB2  sing N N 85  
GLU CB  HB3  sing N N 86  
GLU CG  CD   sing N N 87  
GLU CG  HG2  sing N N 88  
GLU CG  HG3  sing N N 89  
GLU CD  OE1  doub N N 90  
GLU CD  OE2  sing N N 91  
GLU OE2 HE2  sing N N 92  
GLU OXT HXT  sing N N 93  
GLY N   CA   sing N N 94  
GLY N   H    sing N N 95  
GLY N   H2   sing N N 96  
GLY CA  C    sing N N 97  
GLY CA  HA2  sing N N 98  
GLY CA  HA3  sing N N 99  
GLY C   O    doub N N 100 
GLY C   OXT  sing N N 101 
GLY OXT HXT  sing N N 102 
HIS N   CA   sing N N 103 
HIS N   H    sing N N 104 
HIS N   H2   sing N N 105 
HIS CA  C    sing N N 106 
HIS CA  CB   sing N N 107 
HIS CA  HA   sing N N 108 
HIS C   O    doub N N 109 
HIS C   OXT  sing N N 110 
HIS CB  CG   sing N N 111 
HIS CB  HB2  sing N N 112 
HIS CB  HB3  sing N N 113 
HIS CG  ND1  sing Y N 114 
HIS CG  CD2  doub Y N 115 
HIS ND1 CE1  doub Y N 116 
HIS ND1 HD1  sing N N 117 
HIS CD2 NE2  sing Y N 118 
HIS CD2 HD2  sing N N 119 
HIS CE1 NE2  sing Y N 120 
HIS CE1 HE1  sing N N 121 
HIS NE2 HE2  sing N N 122 
HIS OXT HXT  sing N N 123 
ILE N   CA   sing N N 124 
ILE N   H    sing N N 125 
ILE N   H2   sing N N 126 
ILE CA  C    sing N N 127 
ILE CA  CB   sing N N 128 
ILE CA  HA   sing N N 129 
ILE C   O    doub N N 130 
ILE C   OXT  sing N N 131 
ILE CB  CG1  sing N N 132 
ILE CB  CG2  sing N N 133 
ILE CB  HB   sing N N 134 
ILE CG1 CD1  sing N N 135 
ILE CG1 HG12 sing N N 136 
ILE CG1 HG13 sing N N 137 
ILE CG2 HG21 sing N N 138 
ILE CG2 HG22 sing N N 139 
ILE CG2 HG23 sing N N 140 
ILE CD1 HD11 sing N N 141 
ILE CD1 HD12 sing N N 142 
ILE CD1 HD13 sing N N 143 
ILE OXT HXT  sing N N 144 
LEU N   CA   sing N N 145 
LEU N   H    sing N N 146 
LEU N   H2   sing N N 147 
LEU CA  C    sing N N 148 
LEU CA  CB   sing N N 149 
LEU CA  HA   sing N N 150 
LEU C   O    doub N N 151 
LEU C   OXT  sing N N 152 
LEU CB  CG   sing N N 153 
LEU CB  HB2  sing N N 154 
LEU CB  HB3  sing N N 155 
LEU CG  CD1  sing N N 156 
LEU CG  CD2  sing N N 157 
LEU CG  HG   sing N N 158 
LEU CD1 HD11 sing N N 159 
LEU CD1 HD12 sing N N 160 
LEU CD1 HD13 sing N N 161 
LEU CD2 HD21 sing N N 162 
LEU CD2 HD22 sing N N 163 
LEU CD2 HD23 sing N N 164 
LEU OXT HXT  sing N N 165 
LYS N   CA   sing N N 166 
LYS N   H    sing N N 167 
LYS N   H2   sing N N 168 
LYS CA  C    sing N N 169 
LYS CA  CB   sing N N 170 
LYS CA  HA   sing N N 171 
LYS C   O    doub N N 172 
LYS C   OXT  sing N N 173 
LYS CB  CG   sing N N 174 
LYS CB  HB2  sing N N 175 
LYS CB  HB3  sing N N 176 
LYS CG  CD   sing N N 177 
LYS CG  HG2  sing N N 178 
LYS CG  HG3  sing N N 179 
LYS CD  CE   sing N N 180 
LYS CD  HD2  sing N N 181 
LYS CD  HD3  sing N N 182 
LYS CE  NZ   sing N N 183 
LYS CE  HE2  sing N N 184 
LYS CE  HE3  sing N N 185 
LYS NZ  HZ1  sing N N 186 
LYS NZ  HZ2  sing N N 187 
LYS NZ  HZ3  sing N N 188 
LYS OXT HXT  sing N N 189 
PHE N   CA   sing N N 190 
PHE N   H    sing N N 191 
PHE N   H2   sing N N 192 
PHE CA  C    sing N N 193 
PHE CA  CB   sing N N 194 
PHE CA  HA   sing N N 195 
PHE C   O    doub N N 196 
PHE C   OXT  sing N N 197 
PHE CB  CG   sing N N 198 
PHE CB  HB2  sing N N 199 
PHE CB  HB3  sing N N 200 
PHE CG  CD1  doub Y N 201 
PHE CG  CD2  sing Y N 202 
PHE CD1 CE1  sing Y N 203 
PHE CD1 HD1  sing N N 204 
PHE CD2 CE2  doub Y N 205 
PHE CD2 HD2  sing N N 206 
PHE CE1 CZ   doub Y N 207 
PHE CE1 HE1  sing N N 208 
PHE CE2 CZ   sing Y N 209 
PHE CE2 HE2  sing N N 210 
PHE CZ  HZ   sing N N 211 
PHE OXT HXT  sing N N 212 
PRO N   CA   sing N N 213 
PRO N   CD   sing N N 214 
PRO N   H    sing N N 215 
PRO CA  C    sing N N 216 
PRO CA  CB   sing N N 217 
PRO CA  HA   sing N N 218 
PRO C   O    doub N N 219 
PRO C   OXT  sing N N 220 
PRO CB  CG   sing N N 221 
PRO CB  HB2  sing N N 222 
PRO CB  HB3  sing N N 223 
PRO CG  CD   sing N N 224 
PRO CG  HG2  sing N N 225 
PRO CG  HG3  sing N N 226 
PRO CD  HD2  sing N N 227 
PRO CD  HD3  sing N N 228 
PRO OXT HXT  sing N N 229 
SER N   CA   sing N N 230 
SER N   H    sing N N 231 
SER N   H2   sing N N 232 
SER CA  C    sing N N 233 
SER CA  CB   sing N N 234 
SER CA  HA   sing N N 235 
SER C   O    doub N N 236 
SER C   OXT  sing N N 237 
SER CB  OG   sing N N 238 
SER CB  HB2  sing N N 239 
SER CB  HB3  sing N N 240 
SER OG  HG   sing N N 241 
SER OXT HXT  sing N N 242 
THR N   CA   sing N N 243 
THR N   H    sing N N 244 
THR N   H2   sing N N 245 
THR CA  C    sing N N 246 
THR CA  CB   sing N N 247 
THR CA  HA   sing N N 248 
THR C   O    doub N N 249 
THR C   OXT  sing N N 250 
THR CB  OG1  sing N N 251 
THR CB  CG2  sing N N 252 
THR CB  HB   sing N N 253 
THR OG1 HG1  sing N N 254 
THR CG2 HG21 sing N N 255 
THR CG2 HG22 sing N N 256 
THR CG2 HG23 sing N N 257 
THR OXT HXT  sing N N 258 
TRP N   CA   sing N N 259 
TRP N   H    sing N N 260 
TRP N   H2   sing N N 261 
TRP CA  C    sing N N 262 
TRP CA  CB   sing N N 263 
TRP CA  HA   sing N N 264 
TRP C   O    doub N N 265 
TRP C   OXT  sing N N 266 
TRP CB  CG   sing N N 267 
TRP CB  HB2  sing N N 268 
TRP CB  HB3  sing N N 269 
TRP CG  CD1  doub Y N 270 
TRP CG  CD2  sing Y N 271 
TRP CD1 NE1  sing Y N 272 
TRP CD1 HD1  sing N N 273 
TRP CD2 CE2  doub Y N 274 
TRP CD2 CE3  sing Y N 275 
TRP NE1 CE2  sing Y N 276 
TRP NE1 HE1  sing N N 277 
TRP CE2 CZ2  sing Y N 278 
TRP CE3 CZ3  doub Y N 279 
TRP CE3 HE3  sing N N 280 
TRP CZ2 CH2  doub Y N 281 
TRP CZ2 HZ2  sing N N 282 
TRP CZ3 CH2  sing Y N 283 
TRP CZ3 HZ3  sing N N 284 
TRP CH2 HH2  sing N N 285 
TRP OXT HXT  sing N N 286 
TYR N   CA   sing N N 287 
TYR N   H    sing N N 288 
TYR N   H2   sing N N 289 
TYR CA  C    sing N N 290 
TYR CA  CB   sing N N 291 
TYR CA  HA   sing N N 292 
TYR C   O    doub N N 293 
TYR C   OXT  sing N N 294 
TYR CB  CG   sing N N 295 
TYR CB  HB2  sing N N 296 
TYR CB  HB3  sing N N 297 
TYR CG  CD1  doub Y N 298 
TYR CG  CD2  sing Y N 299 
TYR CD1 CE1  sing Y N 300 
TYR CD1 HD1  sing N N 301 
TYR CD2 CE2  doub Y N 302 
TYR CD2 HD2  sing N N 303 
TYR CE1 CZ   doub Y N 304 
TYR CE1 HE1  sing N N 305 
TYR CE2 CZ   sing Y N 306 
TYR CE2 HE2  sing N N 307 
TYR CZ  OH   sing N N 308 
TYR OH  HH   sing N N 309 
TYR OXT HXT  sing N N 310 
VAL N   CA   sing N N 311 
VAL N   H    sing N N 312 
VAL N   H2   sing N N 313 
VAL CA  C    sing N N 314 
VAL CA  CB   sing N N 315 
VAL CA  HA   sing N N 316 
VAL C   O    doub N N 317 
VAL C   OXT  sing N N 318 
VAL CB  CG1  sing N N 319 
VAL CB  CG2  sing N N 320 
VAL CB  HB   sing N N 321 
VAL CG1 HG11 sing N N 322 
VAL CG1 HG12 sing N N 323 
VAL CG1 HG13 sing N N 324 
VAL CG2 HG21 sing N N 325 
VAL CG2 HG22 sing N N 326 
VAL CG2 HG23 sing N N 327 
VAL OXT HXT  sing N N 328 
# 
_atom_sites.entry_id                    1LAC 
_atom_sites.fract_transf_matrix[1][1]   1.000000 
_atom_sites.fract_transf_matrix[1][2]   0.000000 
_atom_sites.fract_transf_matrix[1][3]   0.000000 
_atom_sites.fract_transf_matrix[2][1]   0.000000 
_atom_sites.fract_transf_matrix[2][2]   1.000000 
_atom_sites.fract_transf_matrix[2][3]   0.000000 
_atom_sites.fract_transf_matrix[3][1]   0.000000 
_atom_sites.fract_transf_matrix[3][2]   0.000000 
_atom_sites.fract_transf_matrix[3][3]   1.000000 
_atom_sites.fract_transf_vector[1]      0.00000 
_atom_sites.fract_transf_vector[2]      0.00000 
_atom_sites.fract_transf_vector[3]      0.00000 
# 
loop_
_atom_type.symbol 
C 
H 
N 
O 
S 
# 
loop_
_atom_site.group_PDB 
_atom_site.id 
_atom_site.type_symbol 
_atom_site.label_atom_id 
_atom_site.label_alt_id 
_atom_site.label_comp_id 
_atom_site.label_asym_id 
_atom_site.label_entity_id 
_atom_site.label_seq_id 
_atom_site.pdbx_PDB_ins_code 
_atom_site.Cartn_x 
_atom_site.Cartn_y 
_atom_site.Cartn_z 
_atom_site.occupancy 
_atom_site.B_iso_or_equiv 
_atom_site.pdbx_formal_charge 
_atom_site.auth_seq_id 
_atom_site.auth_comp_id 
_atom_site.auth_asym_id 
_atom_site.auth_atom_id 
_atom_site.pdbx_PDB_model_num 
ATOM 1    N N    . ALA A 1 1  ? -3.653  -6.834  -10.488 1.00 0.00 ? 1  ALA A N    1 
ATOM 2    C CA   . ALA A 1 1  ? -2.256  -6.424  -10.155 1.00 0.00 ? 1  ALA A CA   1 
ATOM 3    C C    . ALA A 1 1  ? -2.355  -6.687  -8.689  1.00 0.00 ? 1  ALA A C    1 
ATOM 4    O O    . ALA A 1 1  ? -2.909  -7.714  -8.343  1.00 0.00 ? 1  ALA A O    1 
ATOM 5    C CB   . ALA A 1 1  ? -2.029  -4.910  -10.505 1.00 0.00 ? 1  ALA A CB   1 
ATOM 6    H H1   . ALA A 1 1  ? -4.135  -7.070  -9.586  1.00 0.00 ? 1  ALA A H1   1 
ATOM 7    H H2   . ALA A 1 1  ? -4.179  -6.034  -10.874 1.00 0.00 ? 1  ALA A H2   1 
ATOM 8    H H3   . ALA A 1 1  ? -3.650  -7.672  -11.093 1.00 0.00 ? 1  ALA A H3   1 
ATOM 9    H HA   . ALA A 1 1  ? -1.510  -7.075  -10.583 1.00 0.00 ? 1  ALA A HA   1 
ATOM 10   H HB1  . ALA A 1 1  ? -2.724  -4.259  -10.005 1.00 0.00 ? 1  ALA A HB1  1 
ATOM 11   H HB2  . ALA A 1 1  ? -1.052  -4.584  -10.188 1.00 0.00 ? 1  ALA A HB2  1 
ATOM 12   H HB3  . ALA A 1 1  ? -2.142  -4.732  -11.559 1.00 0.00 ? 1  ALA A HB3  1 
ATOM 13   N N    . PHE A 1 2  ? -1.815  -5.833  -7.905  1.00 0.00 ? 2  PHE A N    1 
ATOM 14   C CA   . PHE A 1 2  ? -1.922  -6.050  -6.455  1.00 0.00 ? 2  PHE A CA   1 
ATOM 15   C C    . PHE A 1 2  ? -2.295  -4.614  -6.199  1.00 0.00 ? 2  PHE A C    1 
ATOM 16   O O    . PHE A 1 2  ? -1.575  -3.716  -6.605  1.00 0.00 ? 2  PHE A O    1 
ATOM 17   C CB   . PHE A 1 2  ? -0.599  -6.393  -5.796  1.00 0.00 ? 2  PHE A CB   1 
ATOM 18   C CG   . PHE A 1 2  ? -0.886  -7.150  -4.475  1.00 0.00 ? 2  PHE A CG   1 
ATOM 19   C CD1  . PHE A 1 2  ? -2.051  -6.967  -3.740  1.00 0.00 ? 2  PHE A CD1  1 
ATOM 20   C CD2  . PHE A 1 2  ? 0.041   -8.058  -4.005  1.00 0.00 ? 2  PHE A CD2  1 
ATOM 21   C CE1  . PHE A 1 2  ? -2.278  -7.664  -2.580  1.00 0.00 ? 2  PHE A CE1  1 
ATOM 22   C CE2  . PHE A 1 2  ? -0.190  -8.758  -2.840  1.00 0.00 ? 2  PHE A CE2  1 
ATOM 23   C CZ   . PHE A 1 2  ? -1.349  -8.563  -2.124  1.00 0.00 ? 2  PHE A CZ   1 
ATOM 24   H H    . PHE A 1 2  ? -1.350  -5.049  -8.266  1.00 0.00 ? 2  PHE A H    1 
ATOM 25   H HA   . PHE A 1 2  ? -2.746  -6.717  -6.227  1.00 0.00 ? 2  PHE A HA   1 
ATOM 26   H HB2  . PHE A 1 2  ? -0.006  -7.009  -6.453  1.00 0.00 ? 2  PHE A HB2  1 
ATOM 27   H HB3  . PHE A 1 2  ? -0.091  -5.477  -5.557  1.00 0.00 ? 2  PHE A HB3  1 
ATOM 28   H HD1  . PHE A 1 2  ? -2.805  -6.264  -4.062  1.00 0.00 ? 2  PHE A HD1  1 
ATOM 29   H HD2  . PHE A 1 2  ? 0.955   -8.216  -4.558  1.00 0.00 ? 2  PHE A HD2  1 
ATOM 30   H HE1  . PHE A 1 2  ? -3.194  -7.500  -2.029  1.00 0.00 ? 2  PHE A HE1  1 
ATOM 31   H HE2  . PHE A 1 2  ? 0.544   -9.464  -2.486  1.00 0.00 ? 2  PHE A HE2  1 
ATOM 32   H HZ   . PHE A 1 2  ? -1.541  -9.111  -1.213  1.00 0.00 ? 2  PHE A HZ   1 
ATOM 33   N N    . GLU A 1 3  ? -3.394  -4.470  -5.564  1.00 0.00 ? 3  GLU A N    1 
ATOM 34   C CA   . GLU A 1 3  ? -3.959  -3.170  -5.211  1.00 0.00 ? 3  GLU A CA   1 
ATOM 35   C C    . GLU A 1 3  ? -3.573  -2.855  -3.753  1.00 0.00 ? 3  GLU A C    1 
ATOM 36   O O    . GLU A 1 3  ? -2.737  -3.525  -3.185  1.00 0.00 ? 3  GLU A O    1 
ATOM 37   C CB   . GLU A 1 3  ? -5.451  -3.390  -5.526  1.00 0.00 ? 3  GLU A CB   1 
ATOM 38   C CG   . GLU A 1 3  ? -5.720  -3.665  -7.104  1.00 0.00 ? 3  GLU A CG   1 
ATOM 39   C CD   . GLU A 1 3  ? -4.989  -4.844  -7.795  1.00 0.00 ? 3  GLU A CD   1 
ATOM 40   O OE1  . GLU A 1 3  ? -4.867  -5.897  -7.212  1.00 0.00 ? 3  GLU A OE1  1 
ATOM 41   O OE2  . GLU A 1 3  ? -4.556  -4.699  -8.924  1.00 0.00 ? 3  GLU A OE2  1 
ATOM 42   H H    . GLU A 1 3  ? -3.884  -5.281  -5.323  1.00 0.00 ? 3  GLU A H    1 
ATOM 43   H HA   . GLU A 1 3  ? -3.560  -2.388  -5.834  1.00 0.00 ? 3  GLU A HA   1 
ATOM 44   H HB2  . GLU A 1 3  ? -5.797  -4.257  -4.977  1.00 0.00 ? 3  GLU A HB2  1 
ATOM 45   H HB3  . GLU A 1 3  ? -6.036  -2.542  -5.211  1.00 0.00 ? 3  GLU A HB3  1 
ATOM 46   H HG2  . GLU A 1 3  ? -6.765  -3.902  -7.203  1.00 0.00 ? 3  GLU A HG2  1 
ATOM 47   H HG3  . GLU A 1 3  ? -5.543  -2.758  -7.666  1.00 0.00 ? 3  GLU A HG3  1 
ATOM 48   N N    . PHE A 1 4  ? -4.176  -1.849  -3.183  1.00 0.00 ? 4  PHE A N    1 
ATOM 49   C CA   . PHE A 1 4  ? -3.856  -1.456  -1.753  1.00 0.00 ? 4  PHE A CA   1 
ATOM 50   C C    . PHE A 1 4  ? -5.014  -1.763  -0.806  1.00 0.00 ? 4  PHE A C    1 
ATOM 51   O O    . PHE A 1 4  ? -4.816  -2.130  0.334   1.00 0.00 ? 4  PHE A O    1 
ATOM 52   C CB   . PHE A 1 4  ? -3.515  0.078   -1.703  1.00 0.00 ? 4  PHE A CB   1 
ATOM 53   C CG   . PHE A 1 4  ? -3.119  0.576   -0.287  1.00 0.00 ? 4  PHE A CG   1 
ATOM 54   C CD1  . PHE A 1 4  ? -2.115  -0.043  0.437   1.00 0.00 ? 4  PHE A CD1  1 
ATOM 55   C CD2  . PHE A 1 4  ? -3.756  1.670   0.278   1.00 0.00 ? 4  PHE A CD2  1 
ATOM 56   C CE1  . PHE A 1 4  ? -1.756  0.421   1.688   1.00 0.00 ? 4  PHE A CE1  1 
ATOM 57   C CE2  . PHE A 1 4  ? -3.396  2.133   1.529   1.00 0.00 ? 4  PHE A CE2  1 
ATOM 58   C CZ   . PHE A 1 4  ? -2.395  1.510   2.236   1.00 0.00 ? 4  PHE A CZ   1 
ATOM 59   H H    . PHE A 1 4  ? -4.835  -1.382  -3.727  1.00 0.00 ? 4  PHE A H    1 
ATOM 60   H HA   . PHE A 1 4  ? -2.998  -2.023  -1.414  1.00 0.00 ? 4  PHE A HA   1 
ATOM 61   H HB2  . PHE A 1 4  ? -2.670  0.264   -2.353  1.00 0.00 ? 4  PHE A HB2  1 
ATOM 62   H HB3  . PHE A 1 4  ? -4.362  0.654   -2.042  1.00 0.00 ? 4  PHE A HB3  1 
ATOM 63   H HD1  . PHE A 1 4  ? -1.600  -0.901  0.027   1.00 0.00 ? 4  PHE A HD1  1 
ATOM 64   H HD2  . PHE A 1 4  ? -4.545  2.175   -0.265  1.00 0.00 ? 4  PHE A HD2  1 
ATOM 65   H HE1  . PHE A 1 4  ? -0.969  -0.076  2.237   1.00 0.00 ? 4  PHE A HE1  1 
ATOM 66   H HE2  . PHE A 1 4  ? -3.895  2.994   1.946   1.00 0.00 ? 4  PHE A HE2  1 
ATOM 67   H HZ   . PHE A 1 4  ? -2.106  1.867   3.215   1.00 0.00 ? 4  PHE A HZ   1 
ATOM 68   N N    . LYS A 1 5  ? -6.215  -1.599  -1.282  1.00 0.00 ? 5  LYS A N    1 
ATOM 69   C CA   . LYS A 1 5  ? -7.409  -1.869  -0.450  1.00 0.00 ? 5  LYS A CA   1 
ATOM 70   C C    . LYS A 1 5  ? -8.252  -2.770  -1.348  1.00 0.00 ? 5  LYS A C    1 
ATOM 71   O O    . LYS A 1 5  ? -7.917  -2.954  -2.504  1.00 0.00 ? 5  LYS A O    1 
ATOM 72   C CB   . LYS A 1 5  ? -8.166  -0.593  -0.192  1.00 0.00 ? 5  LYS A CB   1 
ATOM 73   C CG   . LYS A 1 5  ? -7.269  0.529   0.397   1.00 0.00 ? 5  LYS A CG   1 
ATOM 74   C CD   . LYS A 1 5  ? -7.079  0.257   1.894   1.00 0.00 ? 5  LYS A CD   1 
ATOM 75   C CE   . LYS A 1 5  ? -6.797  1.601   2.595   1.00 0.00 ? 5  LYS A CE   1 
ATOM 76   N NZ   . LYS A 1 5  ? -6.757  1.375   4.070   1.00 0.00 ? 5  LYS A NZ   1 
ATOM 77   H H    . LYS A 1 5  ? -6.393  -1.324  -2.196  1.00 0.00 ? 5  LYS A H    1 
ATOM 78   H HA   . LYS A 1 5  ? -7.138  -2.477  0.404   1.00 0.00 ? 5  LYS A HA   1 
ATOM 79   H HB2  . LYS A 1 5  ? -8.615  -0.250  -1.113  1.00 0.00 ? 5  LYS A HB2  1 
ATOM 80   H HB3  . LYS A 1 5  ? -8.970  -0.861  0.483   1.00 0.00 ? 5  LYS A HB3  1 
ATOM 81   H HG2  . LYS A 1 5  ? -6.299  0.512   -0.083  1.00 0.00 ? 5  LYS A HG2  1 
ATOM 82   H HG3  . LYS A 1 5  ? -7.707  1.499   0.193   1.00 0.00 ? 5  LYS A HG3  1 
ATOM 83   H HD2  . LYS A 1 5  ? -7.975  -0.196  2.298   1.00 0.00 ? 5  LYS A HD2  1 
ATOM 84   H HD3  . LYS A 1 5  ? -6.248  -0.437  2.003   1.00 0.00 ? 5  LYS A HD3  1 
ATOM 85   H HE2  . LYS A 1 5  ? -5.829  1.954   2.267   1.00 0.00 ? 5  LYS A HE2  1 
ATOM 86   H HE3  . LYS A 1 5  ? -7.545  2.349   2.341   1.00 0.00 ? 5  LYS A HE3  1 
ATOM 87   H HZ1  . LYS A 1 5  ? -6.822  0.362   4.274   1.00 0.00 ? 5  LYS A HZ1  1 
ATOM 88   H HZ2  . LYS A 1 5  ? -5.894  1.771   4.487   1.00 0.00 ? 5  LYS A HZ2  1 
ATOM 89   H HZ3  . LYS A 1 5  ? -7.563  1.851   4.549   1.00 0.00 ? 5  LYS A HZ3  1 
ATOM 90   N N    . LEU A 1 6  ? -9.312  -3.287  -0.804  1.00 0.00 ? 6  LEU A N    1 
ATOM 91   C CA   . LEU A 1 6  ? -10.218 -4.182  -1.567  1.00 0.00 ? 6  LEU A CA   1 
ATOM 92   C C    . LEU A 1 6  ? -11.485 -3.358  -1.834  1.00 0.00 ? 6  LEU A C    1 
ATOM 93   O O    . LEU A 1 6  ? -11.542 -2.198  -1.472  1.00 0.00 ? 6  LEU A O    1 
ATOM 94   C CB   . LEU A 1 6  ? -10.505 -5.392  -0.678  1.00 0.00 ? 6  LEU A CB   1 
ATOM 95   C CG   . LEU A 1 6  ? -9.195  -6.137  -0.305  1.00 0.00 ? 6  LEU A CG   1 
ATOM 96   C CD1  . LEU A 1 6  ? -9.526  -7.249  0.711   1.00 0.00 ? 6  LEU A CD1  1 
ATOM 97   C CD2  . LEU A 1 6  ? -8.531  -6.764  -1.558  1.00 0.00 ? 6  LEU A CD2  1 
ATOM 98   H H    . LEU A 1 6  ? -9.554  -3.105  0.126   1.00 0.00 ? 6  LEU A H    1 
ATOM 99   H HA   . LEU A 1 6  ? -9.757  -4.450  -2.507  1.00 0.00 ? 6  LEU A HA   1 
ATOM 100  H HB2  . LEU A 1 6  ? -10.954 -4.991  0.223   1.00 0.00 ? 6  LEU A HB2  1 
ATOM 101  H HB3  . LEU A 1 6  ? -11.223 -6.052  -1.140  1.00 0.00 ? 6  LEU A HB3  1 
ATOM 102  H HG   . LEU A 1 6  ? -8.508  -5.433  0.149   1.00 0.00 ? 6  LEU A HG   1 
ATOM 103  H HD11 . LEU A 1 6  ? -9.972  -6.825  1.600   1.00 0.00 ? 6  LEU A HD11 1 
ATOM 104  H HD12 . LEU A 1 6  ? -10.218 -7.967  0.294   1.00 0.00 ? 6  LEU A HD12 1 
ATOM 105  H HD13 . LEU A 1 6  ? -8.627  -7.774  1.004   1.00 0.00 ? 6  LEU A HD13 1 
ATOM 106  H HD21 . LEU A 1 6  ? -9.199  -7.462  -2.044  1.00 0.00 ? 6  LEU A HD21 1 
ATOM 107  H HD22 . LEU A 1 6  ? -8.245  -6.004  -2.273  1.00 0.00 ? 6  LEU A HD22 1 
ATOM 108  H HD23 . LEU A 1 6  ? -7.634  -7.301  -1.273  1.00 0.00 ? 6  LEU A HD23 1 
ATOM 109  N N    . PRO A 1 7  ? -12.475 -3.941  -2.456  1.00 0.00 ? 7  PRO A N    1 
ATOM 110  C CA   . PRO A 1 7  ? -13.877 -3.483  -2.299  1.00 0.00 ? 7  PRO A CA   1 
ATOM 111  C C    . PRO A 1 7  ? -14.255 -3.446  -0.808  1.00 0.00 ? 7  PRO A C    1 
ATOM 112  O O    . PRO A 1 7  ? -14.871 -4.377  -0.329  1.00 0.00 ? 7  PRO A O    1 
ATOM 113  C CB   . PRO A 1 7  ? -14.690 -4.491  -3.134  1.00 0.00 ? 7  PRO A CB   1 
ATOM 114  C CG   . PRO A 1 7  ? -13.670 -4.932  -4.228  1.00 0.00 ? 7  PRO A CG   1 
ATOM 115  C CD   . PRO A 1 7  ? -12.367 -5.091  -3.401  1.00 0.00 ? 7  PRO A CD   1 
ATOM 116  H HA   . PRO A 1 7  ? -13.968 -2.486  -2.705  1.00 0.00 ? 7  PRO A HA   1 
ATOM 117  H HB2  . PRO A 1 7  ? -15.011 -5.320  -2.516  1.00 0.00 ? 7  PRO A HB2  1 
ATOM 118  H HB3  . PRO A 1 7  ? -15.562 -4.012  -3.558  1.00 0.00 ? 7  PRO A HB3  1 
ATOM 119  H HG2  . PRO A 1 7  ? -13.971 -5.871  -4.673  1.00 0.00 ? 7  PRO A HG2  1 
ATOM 120  H HG3  . PRO A 1 7  ? -13.564 -4.180  -4.999  1.00 0.00 ? 7  PRO A HG3  1 
ATOM 121  H HD2  . PRO A 1 7  ? -12.351 -6.025  -2.860  1.00 0.00 ? 7  PRO A HD2  1 
ATOM 122  H HD3  . PRO A 1 7  ? -11.481 -4.989  -4.015  1.00 0.00 ? 7  PRO A HD3  1 
ATOM 123  N N    . ASP A 1 8  ? -13.875 -2.393  -0.141  1.00 0.00 ? 8  ASP A N    1 
ATOM 124  C CA   . ASP A 1 8  ? -14.174 -2.226  1.294   1.00 0.00 ? 8  ASP A CA   1 
ATOM 125  C C    . ASP A 1 8  ? -14.946 -0.917  1.384   1.00 0.00 ? 8  ASP A C    1 
ATOM 126  O O    . ASP A 1 8  ? -16.159 -0.972  1.365   1.00 0.00 ? 8  ASP A O    1 
ATOM 127  C CB   . ASP A 1 8  ? -12.871 -2.149  2.028   1.00 0.00 ? 8  ASP A CB   1 
ATOM 128  C CG   . ASP A 1 8  ? -13.122 -2.017  3.521   1.00 0.00 ? 8  ASP A CG   1 
ATOM 129  O OD1  . ASP A 1 8  ? -13.591 -0.945  3.876   1.00 0.00 ? 8  ASP A OD1  1 
ATOM 130  O OD2  . ASP A 1 8  ? -12.830 -2.981  4.191   1.00 0.00 ? 8  ASP A OD2  1 
ATOM 131  H H    . ASP A 1 8  ? -13.413 -1.657  -0.565  1.00 0.00 ? 8  ASP A H    1 
ATOM 132  H HA   . ASP A 1 8  ? -14.948 -2.914  1.609   1.00 0.00 ? 8  ASP A HA   1 
ATOM 133  H HB2  . ASP A 1 8  ? -12.358 -3.045  1.745   1.00 0.00 ? 8  ASP A HB2  1 
ATOM 134  H HB3  . ASP A 1 8  ? -12.261 -1.326  1.732   1.00 0.00 ? 8  ASP A HB3  1 
ATOM 135  N N    . ILE A 1 9  ? -14.262 0.202   1.456   1.00 0.00 ? 9  ILE A N    1 
ATOM 136  C CA   . ILE A 1 9  ? -14.923 1.553   1.551   1.00 0.00 ? 9  ILE A CA   1 
ATOM 137  C C    . ILE A 1 9  ? -16.165 1.411   2.465   1.00 0.00 ? 9  ILE A C    1 
ATOM 138  O O    . ILE A 1 9  ? -17.188 2.027   2.232   1.00 0.00 ? 9  ILE A O    1 
ATOM 139  C CB   . ILE A 1 9  ? -15.383 2.084   0.096   1.00 0.00 ? 9  ILE A CB   1 
ATOM 140  C CG1  . ILE A 1 9  ? -16.243 1.016   -0.655  1.00 0.00 ? 9  ILE A CG1  1 
ATOM 141  C CG2  . ILE A 1 9  ? -14.187 2.520   -0.801  1.00 0.00 ? 9  ILE A CG2  1 
ATOM 142  C CD1  . ILE A 1 9  ? -16.755 1.553   -2.007  1.00 0.00 ? 9  ILE A CD1  1 
ATOM 143  H H    . ILE A 1 9  ? -13.286 0.137   1.471   1.00 0.00 ? 9  ILE A H    1 
ATOM 144  H HA   . ILE A 1 9  ? -14.237 2.241   2.020   1.00 0.00 ? 9  ILE A HA   1 
ATOM 145  H HB   . ILE A 1 9  ? -16.012 2.948   0.274   1.00 0.00 ? 9  ILE A HB   1 
ATOM 146  H HG12 . ILE A 1 9  ? -15.671 0.116   -0.825  1.00 0.00 ? 9  ILE A HG12 1 
ATOM 147  H HG13 . ILE A 1 9  ? -17.094 0.753   -0.039  1.00 0.00 ? 9  ILE A HG13 1 
ATOM 148  H HG21 . ILE A 1 9  ? -13.630 3.299   -0.303  1.00 0.00 ? 9  ILE A HG21 1 
ATOM 149  H HG22 . ILE A 1 9  ? -13.552 1.677   -0.982  1.00 0.00 ? 9  ILE A HG22 1 
ATOM 150  H HG23 . ILE A 1 9  ? -14.488 2.914   -1.763  1.00 0.00 ? 9  ILE A HG23 1 
ATOM 151  H HD11 . ILE A 1 9  ? -17.342 2.445   -1.841  1.00 0.00 ? 9  ILE A HD11 1 
ATOM 152  H HD12 . ILE A 1 9  ? -15.947 1.783   -2.682  1.00 0.00 ? 9  ILE A HD12 1 
ATOM 153  H HD13 . ILE A 1 9  ? -17.387 0.811   -2.470  1.00 0.00 ? 9  ILE A HD13 1 
ATOM 154  N N    . GLY A 1 10 ? -16.030 0.613   3.488   1.00 0.00 ? 10 GLY A N    1 
ATOM 155  C CA   . GLY A 1 10 ? -17.161 0.394   4.417   1.00 0.00 ? 10 GLY A CA   1 
ATOM 156  C C    . GLY A 1 10 ? -16.995 0.939   5.818   1.00 0.00 ? 10 GLY A C    1 
ATOM 157  O O    . GLY A 1 10 ? -16.737 2.111   6.010   1.00 0.00 ? 10 GLY A O    1 
ATOM 158  H H    . GLY A 1 10 ? -15.182 0.141   3.653   1.00 0.00 ? 10 GLY A H    1 
ATOM 159  H HA2  . GLY A 1 10 ? -18.054 0.827   3.993   1.00 0.00 ? 10 GLY A HA2  1 
ATOM 160  H HA3  . GLY A 1 10 ? -17.296 -0.673  4.468   1.00 0.00 ? 10 GLY A HA3  1 
ATOM 161  N N    . GLU A 1 11 ? -17.139 0.068   6.772   1.00 0.00 ? 11 GLU A N    1 
ATOM 162  C CA   . GLU A 1 11 ? -17.029 0.441   8.193   1.00 0.00 ? 11 GLU A CA   1 
ATOM 163  C C    . GLU A 1 11 ? -15.712 0.043   8.843   1.00 0.00 ? 11 GLU A C    1 
ATOM 164  O O    . GLU A 1 11 ? -15.163 -1.006  8.583   1.00 0.00 ? 11 GLU A O    1 
ATOM 165  C CB   . GLU A 1 11 ? -18.162 -0.253  8.856   1.00 0.00 ? 11 GLU A CB   1 
ATOM 166  C CG   . GLU A 1 11 ? -19.523 0.154   8.256   1.00 0.00 ? 11 GLU A CG   1 
ATOM 167  C CD   . GLU A 1 11 ? -20.514 -0.883  8.760   1.00 0.00 ? 11 GLU A CD   1 
ATOM 168  O OE1  . GLU A 1 11 ? -20.760 -0.845  9.952   1.00 0.00 ? 11 GLU A OE1  1 
ATOM 169  O OE2  . GLU A 1 11 ? -20.938 -1.645  7.913   1.00 0.00 ? 11 GLU A OE2  1 
ATOM 170  H H    . GLU A 1 11 ? -17.333 -0.878  6.612   1.00 0.00 ? 11 GLU A H    1 
ATOM 171  H HA   . GLU A 1 11 ? -17.160 1.510   8.276   1.00 0.00 ? 11 GLU A HA   1 
ATOM 172  H HB2  . GLU A 1 11 ? -18.030 -1.298  8.605   1.00 0.00 ? 11 GLU A HB2  1 
ATOM 173  H HB3  . GLU A 1 11 ? -18.167 -0.150  9.930   1.00 0.00 ? 11 GLU A HB3  1 
ATOM 174  H HG2  . GLU A 1 11 ? -19.839 1.121   8.615   1.00 0.00 ? 11 GLU A HG2  1 
ATOM 175  H HG3  . GLU A 1 11 ? -19.528 0.153   7.175   1.00 0.00 ? 11 GLU A HG3  1 
ATOM 176  N N    . GLY A 1 12 ? -15.233 0.905   9.686   1.00 0.00 ? 12 GLY A N    1 
ATOM 177  C CA   . GLY A 1 12 ? -13.971 0.647   10.412  1.00 0.00 ? 12 GLY A CA   1 
ATOM 178  C C    . GLY A 1 12 ? -12.868 1.565   9.967   1.00 0.00 ? 12 GLY A C    1 
ATOM 179  O O    . GLY A 1 12 ? -12.622 2.562   10.611  1.00 0.00 ? 12 GLY A O    1 
ATOM 180  H H    . GLY A 1 12 ? -15.694 1.746   9.841   1.00 0.00 ? 12 GLY A H    1 
ATOM 181  H HA2  . GLY A 1 12 ? -14.145 0.803   11.467  1.00 0.00 ? 12 GLY A HA2  1 
ATOM 182  H HA3  . GLY A 1 12 ? -13.666 -0.381  10.268  1.00 0.00 ? 12 GLY A HA3  1 
ATOM 183  N N    . ILE A 1 13 ? -12.265 1.194   8.879   1.00 0.00 ? 13 ILE A N    1 
ATOM 184  C CA   . ILE A 1 13 ? -11.135 1.970   8.293   1.00 0.00 ? 13 ILE A CA   1 
ATOM 185  C C    . ILE A 1 13 ? -11.296 2.077   6.760   1.00 0.00 ? 13 ILE A C    1 
ATOM 186  O O    . ILE A 1 13 ? -10.708 1.273   6.054   1.00 0.00 ? 13 ILE A O    1 
ATOM 187  C CB   . ILE A 1 13 ? -9.848  1.240   8.650   1.00 0.00 ? 13 ILE A CB   1 
ATOM 188  C CG1  . ILE A 1 13 ? -9.714  0.839   10.157  1.00 0.00 ? 13 ILE A CG1  1 
ATOM 189  C CG2  . ILE A 1 13 ? -8.615  2.075   8.209   1.00 0.00 ? 13 ILE A CG2  1 
ATOM 190  C CD1  . ILE A 1 13 ? -9.501  2.077   11.050  1.00 0.00 ? 13 ILE A CD1  1 
ATOM 191  H H    . ILE A 1 13 ? -12.568 0.386   8.420   1.00 0.00 ? 13 ILE A H    1 
ATOM 192  H HA   . ILE A 1 13 ? -11.079 2.938   8.722   1.00 0.00 ? 13 ILE A HA   1 
ATOM 193  H HB   . ILE A 1 13 ? -9.975  0.368   8.054   1.00 0.00 ? 13 ILE A HB   1 
ATOM 194  H HG12 . ILE A 1 13 ? -10.615 0.336   10.477  1.00 0.00 ? 13 ILE A HG12 1 
ATOM 195  H HG13 . ILE A 1 13 ? -8.895  0.144   10.280  1.00 0.00 ? 13 ILE A HG13 1 
ATOM 196  H HG21 . ILE A 1 13 ? -8.639  3.051   8.673   1.00 0.00 ? 13 ILE A HG21 1 
ATOM 197  H HG22 . ILE A 1 13 ? -7.692  1.581   8.463   1.00 0.00 ? 13 ILE A HG22 1 
ATOM 198  H HG23 . ILE A 1 13 ? -8.647  2.228   7.142   1.00 0.00 ? 13 ILE A HG23 1 
ATOM 199  H HD11 . ILE A 1 13 ? -8.617  2.614   10.750  1.00 0.00 ? 13 ILE A HD11 1 
ATOM 200  H HD12 . ILE A 1 13 ? -10.348 2.744   10.977  1.00 0.00 ? 13 ILE A HD12 1 
ATOM 201  H HD13 . ILE A 1 13 ? -9.395  1.772   12.081  1.00 0.00 ? 13 ILE A HD13 1 
ATOM 202  N N    . HIS A 1 14 ? -12.029 3.013   6.235   1.00 0.00 ? 14 HIS A N    1 
ATOM 203  C CA   . HIS A 1 14 ? -12.135 3.039   4.748   1.00 0.00 ? 14 HIS A CA   1 
ATOM 204  C C    . HIS A 1 14 ? -10.996 3.879   4.157   1.00 0.00 ? 14 HIS A C    1 
ATOM 205  O O    . HIS A 1 14 ? -10.975 4.126   2.965   1.00 0.00 ? 14 HIS A O    1 
ATOM 206  C CB   . HIS A 1 14 ? -13.530 3.622   4.316   1.00 0.00 ? 14 HIS A CB   1 
ATOM 207  C CG   . HIS A 1 14 ? -14.075 4.763   5.186   1.00 0.00 ? 14 HIS A CG   1 
ATOM 208  N ND1  . HIS A 1 14 ? -13.397 5.654   5.834   1.00 0.00 ? 14 HIS A ND1  1 
ATOM 209  C CD2  . HIS A 1 14 ? -15.399 5.095   5.456   1.00 0.00 ? 14 HIS A CD2  1 
ATOM 210  C CE1  . HIS A 1 14 ? -14.202 6.461   6.441   1.00 0.00 ? 14 HIS A CE1  1 
ATOM 211  N NE2  . HIS A 1 14 ? -15.457 6.156   6.236   1.00 0.00 ? 14 HIS A NE2  1 
ATOM 212  H H    . HIS A 1 14 ? -12.471 3.686   6.803   1.00 0.00 ? 14 HIS A H    1 
ATOM 213  H HA   . HIS A 1 14 ? -12.055 2.031   4.365   1.00 0.00 ? 14 HIS A HA   1 
ATOM 214  H HB2  . HIS A 1 14 ? -13.455 4.002   3.308   1.00 0.00 ? 14 HIS A HB2  1 
ATOM 215  H HB3  . HIS A 1 14 ? -14.262 2.827   4.320   1.00 0.00 ? 14 HIS A HB3  1 
ATOM 216  H HD1  . HIS A 1 14 ? -12.410 5.771   5.919   1.00 0.00 ? 14 HIS A HD1  1 
ATOM 217  H HD2  . HIS A 1 14 ? -16.266 4.564   5.084   1.00 0.00 ? 14 HIS A HD2  1 
ATOM 218  H HE1  . HIS A 1 14 ? -13.845 7.290   7.042   1.00 0.00 ? 14 HIS A HE1  1 
ATOM 219  N N    . GLU A 1 15 ? -10.070 4.292   4.977   1.00 0.00 ? 15 GLU A N    1 
ATOM 220  C CA   . GLU A 1 15 ? -8.919  5.114   4.505   1.00 0.00 ? 15 GLU A CA   1 
ATOM 221  C C    . GLU A 1 15 ? -7.542  4.529   4.853   1.00 0.00 ? 15 GLU A C    1 
ATOM 222  O O    . GLU A 1 15 ? -7.370  3.441   5.380   1.00 0.00 ? 15 GLU A O    1 
ATOM 223  C CB   . GLU A 1 15 ? -9.051  6.529   5.121   1.00 0.00 ? 15 GLU A CB   1 
ATOM 224  C CG   . GLU A 1 15 ? -9.138  6.386   6.670   1.00 0.00 ? 15 GLU A CG   1 
ATOM 225  C CD   . GLU A 1 15 ? -10.571 6.117   7.075   1.00 0.00 ? 15 GLU A CD   1 
ATOM 226  O OE1  . GLU A 1 15 ? -11.331 7.044   6.937   1.00 0.00 ? 15 GLU A OE1  1 
ATOM 227  O OE2  . GLU A 1 15 ? -10.855 5.010   7.478   1.00 0.00 ? 15 GLU A OE2  1 
ATOM 228  H H    . GLU A 1 15 ? -10.133 4.073   5.934   1.00 0.00 ? 15 GLU A H    1 
ATOM 229  H HA   . GLU A 1 15 ? -8.964  5.172   3.427   1.00 0.00 ? 15 GLU A HA   1 
ATOM 230  H HB2  . GLU A 1 15 ? -8.220  7.155   4.843   1.00 0.00 ? 15 GLU A HB2  1 
ATOM 231  H HB3  . GLU A 1 15 ? -9.954  7.004   4.757   1.00 0.00 ? 15 GLU A HB3  1 
ATOM 232  H HG2  . GLU A 1 15 ? -8.524  5.560   6.997   1.00 0.00 ? 15 GLU A HG2  1 
ATOM 233  H HG3  . GLU A 1 15 ? -8.797  7.283   7.162   1.00 0.00 ? 15 GLU A HG3  1 
ATOM 234  N N    . GLY A 1 16 ? -6.567  5.305   4.499   1.00 0.00 ? 16 GLY A N    1 
ATOM 235  C CA   . GLY A 1 16 ? -5.129  4.984   4.728   1.00 0.00 ? 16 GLY A CA   1 
ATOM 236  C C    . GLY A 1 16 ? -4.388  6.253   5.126   1.00 0.00 ? 16 GLY A C    1 
ATOM 237  O O    . GLY A 1 16 ? -4.196  7.110   4.289   1.00 0.00 ? 16 GLY A O    1 
ATOM 238  H H    . GLY A 1 16 ? -6.845  6.137   4.058   1.00 0.00 ? 16 GLY A H    1 
ATOM 239  H HA2  . GLY A 1 16 ? -5.051  4.277   5.541   1.00 0.00 ? 16 GLY A HA2  1 
ATOM 240  H HA3  . GLY A 1 16 ? -4.684  4.588   3.828   1.00 0.00 ? 16 GLY A HA3  1 
ATOM 241  N N    . GLU A 1 17 ? -3.995  6.353   6.358   1.00 0.00 ? 17 GLU A N    1 
ATOM 242  C CA   . GLU A 1 17 ? -3.263  7.544   6.842   1.00 0.00 ? 17 GLU A CA   1 
ATOM 243  C C    . GLU A 1 17 ? -1.815  7.068   6.640   1.00 0.00 ? 17 GLU A C    1 
ATOM 244  O O    . GLU A 1 17 ? -1.204  6.480   7.516   1.00 0.00 ? 17 GLU A O    1 
ATOM 245  C CB   . GLU A 1 17 ? -3.626  7.747   8.309   1.00 0.00 ? 17 GLU A CB   1 
ATOM 246  C CG   . GLU A 1 17 ? -3.159  9.140   8.706   1.00 0.00 ? 17 GLU A CG   1 
ATOM 247  C CD   . GLU A 1 17 ? -3.113  9.216   10.228  1.00 0.00 ? 17 GLU A CD   1 
ATOM 248  O OE1  . GLU A 1 17 ? -4.142  9.036   10.856  1.00 0.00 ? 17 GLU A OE1  1 
ATOM 249  O OE2  . GLU A 1 17 ? -2.005  9.448   10.670  1.00 0.00 ? 17 GLU A OE2  1 
ATOM 250  H H    . GLU A 1 17 ? -4.170  5.650   7.014   1.00 0.00 ? 17 GLU A H    1 
ATOM 251  H HA   . GLU A 1 17 ? -3.468  8.418   6.236   1.00 0.00 ? 17 GLU A HA   1 
ATOM 252  H HB2  . GLU A 1 17 ? -4.687  7.646   8.493   1.00 0.00 ? 17 GLU A HB2  1 
ATOM 253  H HB3  . GLU A 1 17 ? -3.122  7.018   8.923   1.00 0.00 ? 17 GLU A HB3  1 
ATOM 254  H HG2  . GLU A 1 17 ? -2.169  9.286   8.289   1.00 0.00 ? 17 GLU A HG2  1 
ATOM 255  H HG3  . GLU A 1 17 ? -3.805  9.914   8.312   1.00 0.00 ? 17 GLU A HG3  1 
ATOM 256  N N    . ILE A 1 18 ? -1.288  7.316   5.480   1.00 0.00 ? 18 ILE A N    1 
ATOM 257  C CA   . ILE A 1 18 ? 0.081   6.912   5.145   1.00 0.00 ? 18 ILE A CA   1 
ATOM 258  C C    . ILE A 1 18 ? 0.963   8.031   5.680   1.00 0.00 ? 18 ILE A C    1 
ATOM 259  O O    . ILE A 1 18 ? 1.034   9.126   5.153   1.00 0.00 ? 18 ILE A O    1 
ATOM 260  C CB   . ILE A 1 18 ? 0.117   6.771   3.637   1.00 0.00 ? 18 ILE A CB   1 
ATOM 261  C CG1  . ILE A 1 18 ? -1.067  5.863   3.164   1.00 0.00 ? 18 ILE A CG1  1 
ATOM 262  C CG2  . ILE A 1 18 ? 1.396   6.069   3.318   1.00 0.00 ? 18 ILE A CG2  1 
ATOM 263  C CD1  . ILE A 1 18 ? -1.851  6.612   2.101   1.00 0.00 ? 18 ILE A CD1  1 
ATOM 264  H H    . ILE A 1 18 ? -1.756  7.790   4.769   1.00 0.00 ? 18 ILE A H    1 
ATOM 265  H HA   . ILE A 1 18 ? 0.342   6.006   5.670   1.00 0.00 ? 18 ILE A HA   1 
ATOM 266  H HB   . ILE A 1 18 ? 0.111   7.750   3.174   1.00 0.00 ? 18 ILE A HB   1 
ATOM 267  H HG12 . ILE A 1 18 ? -0.719  4.927   2.746   1.00 0.00 ? 18 ILE A HG12 1 
ATOM 268  H HG13 . ILE A 1 18 ? -1.741  5.641   3.978   1.00 0.00 ? 18 ILE A HG13 1 
ATOM 269  H HG21 . ILE A 1 18 ? 1.388   5.131   3.845   1.00 0.00 ? 18 ILE A HG21 1 
ATOM 270  H HG22 . ILE A 1 18 ? 1.478   5.917   2.254   1.00 0.00 ? 18 ILE A HG22 1 
ATOM 271  H HG23 . ILE A 1 18 ? 2.216   6.671   3.674   1.00 0.00 ? 18 ILE A HG23 1 
ATOM 272  H HD11 . ILE A 1 18 ? -1.205  6.870   1.272   1.00 0.00 ? 18 ILE A HD11 1 
ATOM 273  H HD12 . ILE A 1 18 ? -2.652  5.989   1.743   1.00 0.00 ? 18 ILE A HD12 1 
ATOM 274  H HD13 . ILE A 1 18 ? -2.273  7.514   2.525   1.00 0.00 ? 18 ILE A HD13 1 
ATOM 275  N N    . VAL A 1 19 ? 1.624   7.670   6.734   1.00 0.00 ? 19 VAL A N    1 
ATOM 276  C CA   . VAL A 1 19 ? 2.532   8.594   7.427   1.00 0.00 ? 19 VAL A CA   1 
ATOM 277  C C    . VAL A 1 19 ? 3.859   8.487   6.692   1.00 0.00 ? 19 VAL A C    1 
ATOM 278  O O    . VAL A 1 19 ? 4.418   9.470   6.261   1.00 0.00 ? 19 VAL A O    1 
ATOM 279  C CB   . VAL A 1 19 ? 2.633   8.113   8.902   1.00 0.00 ? 19 VAL A CB   1 
ATOM 280  C CG1  . VAL A 1 19 ? 3.315   9.157   9.798   1.00 0.00 ? 19 VAL A CG1  1 
ATOM 281  C CG2  . VAL A 1 19 ? 1.223   7.755   9.443   1.00 0.00 ? 19 VAL A CG2  1 
ATOM 282  H H    . VAL A 1 19 ? 1.533   6.759   7.086   1.00 0.00 ? 19 VAL A H    1 
ATOM 283  H HA   . VAL A 1 19 ? 2.165   9.608   7.314   1.00 0.00 ? 19 VAL A HA   1 
ATOM 284  H HB   . VAL A 1 19 ? 3.232   7.210   8.917   1.00 0.00 ? 19 VAL A HB   1 
ATOM 285  H HG11 . VAL A 1 19 ? 2.762   10.086  9.790   1.00 0.00 ? 19 VAL A HG11 1 
ATOM 286  H HG12 . VAL A 1 19 ? 3.373   8.796   10.815  1.00 0.00 ? 19 VAL A HG12 1 
ATOM 287  H HG13 . VAL A 1 19 ? 4.318   9.344   9.444   1.00 0.00 ? 19 VAL A HG13 1 
ATOM 288  H HG21 . VAL A 1 19 ? 0.789   6.971   8.837   1.00 0.00 ? 19 VAL A HG21 1 
ATOM 289  H HG22 . VAL A 1 19 ? 1.275   7.402   10.461  1.00 0.00 ? 19 VAL A HG22 1 
ATOM 290  H HG23 . VAL A 1 19 ? 0.555   8.608   9.416   1.00 0.00 ? 19 VAL A HG23 1 
ATOM 291  N N    . LYS A 1 20 ? 4.324   7.281   6.570   1.00 0.00 ? 20 LYS A N    1 
ATOM 292  C CA   . LYS A 1 20 ? 5.628   7.042   5.877   1.00 0.00 ? 20 LYS A CA   1 
ATOM 293  C C    . LYS A 1 20 ? 5.580   5.899   4.876   1.00 0.00 ? 20 LYS A C    1 
ATOM 294  O O    . LYS A 1 20 ? 4.694   5.069   4.918   1.00 0.00 ? 20 LYS A O    1 
ATOM 295  C CB   . LYS A 1 20 ? 6.620   6.776   7.001   1.00 0.00 ? 20 LYS A CB   1 
ATOM 296  C CG   . LYS A 1 20 ? 8.017   6.199   6.608   1.00 0.00 ? 20 LYS A CG   1 
ATOM 297  C CD   . LYS A 1 20 ? 8.373   5.449   7.884   1.00 0.00 ? 20 LYS A CD   1 
ATOM 298  C CE   . LYS A 1 20 ? 9.648   4.652   7.936   1.00 0.00 ? 20 LYS A CE   1 
ATOM 299  N NZ   . LYS A 1 20 ? 9.621   4.037   9.294   1.00 0.00 ? 20 LYS A NZ   1 
ATOM 300  H H    . LYS A 1 20 ? 3.803   6.531   6.932   1.00 0.00 ? 20 LYS A H    1 
ATOM 301  H HA   . LYS A 1 20 ? 5.901   7.947   5.347   1.00 0.00 ? 20 LYS A HA   1 
ATOM 302  H HB2  . LYS A 1 20 ? 6.750   7.706   7.537   1.00 0.00 ? 20 LYS A HB2  1 
ATOM 303  H HB3  . LYS A 1 20 ? 6.117   6.090   7.672   1.00 0.00 ? 20 LYS A HB3  1 
ATOM 304  H HG2  . LYS A 1 20 ? 7.967   5.481   5.802   1.00 0.00 ? 20 LYS A HG2  1 
ATOM 305  H HG3  . LYS A 1 20 ? 8.726   6.979   6.361   1.00 0.00 ? 20 LYS A HG3  1 
ATOM 306  H HD2  . LYS A 1 20 ? 8.286   6.108   8.738   1.00 0.00 ? 20 LYS A HD2  1 
ATOM 307  H HD3  . LYS A 1 20 ? 7.611   4.681   7.970   1.00 0.00 ? 20 LYS A HD3  1 
ATOM 308  H HE2  . LYS A 1 20 ? 9.668   3.868   7.188   1.00 0.00 ? 20 LYS A HE2  1 
ATOM 309  H HE3  . LYS A 1 20 ? 10.518  5.284   7.818   1.00 0.00 ? 20 LYS A HE3  1 
ATOM 310  H HZ1  . LYS A 1 20 ? 8.736   4.310   9.803   1.00 0.00 ? 20 LYS A HZ1  1 
ATOM 311  H HZ2  . LYS A 1 20 ? 9.434   3.014   9.237   1.00 0.00 ? 20 LYS A HZ2  1 
ATOM 312  H HZ3  . LYS A 1 20 ? 10.404  4.255   9.919   1.00 0.00 ? 20 LYS A HZ3  1 
ATOM 313  N N    . TRP A 1 21 ? 6.564   5.920   4.026   1.00 0.00 ? 21 TRP A N    1 
ATOM 314  C CA   . TRP A 1 21 ? 6.756   4.908   2.958   1.00 0.00 ? 21 TRP A CA   1 
ATOM 315  C C    . TRP A 1 21 ? 8.176   4.409   3.126   1.00 0.00 ? 21 TRP A C    1 
ATOM 316  O O    . TRP A 1 21 ? 8.948   5.020   3.839   1.00 0.00 ? 21 TRP A O    1 
ATOM 317  C CB   . TRP A 1 21 ? 6.649   5.515   1.580   1.00 0.00 ? 21 TRP A CB   1 
ATOM 318  C CG   . TRP A 1 21 ? 5.266   5.231   1.056   1.00 0.00 ? 21 TRP A CG   1 
ATOM 319  C CD1  . TRP A 1 21 ? 4.282   6.151   1.020   1.00 0.00 ? 21 TRP A CD1  1 
ATOM 320  C CD2  . TRP A 1 21 ? 4.826   4.054   0.555   1.00 0.00 ? 21 TRP A CD2  1 
ATOM 321  N NE1  . TRP A 1 21 ? 3.291   5.473   0.486   1.00 0.00 ? 21 TRP A NE1  1 
ATOM 322  C CE2  . TRP A 1 21 ? 3.512   4.212   0.176   1.00 0.00 ? 21 TRP A CE2  1 
ATOM 323  C CE3  . TRP A 1 21 ? 5.437   2.821   0.385   1.00 0.00 ? 21 TRP A CE3  1 
ATOM 324  C CZ2  . TRP A 1 21 ? 2.808   3.169   -0.368  1.00 0.00 ? 21 TRP A CZ2  1 
ATOM 325  C CZ3  . TRP A 1 21 ? 4.730   1.774   -0.164  1.00 0.00 ? 21 TRP A CZ3  1 
ATOM 326  C CH2  . TRP A 1 21 ? 3.420   1.949   -0.537  1.00 0.00 ? 21 TRP A CH2  1 
ATOM 327  H H    . TRP A 1 21 ? 7.226   6.638   4.084   1.00 0.00 ? 21 TRP A H    1 
ATOM 328  H HA   . TRP A 1 21 ? 6.063   4.093   3.102   1.00 0.00 ? 21 TRP A HA   1 
ATOM 329  H HB2  . TRP A 1 21 ? 6.780   6.589   1.622   1.00 0.00 ? 21 TRP A HB2  1 
ATOM 330  H HB3  . TRP A 1 21 ? 7.373   5.108   0.891   1.00 0.00 ? 21 TRP A HB3  1 
ATOM 331  H HD1  . TRP A 1 21 ? 4.311   7.179   1.354   1.00 0.00 ? 21 TRP A HD1  1 
ATOM 332  H HE1  . TRP A 1 21 ? 2.414   5.897   0.323   1.00 0.00 ? 21 TRP A HE1  1 
ATOM 333  H HE3  . TRP A 1 21 ? 6.464   2.648   0.687   1.00 0.00 ? 21 TRP A HE3  1 
ATOM 334  H HZ2  . TRP A 1 21 ? 1.775   3.318   -0.658  1.00 0.00 ? 21 TRP A HZ2  1 
ATOM 335  H HZ3  . TRP A 1 21 ? 5.201   0.816   -0.307  1.00 0.00 ? 21 TRP A HZ3  1 
ATOM 336  H HH2  . TRP A 1 21 ? 2.873   1.127   -0.961  1.00 0.00 ? 21 TRP A HH2  1 
ATOM 337  N N    . PHE A 1 22 ? 8.471   3.328   2.473   1.00 0.00 ? 22 PHE A N    1 
ATOM 338  C CA   . PHE A 1 22 ? 9.841   2.736   2.550   1.00 0.00 ? 22 PHE A CA   1 
ATOM 339  C C    . PHE A 1 22 ? 10.441  2.621   1.157   1.00 0.00 ? 22 PHE A C    1 
ATOM 340  O O    . PHE A 1 22 ? 11.628  2.796   0.963   1.00 0.00 ? 22 PHE A O    1 
ATOM 341  C CB   . PHE A 1 22 ? 9.793   1.333   3.166   1.00 0.00 ? 22 PHE A CB   1 
ATOM 342  C CG   . PHE A 1 22 ? 9.367   1.400   4.642   1.00 0.00 ? 22 PHE A CG   1 
ATOM 343  C CD1  . PHE A 1 22 ? 8.095   1.790   5.001   1.00 0.00 ? 22 PHE A CD1  1 
ATOM 344  C CD2  . PHE A 1 22 ? 10.258  1.058   5.637   1.00 0.00 ? 22 PHE A CD2  1 
ATOM 345  C CE1  . PHE A 1 22 ? 7.719   1.837   6.321   1.00 0.00 ? 22 PHE A CE1  1 
ATOM 346  C CE2  . PHE A 1 22 ? 9.888   1.103   6.964   1.00 0.00 ? 22 PHE A CE2  1 
ATOM 347  C CZ   . PHE A 1 22 ? 8.611   1.493   7.304   1.00 0.00 ? 22 PHE A CZ   1 
ATOM 348  H H    . PHE A 1 22 ? 7.776   2.903   1.931   1.00 0.00 ? 22 PHE A H    1 
ATOM 349  H HA   . PHE A 1 22 ? 10.480  3.382   3.138   1.00 0.00 ? 22 PHE A HA   1 
ATOM 350  H HB2  . PHE A 1 22 ? 9.095   0.714   2.621   1.00 0.00 ? 22 PHE A HB2  1 
ATOM 351  H HB3  . PHE A 1 22 ? 10.770  0.872   3.093   1.00 0.00 ? 22 PHE A HB3  1 
ATOM 352  H HD1  . PHE A 1 22 ? 7.375   2.063   4.248   1.00 0.00 ? 22 PHE A HD1  1 
ATOM 353  H HD2  . PHE A 1 22 ? 11.261  0.751   5.369   1.00 0.00 ? 22 PHE A HD2  1 
ATOM 354  H HE1  . PHE A 1 22 ? 6.717   2.143   6.585   1.00 0.00 ? 22 PHE A HE1  1 
ATOM 355  H HE2  . PHE A 1 22 ? 10.600  0.819   7.725   1.00 0.00 ? 22 PHE A HE2  1 
ATOM 356  H HZ   . PHE A 1 22 ? 8.285   1.531   8.331   1.00 0.00 ? 22 PHE A HZ   1 
ATOM 357  N N    . VAL A 1 23 ? 9.602   2.323   0.212   1.00 0.00 ? 23 VAL A N    1 
ATOM 358  C CA   . VAL A 1 23 ? 10.092  2.183   -1.181  1.00 0.00 ? 23 VAL A CA   1 
ATOM 359  C C    . VAL A 1 23 ? 9.766   3.455   -1.941  1.00 0.00 ? 23 VAL A C    1 
ATOM 360  O O    . VAL A 1 23 ? 9.107   4.350   -1.450  1.00 0.00 ? 23 VAL A O    1 
ATOM 361  C CB   . VAL A 1 23 ? 9.408   0.959   -1.828  1.00 0.00 ? 23 VAL A CB   1 
ATOM 362  C CG1  . VAL A 1 23 ? 9.589   -0.163  -0.798  1.00 0.00 ? 23 VAL A CG1  1 
ATOM 363  C CG2  . VAL A 1 23 ? 7.906   1.179   -2.137  1.00 0.00 ? 23 VAL A CG2  1 
ATOM 364  H H    . VAL A 1 23 ? 8.657   2.192   0.393   1.00 0.00 ? 23 VAL A H    1 
ATOM 365  H HA   . VAL A 1 23 ? 11.154  2.004   -1.230  1.00 0.00 ? 23 VAL A HA   1 
ATOM 366  H HB   . VAL A 1 23 ? 9.974   0.663   -2.702  1.00 0.00 ? 23 VAL A HB   1 
ATOM 367  H HG11 . VAL A 1 23 ? 10.655  -0.229  -0.606  1.00 0.00 ? 23 VAL A HG11 1 
ATOM 368  H HG12 . VAL A 1 23 ? 9.097   0.066   0.135   1.00 0.00 ? 23 VAL A HG12 1 
ATOM 369  H HG13 . VAL A 1 23 ? 9.244   -1.129  -1.146  1.00 0.00 ? 23 VAL A HG13 1 
ATOM 370  H HG21 . VAL A 1 23 ? 7.349   1.426   -1.249  1.00 0.00 ? 23 VAL A HG21 1 
ATOM 371  H HG22 . VAL A 1 23 ? 7.791   1.987   -2.848  1.00 0.00 ? 23 VAL A HG22 1 
ATOM 372  H HG23 . VAL A 1 23 ? 7.485   0.285   -2.571  1.00 0.00 ? 23 VAL A HG23 1 
ATOM 373  N N    . LYS A 1 24 ? 10.248  3.458   -3.141  1.00 0.00 ? 24 LYS A N    1 
ATOM 374  C CA   . LYS A 1 24 ? 10.044  4.606   -4.072  1.00 0.00 ? 24 LYS A CA   1 
ATOM 375  C C    . LYS A 1 24 ? 9.467   3.892   -5.310  1.00 0.00 ? 24 LYS A C    1 
ATOM 376  O O    . LYS A 1 24 ? 9.756   2.724   -5.500  1.00 0.00 ? 24 LYS A O    1 
ATOM 377  C CB   . LYS A 1 24 ? 11.410  5.317   -4.409  1.00 0.00 ? 24 LYS A CB   1 
ATOM 378  C CG   . LYS A 1 24 ? 12.556  4.319   -4.805  1.00 0.00 ? 24 LYS A CG   1 
ATOM 379  C CD   . LYS A 1 24 ? 13.288  3.795   -3.535  1.00 0.00 ? 24 LYS A CD   1 
ATOM 380  C CE   . LYS A 1 24 ? 14.192  2.574   -3.910  1.00 0.00 ? 24 LYS A CE   1 
ATOM 381  N NZ   . LYS A 1 24 ? 15.231  2.970   -4.920  1.00 0.00 ? 24 LYS A NZ   1 
ATOM 382  H H    . LYS A 1 24 ? 10.736  2.663   -3.438  1.00 0.00 ? 24 LYS A H    1 
ATOM 383  H HA   . LYS A 1 24 ? 9.309   5.281   -3.656  1.00 0.00 ? 24 LYS A HA   1 
ATOM 384  H HB2  . LYS A 1 24 ? 11.239  5.968   -5.256  1.00 0.00 ? 24 LYS A HB2  1 
ATOM 385  H HB3  . LYS A 1 24 ? 11.688  5.949   -3.576  1.00 0.00 ? 24 LYS A HB3  1 
ATOM 386  H HG2  . LYS A 1 24 ? 12.133  3.487   -5.358  1.00 0.00 ? 24 LYS A HG2  1 
ATOM 387  H HG3  . LYS A 1 24 ? 13.219  4.858   -5.470  1.00 0.00 ? 24 LYS A HG3  1 
ATOM 388  H HD2  . LYS A 1 24 ? 13.898  4.597   -3.130  1.00 0.00 ? 24 LYS A HD2  1 
ATOM 389  H HD3  . LYS A 1 24 ? 12.572  3.521   -2.766  1.00 0.00 ? 24 LYS A HD3  1 
ATOM 390  H HE2  . LYS A 1 24 ? 14.701  2.248   -3.013  1.00 0.00 ? 24 LYS A HE2  1 
ATOM 391  H HE3  . LYS A 1 24 ? 13.596  1.734   -4.268  1.00 0.00 ? 24 LYS A HE3  1 
ATOM 392  H HZ1  . LYS A 1 24 ? 15.186  3.961   -5.194  1.00 0.00 ? 24 LYS A HZ1  1 
ATOM 393  H HZ2  . LYS A 1 24 ? 16.182  2.660   -4.639  1.00 0.00 ? 24 LYS A HZ2  1 
ATOM 394  H HZ3  . LYS A 1 24 ? 15.047  2.438   -5.799  1.00 0.00 ? 24 LYS A HZ3  1 
ATOM 395  N N    . PRO A 1 25 ? 8.689   4.568   -6.115  1.00 0.00 ? 25 PRO A N    1 
ATOM 396  C CA   . PRO A 1 25 ? 7.944   3.928   -7.235  1.00 0.00 ? 25 PRO A CA   1 
ATOM 397  C C    . PRO A 1 25 ? 8.873   3.582   -8.402  1.00 0.00 ? 25 PRO A C    1 
ATOM 398  O O    . PRO A 1 25 ? 9.632   4.439   -8.813  1.00 0.00 ? 25 PRO A O    1 
ATOM 399  C CB   . PRO A 1 25 ? 6.899   4.959   -7.625  1.00 0.00 ? 25 PRO A CB   1 
ATOM 400  C CG   . PRO A 1 25 ? 7.657   6.304   -7.358  1.00 0.00 ? 25 PRO A CG   1 
ATOM 401  C CD   . PRO A 1 25 ? 8.433   6.036   -6.044  1.00 0.00 ? 25 PRO A CD   1 
ATOM 402  H HA   . PRO A 1 25 ? 7.484   3.018   -6.871  1.00 0.00 ? 25 PRO A HA   1 
ATOM 403  H HB2  . PRO A 1 25 ? 6.687   4.854   -8.679  1.00 0.00 ? 25 PRO A HB2  1 
ATOM 404  H HB3  . PRO A 1 25 ? 5.992   4.874   -7.055  1.00 0.00 ? 25 PRO A HB3  1 
ATOM 405  H HG2  . PRO A 1 25 ? 8.348   6.527   -8.166  1.00 0.00 ? 25 PRO A HG2  1 
ATOM 406  H HG3  . PRO A 1 25 ? 6.967   7.124   -7.240  1.00 0.00 ? 25 PRO A HG3  1 
ATOM 407  H HD2  . PRO A 1 25 ? 9.369   6.567   -6.043  1.00 0.00 ? 25 PRO A HD2  1 
ATOM 408  H HD3  . PRO A 1 25 ? 7.877   6.289   -5.154  1.00 0.00 ? 25 PRO A HD3  1 
ATOM 409  N N    . GLY A 1 26 ? 8.795   2.388   -8.908  1.00 0.00 ? 26 GLY A N    1 
ATOM 410  C CA   . GLY A 1 26 ? 9.677   2.025   -10.049 1.00 0.00 ? 26 GLY A CA   1 
ATOM 411  C C    . GLY A 1 26 ? 10.701  1.001   -9.695  1.00 0.00 ? 26 GLY A C    1 
ATOM 412  O O    . GLY A 1 26 ? 11.370  0.519   -10.590 1.00 0.00 ? 26 GLY A O    1 
ATOM 413  H H    . GLY A 1 26 ? 8.164   1.734   -8.548  1.00 0.00 ? 26 GLY A H    1 
ATOM 414  H HA2  . GLY A 1 26 ? 9.077   1.654   -10.863 1.00 0.00 ? 26 GLY A HA2  1 
ATOM 415  H HA3  . GLY A 1 26 ? 10.209  2.908   -10.382 1.00 0.00 ? 26 GLY A HA3  1 
ATOM 416  N N    . ASP A 1 27 ? 10.802  0.656   -8.442  1.00 0.00 ? 27 ASP A N    1 
ATOM 417  C CA   . ASP A 1 27 ? 11.845  -0.355  -8.109  1.00 0.00 ? 27 ASP A CA   1 
ATOM 418  C C    . ASP A 1 27 ? 11.412  -1.785  -8.226  1.00 0.00 ? 27 ASP A C    1 
ATOM 419  O O    . ASP A 1 27 ? 10.279  -2.081  -8.566  1.00 0.00 ? 27 ASP A O    1 
ATOM 420  C CB   . ASP A 1 27 ? 12.355  -0.158  -6.672  1.00 0.00 ? 27 ASP A CB   1 
ATOM 421  C CG   . ASP A 1 27 ? 13.863  -0.056  -6.763  1.00 0.00 ? 27 ASP A CG   1 
ATOM 422  O OD1  . ASP A 1 27 ? 14.543  -0.997  -7.097  1.00 0.00 ? 27 ASP A OD1  1 
ATOM 423  O OD2  . ASP A 1 27 ? 14.272  1.045   -6.477  1.00 0.00 ? 27 ASP A OD2  1 
ATOM 424  H H    . ASP A 1 27 ? 10.227  1.040   -7.749  1.00 0.00 ? 27 ASP A H    1 
ATOM 425  H HA   . ASP A 1 27 ? 12.663  -0.201  -8.803  1.00 0.00 ? 27 ASP A HA   1 
ATOM 426  H HB2  . ASP A 1 27 ? 11.930  0.747   -6.274  1.00 0.00 ? 27 ASP A HB2  1 
ATOM 427  H HB3  . ASP A 1 27 ? 12.096  -0.979  -6.015  1.00 0.00 ? 27 ASP A HB3  1 
ATOM 428  N N    . GLU A 1 28 ? 12.358  -2.619  -7.918  1.00 0.00 ? 28 GLU A N    1 
ATOM 429  C CA   . GLU A 1 28 ? 12.212  -4.087  -7.952  1.00 0.00 ? 28 GLU A CA   1 
ATOM 430  C C    . GLU A 1 28 ? 12.027  -4.400  -6.459  1.00 0.00 ? 28 GLU A C    1 
ATOM 431  O O    . GLU A 1 28 ? 12.923  -4.086  -5.698  1.00 0.00 ? 28 GLU A O    1 
ATOM 432  C CB   . GLU A 1 28 ? 13.524  -4.731  -8.439  1.00 0.00 ? 28 GLU A CB   1 
ATOM 433  C CG   . GLU A 1 28 ? 14.204  -4.085  -9.713  1.00 0.00 ? 28 GLU A CG   1 
ATOM 434  C CD   . GLU A 1 28 ? 13.627  -4.609  -10.998 1.00 0.00 ? 28 GLU A CD   1 
ATOM 435  O OE1  . GLU A 1 28 ? 12.684  -5.376  -10.967 1.00 0.00 ? 28 GLU A OE1  1 
ATOM 436  O OE2  . GLU A 1 28 ? 14.111  -4.207  -12.035 1.00 0.00 ? 28 GLU A OE2  1 
ATOM 437  H H    . GLU A 1 28 ? 13.232  -2.269  -7.630  1.00 0.00 ? 28 GLU A H    1 
ATOM 438  H HA   . GLU A 1 28 ? 11.323  -4.351  -8.519  1.00 0.00 ? 28 GLU A HA   1 
ATOM 439  H HB2  . GLU A 1 28 ? 14.237  -4.745  -7.632  1.00 0.00 ? 28 GLU A HB2  1 
ATOM 440  H HB3  . GLU A 1 28 ? 13.267  -5.745  -8.660  1.00 0.00 ? 28 GLU A HB3  1 
ATOM 441  H HG2  . GLU A 1 28 ? 14.127  -3.002  -9.690  1.00 0.00 ? 28 GLU A HG2  1 
ATOM 442  H HG3  . GLU A 1 28 ? 15.260  -4.326  -9.707  1.00 0.00 ? 28 GLU A HG3  1 
ATOM 443  N N    . VAL A 1 29 ? 10.946  -4.986  -6.029  1.00 0.00 ? 29 VAL A N    1 
ATOM 444  C CA   . VAL A 1 29 ? 10.851  -5.250  -4.561  1.00 0.00 ? 29 VAL A CA   1 
ATOM 445  C C    . VAL A 1 29 ? 11.093  -6.733  -4.341  1.00 0.00 ? 29 VAL A C    1 
ATOM 446  O O    . VAL A 1 29 ? 10.991  -7.535  -5.251  1.00 0.00 ? 29 VAL A O    1 
ATOM 447  C CB   . VAL A 1 29 ? 9.430   -4.778  -4.038  1.00 0.00 ? 29 VAL A CB   1 
ATOM 448  C CG1  . VAL A 1 29 ? 8.233   -5.291  -4.870  1.00 0.00 ? 29 VAL A CG1  1 
ATOM 449  C CG2  . VAL A 1 29 ? 9.193   -5.101  -2.533  1.00 0.00 ? 29 VAL A CG2  1 
ATOM 450  H H    . VAL A 1 29 ? 10.232  -5.249  -6.647  1.00 0.00 ? 29 VAL A H    1 
ATOM 451  H HA   . VAL A 1 29 ? 11.620  -4.699  -4.042  1.00 0.00 ? 29 VAL A HA   1 
ATOM 452  H HB   . VAL A 1 29 ? 9.474   -3.704  -4.085  1.00 0.00 ? 29 VAL A HB   1 
ATOM 453  H HG11 . VAL A 1 29 ? 8.203   -6.367  -4.880  1.00 0.00 ? 29 VAL A HG11 1 
ATOM 454  H HG12 . VAL A 1 29 ? 7.309   -4.927  -4.444  1.00 0.00 ? 29 VAL A HG12 1 
ATOM 455  H HG13 . VAL A 1 29 ? 8.293   -4.931  -5.887  1.00 0.00 ? 29 VAL A HG13 1 
ATOM 456  H HG21 . VAL A 1 29 ? 9.944   -4.606  -1.928  1.00 0.00 ? 29 VAL A HG21 1 
ATOM 457  H HG22 . VAL A 1 29 ? 8.231   -4.728  -2.216  1.00 0.00 ? 29 VAL A HG22 1 
ATOM 458  H HG23 . VAL A 1 29 ? 9.224   -6.159  -2.321  1.00 0.00 ? 29 VAL A HG23 1 
ATOM 459  N N    . ASN A 1 30 ? 11.398  -7.042  -3.115  1.00 0.00 ? 30 ASN A N    1 
ATOM 460  C CA   . ASN A 1 30 ? 11.677  -8.452  -2.732  1.00 0.00 ? 30 ASN A CA   1 
ATOM 461  C C    . ASN A 1 30 ? 10.448  -9.081  -2.112  1.00 0.00 ? 30 ASN A C    1 
ATOM 462  O O    . ASN A 1 30 ? 9.355   -8.575  -2.245  1.00 0.00 ? 30 ASN A O    1 
ATOM 463  C CB   . ASN A 1 30 ? 12.841  -8.486  -1.741  1.00 0.00 ? 30 ASN A CB   1 
ATOM 464  C CG   . ASN A 1 30 ? 13.566  -9.846  -1.885  1.00 0.00 ? 30 ASN A CG   1 
ATOM 465  O OD1  . ASN A 1 30 ? 13.770  -10.275 -3.001  1.00 0.00 ? 30 ASN A OD1  1 
ATOM 466  N ND2  . ASN A 1 30 ? 13.985  -10.596 -0.911  1.00 0.00 ? 30 ASN A ND2  1 
ATOM 467  H H    . ASN A 1 30 ? 11.435  -6.319  -2.454  1.00 0.00 ? 30 ASN A H    1 
ATOM 468  H HA   . ASN A 1 30 ? 11.932  -9.041  -3.595  1.00 0.00 ? 30 ASN A HA   1 
ATOM 469  H HB2  . ASN A 1 30 ? 13.517  -7.659  -1.890  1.00 0.00 ? 30 ASN A HB2  1 
ATOM 470  H HB3  . ASN A 1 30 ? 12.388  -8.425  -0.771  1.00 0.00 ? 30 ASN A HB3  1 
ATOM 471  H HD21 . ASN A 1 30 ? 13.661  -9.873  -0.325  1.00 0.00 ? 30 ASN A HD21 1 
ATOM 472  H HD22 . ASN A 1 30 ? 14.197  -10.951 -0.016  1.00 0.00 ? 30 ASN A HD22 1 
ATOM 473  N N    . GLU A 1 31 ? 10.705  -10.133 -1.417  1.00 0.00 ? 31 GLU A N    1 
ATOM 474  C CA   . GLU A 1 31 ? 9.689   -10.961 -0.734  1.00 0.00 ? 31 GLU A CA   1 
ATOM 475  C C    . GLU A 1 31 ? 10.099  -10.889 0.749   1.00 0.00 ? 31 GLU A C    1 
ATOM 476  O O    . GLU A 1 31 ? 10.256  -11.884 1.426   1.00 0.00 ? 31 GLU A O    1 
ATOM 477  C CB   . GLU A 1 31 ? 9.870   -12.342 -1.356  1.00 0.00 ? 31 GLU A CB   1 
ATOM 478  C CG   . GLU A 1 31 ? 8.664   -13.214 -1.144  1.00 0.00 ? 31 GLU A CG   1 
ATOM 479  C CD   . GLU A 1 31 ? 7.556   -12.549 -1.909  1.00 0.00 ? 31 GLU A CD   1 
ATOM 480  O OE1  . GLU A 1 31 ? 6.978   -11.681 -1.288  1.00 0.00 ? 31 GLU A OE1  1 
ATOM 481  O OE2  . GLU A 1 31 ? 7.374   -12.920 -3.057  1.00 0.00 ? 31 GLU A OE2  1 
ATOM 482  H H    . GLU A 1 31 ? 11.630  -10.366 -1.274  1.00 0.00 ? 31 GLU A H    1 
ATOM 483  H HA   . GLU A 1 31 ? 8.725   -10.446 -0.701  1.00 0.00 ? 31 GLU A HA   1 
ATOM 484  H HB2  . GLU A 1 31 ? 10.104  -12.217 -2.397  1.00 0.00 ? 31 GLU A HB2  1 
ATOM 485  H HB3  . GLU A 1 31 ? 10.730  -12.780 -0.867  1.00 0.00 ? 31 GLU A HB3  1 
ATOM 486  H HG2  . GLU A 1 31 ? 8.816   -14.218 -1.480  1.00 0.00 ? 31 GLU A HG2  1 
ATOM 487  H HG3  . GLU A 1 31 ? 8.392   -13.242 -0.097  1.00 0.00 ? 31 GLU A HG3  1 
ATOM 488  N N    . ASP A 1 32 ? 10.253  -9.673  1.180   1.00 0.00 ? 32 ASP A N    1 
ATOM 489  C CA   . ASP A 1 32 ? 10.652  -9.331  2.578   1.00 0.00 ? 32 ASP A CA   1 
ATOM 490  C C    . ASP A 1 32 ? 10.851  -7.820  2.770   1.00 0.00 ? 32 ASP A C    1 
ATOM 491  O O    . ASP A 1 32 ? 11.609  -7.409  3.628   1.00 0.00 ? 32 ASP A O    1 
ATOM 492  C CB   . ASP A 1 32 ? 12.009  -10.017 2.977   1.00 0.00 ? 32 ASP A CB   1 
ATOM 493  C CG   . ASP A 1 32 ? 13.090  -9.834  1.926   1.00 0.00 ? 32 ASP A CG   1 
ATOM 494  O OD1  . ASP A 1 32 ? 13.146  -8.815  1.264   1.00 0.00 ? 32 ASP A OD1  1 
ATOM 495  O OD2  . ASP A 1 32 ? 13.862  -10.760 1.797   1.00 0.00 ? 32 ASP A OD2  1 
ATOM 496  H H    . ASP A 1 32 ? 10.104  -8.961  0.548   1.00 0.00 ? 32 ASP A H    1 
ATOM 497  H HA   . ASP A 1 32 ? 9.883   -9.719  3.202   1.00 0.00 ? 32 ASP A HA   1 
ATOM 498  H HB2  . ASP A 1 32 ? 12.380  -9.586  3.892   1.00 0.00 ? 32 ASP A HB2  1 
ATOM 499  H HB3  . ASP A 1 32 ? 11.858  -11.075 3.140   1.00 0.00 ? 32 ASP A HB3  1 
ATOM 500  N N    . ASP A 1 33 ? 10.156  -7.026  2.005   1.00 0.00 ? 33 ASP A N    1 
ATOM 501  C CA   . ASP A 1 33 ? 10.334  -5.547  2.147   1.00 0.00 ? 33 ASP A CA   1 
ATOM 502  C C    . ASP A 1 33 ? 9.110   -4.980  2.834   1.00 0.00 ? 33 ASP A C    1 
ATOM 503  O O    . ASP A 1 33 ? 8.243   -5.732  3.248   1.00 0.00 ? 33 ASP A O    1 
ATOM 504  C CB   . ASP A 1 33 ? 10.501  -4.976  0.738   1.00 0.00 ? 33 ASP A CB   1 
ATOM 505  C CG   . ASP A 1 33 ? 11.098  -3.569  0.705   1.00 0.00 ? 33 ASP A CG   1 
ATOM 506  O OD1  . ASP A 1 33 ? 11.394  -2.997  1.743   1.00 0.00 ? 33 ASP A OD1  1 
ATOM 507  O OD2  . ASP A 1 33 ? 11.230  -3.136  -0.423  1.00 0.00 ? 33 ASP A OD2  1 
ATOM 508  H H    . ASP A 1 33 ? 9.513   -7.350  1.347   1.00 0.00 ? 33 ASP A H    1 
ATOM 509  H HA   . ASP A 1 33 ? 11.213  -5.330  2.735   1.00 0.00 ? 33 ASP A HA   1 
ATOM 510  H HB2  . ASP A 1 33 ? 11.139  -5.634  0.177   1.00 0.00 ? 33 ASP A HB2  1 
ATOM 511  H HB3  . ASP A 1 33 ? 9.525   -4.947  0.277   1.00 0.00 ? 33 ASP A HB3  1 
ATOM 512  N N    . VAL A 1 34 ? 9.044   -3.686  2.953   1.00 0.00 ? 34 VAL A N    1 
ATOM 513  C CA   . VAL A 1 34 ? 7.938   -2.994  3.586   1.00 0.00 ? 34 VAL A CA   1 
ATOM 514  C C    . VAL A 1 34 ? 7.256   -2.375  2.394   1.00 0.00 ? 34 VAL A C    1 
ATOM 515  O O    . VAL A 1 34 ? 7.543   -2.532  1.228   1.00 0.00 ? 34 VAL A O    1 
ATOM 516  C CB   . VAL A 1 34 ? 8.480   -1.887  4.499   1.00 0.00 ? 34 VAL A CB   1 
ATOM 517  C CG1  . VAL A 1 34 ? 7.597   -1.627  5.686   1.00 0.00 ? 34 VAL A CG1  1 
ATOM 518  C CG2  . VAL A 1 34 ? 9.839   -2.277  5.052   1.00 0.00 ? 34 VAL A CG2  1 
ATOM 519  H H    . VAL A 1 34 ? 9.727   -3.074  2.630   1.00 0.00 ? 34 VAL A H    1 
ATOM 520  H HA   . VAL A 1 34 ? 7.295   -3.722  4.070   1.00 0.00 ? 34 VAL A HA   1 
ATOM 521  H HB   . VAL A 1 34 ? 8.602   -1.011  3.854   1.00 0.00 ? 34 VAL A HB   1 
ATOM 522  H HG11 . VAL A 1 34 ? 7.529   -2.557  6.232   1.00 0.00 ? 34 VAL A HG11 1 
ATOM 523  H HG12 . VAL A 1 34 ? 8.075   -0.884  6.302   1.00 0.00 ? 34 VAL A HG12 1 
ATOM 524  H HG13 . VAL A 1 34 ? 6.618   -1.279  5.424   1.00 0.00 ? 34 VAL A HG13 1 
ATOM 525  H HG21 . VAL A 1 34 ? 9.740   -3.228  5.551   1.00 0.00 ? 34 VAL A HG21 1 
ATOM 526  H HG22 . VAL A 1 34 ? 10.545  -2.364  4.237   1.00 0.00 ? 34 VAL A HG22 1 
ATOM 527  H HG23 . VAL A 1 34 ? 10.187  -1.529  5.750   1.00 0.00 ? 34 VAL A HG23 1 
ATOM 528  N N    . LEU A 1 35 ? 6.327   -1.633  2.842   1.00 0.00 ? 35 LEU A N    1 
ATOM 529  C CA   . LEU A 1 35 ? 5.457   -0.871  1.944   1.00 0.00 ? 35 LEU A CA   1 
ATOM 530  C C    . LEU A 1 35 ? 5.366   0.478   2.614   1.00 0.00 ? 35 LEU A C    1 
ATOM 531  O O    . LEU A 1 35 ? 6.287   1.271   2.497   1.00 0.00 ? 35 LEU A O    1 
ATOM 532  C CB   . LEU A 1 35 ? 4.122   -1.706  1.835   1.00 0.00 ? 35 LEU A CB   1 
ATOM 533  C CG   . LEU A 1 35 ? 4.275   -2.930  0.777   1.00 0.00 ? 35 LEU A CG   1 
ATOM 534  C CD1  . LEU A 1 35 ? 4.141   -2.500  -0.678  1.00 0.00 ? 35 LEU A CD1  1 
ATOM 535  C CD2  . LEU A 1 35 ? 4.865   -4.398  1.006   1.00 0.00 ? 35 LEU A CD2  1 
ATOM 536  H H    . LEU A 1 35 ? 6.266   -1.628  3.822   1.00 0.00 ? 35 LEU A H    1 
ATOM 537  H HA   . LEU A 1 35 ? 5.933   -0.748  0.987   1.00 0.00 ? 35 LEU A HA   1 
ATOM 538  H HB2  . LEU A 1 35 ? 3.819   -2.047  2.808   1.00 0.00 ? 35 LEU A HB2  1 
ATOM 539  H HB3  . LEU A 1 35 ? 3.336   -1.055  1.475   1.00 0.00 ? 35 LEU A HB3  1 
ATOM 540  H HG   . LEU A 1 35 ? 5.320   -2.704  0.712   1.00 0.00 ? 35 LEU A HG   1 
ATOM 541  H HD11 . LEU A 1 35 ? 3.232   -1.941  -0.839  1.00 0.00 ? 35 LEU A HD11 1 
ATOM 542  H HD12 . LEU A 1 35 ? 4.991   -1.864  -0.895  1.00 0.00 ? 35 LEU A HD12 1 
ATOM 543  H HD13 . LEU A 1 35 ? 4.163   -3.355  -1.333  1.00 0.00 ? 35 LEU A HD13 1 
ATOM 544  H HD21 . LEU A 1 35 ? 4.572   -4.774  1.968   1.00 0.00 ? 35 LEU A HD21 1 
ATOM 545  H HD22 . LEU A 1 35 ? 4.466   -5.069  0.257   1.00 0.00 ? 35 LEU A HD22 1 
ATOM 546  H HD23 . LEU A 1 35 ? 5.953   -4.491  0.936   1.00 0.00 ? 35 LEU A HD23 1 
ATOM 547  N N    . CYS A 1 36 ? 4.294   0.681   3.308   1.00 0.00 ? 36 CYS A N    1 
ATOM 548  C CA   . CYS A 1 36 ? 4.053   1.965   4.020   1.00 0.00 ? 36 CYS A CA   1 
ATOM 549  C C    . CYS A 1 36 ? 3.929   1.706   5.497   1.00 0.00 ? 36 CYS A C    1 
ATOM 550  O O    . CYS A 1 36 ? 3.924   0.569   5.920   1.00 0.00 ? 36 CYS A O    1 
ATOM 551  C CB   . CYS A 1 36 ? 2.736   2.605   3.558   1.00 0.00 ? 36 CYS A CB   1 
ATOM 552  S SG   . CYS A 1 36 ? 1.740   1.730   2.327   1.00 0.00 ? 36 CYS A SG   1 
ATOM 553  H H    . CYS A 1 36 ? 3.637   -0.036  3.371   1.00 0.00 ? 36 CYS A H    1 
ATOM 554  H HA   . CYS A 1 36 ? 4.889   2.629   3.863   1.00 0.00 ? 36 CYS A HA   1 
ATOM 555  H HB2  . CYS A 1 36 ? 2.068   2.696   4.404   1.00 0.00 ? 36 CYS A HB2  1 
ATOM 556  H HB3  . CYS A 1 36 ? 2.964   3.602   3.216   1.00 0.00 ? 36 CYS A HB3  1 
ATOM 557  H HG   . CYS A 1 36 ? 2.067   1.980   1.460   1.00 0.00 ? 36 CYS A HG   1 
ATOM 558  N N    . GLU A 1 37 ? 3.824   2.799   6.191   1.00 0.00 ? 37 GLU A N    1 
ATOM 559  C CA   . GLU A 1 37 ? 3.683   2.809   7.674   1.00 0.00 ? 37 GLU A CA   1 
ATOM 560  C C    . GLU A 1 37 ? 2.394   3.654   7.719   1.00 0.00 ? 37 GLU A C    1 
ATOM 561  O O    . GLU A 1 37 ? 2.441   4.843   7.421   1.00 0.00 ? 37 GLU A O    1 
ATOM 562  C CB   . GLU A 1 37 ? 4.936   3.535   8.333   1.00 0.00 ? 37 GLU A CB   1 
ATOM 563  C CG   . GLU A 1 37 ? 5.422   2.856   9.671   1.00 0.00 ? 37 GLU A CG   1 
ATOM 564  C CD   . GLU A 1 37 ? 6.785   3.421   10.056  1.00 0.00 ? 37 GLU A CD   1 
ATOM 565  O OE1  . GLU A 1 37 ? 6.917   4.620   10.200  1.00 0.00 ? 37 GLU A OE1  1 
ATOM 566  O OE2  . GLU A 1 37 ? 7.728   2.668   10.196  1.00 0.00 ? 37 GLU A OE2  1 
ATOM 567  H H    . GLU A 1 37 ? 3.827   3.659   5.706   1.00 0.00 ? 37 GLU A H    1 
ATOM 568  H HA   . GLU A 1 37 ? 3.492   1.802   8.023   1.00 0.00 ? 37 GLU A HA   1 
ATOM 569  H HB2  . GLU A 1 37 ? 5.767   3.567   7.653   1.00 0.00 ? 37 GLU A HB2  1 
ATOM 570  H HB3  . GLU A 1 37 ? 4.672   4.552   8.581   1.00 0.00 ? 37 GLU A HB3  1 
ATOM 571  H HG2  . GLU A 1 37 ? 4.734   3.056   10.482  1.00 0.00 ? 37 GLU A HG2  1 
ATOM 572  H HG3  . GLU A 1 37 ? 5.495   1.781   9.562   1.00 0.00 ? 37 GLU A HG3  1 
ATOM 573  N N    . VAL A 1 38 ? 1.296   3.040   8.067   1.00 0.00 ? 38 VAL A N    1 
ATOM 574  C CA   . VAL A 1 38 ? -0.014  3.758   8.138   1.00 0.00 ? 38 VAL A CA   1 
ATOM 575  C C    . VAL A 1 38 ? -0.501  3.791   9.584   1.00 0.00 ? 38 VAL A C    1 
ATOM 576  O O    . VAL A 1 38 ? -0.185  2.904   10.355  1.00 0.00 ? 38 VAL A O    1 
ATOM 577  C CB   . VAL A 1 38 ? -1.011  2.995   7.218   1.00 0.00 ? 38 VAL A CB   1 
ATOM 578  C CG1  . VAL A 1 38 ? -2.418  3.645   7.147   1.00 0.00 ? 38 VAL A CG1  1 
ATOM 579  C CG2  . VAL A 1 38 ? -0.405  2.899   5.798   1.00 0.00 ? 38 VAL A CG2  1 
ATOM 580  H H    . VAL A 1 38 ? 1.327   2.085   8.295   1.00 0.00 ? 38 VAL A H    1 
ATOM 581  H HA   . VAL A 1 38 ? 0.127   4.771   7.809   1.00 0.00 ? 38 VAL A HA   1 
ATOM 582  H HB   . VAL A 1 38 ? -1.111  2.004   7.642   1.00 0.00 ? 38 VAL A HB   1 
ATOM 583  H HG11 . VAL A 1 38 ? -2.861  3.698   8.136   1.00 0.00 ? 38 VAL A HG11 1 
ATOM 584  H HG12 . VAL A 1 38 ? -2.345  4.641   6.752   1.00 0.00 ? 38 VAL A HG12 1 
ATOM 585  H HG13 . VAL A 1 38 ? -3.070  3.060   6.518   1.00 0.00 ? 38 VAL A HG13 1 
ATOM 586  H HG21 . VAL A 1 38 ? -0.154  3.881   5.426   1.00 0.00 ? 38 VAL A HG21 1 
ATOM 587  H HG22 . VAL A 1 38 ? 0.499   2.309   5.840   1.00 0.00 ? 38 VAL A HG22 1 
ATOM 588  H HG23 . VAL A 1 38 ? -1.084  2.423   5.111   1.00 0.00 ? 38 VAL A HG23 1 
ATOM 589  N N    . GLN A 1 39 ? -1.256  4.801   9.902   1.00 0.00 ? 39 GLN A N    1 
ATOM 590  C CA   . GLN A 1 39 ? -1.794  4.947   11.277  1.00 0.00 ? 39 GLN A CA   1 
ATOM 591  C C    . GLN A 1 39 ? -3.302  4.784   11.162  1.00 0.00 ? 39 GLN A C    1 
ATOM 592  O O    . GLN A 1 39 ? -3.899  5.035   10.131  1.00 0.00 ? 39 GLN A O    1 
ATOM 593  C CB   . GLN A 1 39 ? -1.383  6.346   11.799  1.00 0.00 ? 39 GLN A CB   1 
ATOM 594  C CG   . GLN A 1 39 ? -1.936  6.665   13.224  1.00 0.00 ? 39 GLN A CG   1 
ATOM 595  C CD   . GLN A 1 39 ? -1.228  7.918   13.738  1.00 0.00 ? 39 GLN A CD   1 
ATOM 596  O OE1  . GLN A 1 39 ? -0.407  7.888   14.625  1.00 0.00 ? 39 GLN A OE1  1 
ATOM 597  N NE2  . GLN A 1 39 ? -1.497  9.059   13.209  1.00 0.00 ? 39 GLN A NE2  1 
ATOM 598  H H    . GLN A 1 39 ? -1.480  5.490   9.237   1.00 0.00 ? 39 GLN A H    1 
ATOM 599  H HA   . GLN A 1 39 ? -1.418  4.160   11.903  1.00 0.00 ? 39 GLN A HA   1 
ATOM 600  H HB2  . GLN A 1 39 ? -0.309  6.452   11.800  1.00 0.00 ? 39 GLN A HB2  1 
ATOM 601  H HB3  . GLN A 1 39 ? -1.771  7.058   11.085  1.00 0.00 ? 39 GLN A HB3  1 
ATOM 602  H HG2  . GLN A 1 39 ? -2.991  6.893   13.174  1.00 0.00 ? 39 GLN A HG2  1 
ATOM 603  H HG3  . GLN A 1 39 ? -1.778  5.862   13.929  1.00 0.00 ? 39 GLN A HG3  1 
ATOM 604  H HE21 . GLN A 1 39 ? -2.185  9.104   12.512  1.00 0.00 ? 39 GLN A HE21 1 
ATOM 605  H HE22 . GLN A 1 39 ? -1.051  9.883   13.461  1.00 0.00 ? 39 GLN A HE22 1 
ATOM 606  N N    . ASN A 1 40 ? -3.870  4.343   12.240  1.00 0.00 ? 40 ASN A N    1 
ATOM 607  C CA   . ASN A 1 40 ? -5.328  4.120   12.349  1.00 0.00 ? 40 ASN A CA   1 
ATOM 608  C C    . ASN A 1 40 ? -5.646  4.191   13.831  1.00 0.00 ? 40 ASN A C    1 
ATOM 609  O O    . ASN A 1 40 ? -4.746  4.342   14.630  1.00 0.00 ? 40 ASN A O    1 
ATOM 610  C CB   . ASN A 1 40 ? -5.726  2.729   11.756  1.00 0.00 ? 40 ASN A CB   1 
ATOM 611  C CG   . ASN A 1 40 ? -4.909  1.538   12.262  1.00 0.00 ? 40 ASN A CG   1 
ATOM 612  O OD1  . ASN A 1 40 ? -3.741  1.384   11.977  1.00 0.00 ? 40 ASN A OD1  1 
ATOM 613  N ND2  . ASN A 1 40 ? -5.462  0.644   13.012  1.00 0.00 ? 40 ASN A ND2  1 
ATOM 614  H H    . ASN A 1 40 ? -3.324  4.140   13.034  1.00 0.00 ? 40 ASN A H    1 
ATOM 615  H HA   . ASN A 1 40 ? -5.835  4.925   11.835  1.00 0.00 ? 40 ASN A HA   1 
ATOM 616  H HB2  . ASN A 1 40 ? -6.765  2.532   11.969  1.00 0.00 ? 40 ASN A HB2  1 
ATOM 617  H HB3  . ASN A 1 40 ? -5.601  2.784   10.688  1.00 0.00 ? 40 ASN A HB3  1 
ATOM 618  H HD21 . ASN A 1 40 ? -6.400  0.735   13.293  1.00 0.00 ? 40 ASN A HD21 1 
ATOM 619  H HD22 . ASN A 1 40 ? -4.962  -0.133  13.315  1.00 0.00 ? 40 ASN A HD22 1 
ATOM 620  N N    . ASP A 1 41 ? -6.911  4.081   14.127  1.00 0.00 ? 41 ASP A N    1 
ATOM 621  C CA   . ASP A 1 41 ? -7.459  4.132   15.517  1.00 0.00 ? 41 ASP A CA   1 
ATOM 622  C C    . ASP A 1 41 ? -6.460  4.073   16.680  1.00 0.00 ? 41 ASP A C    1 
ATOM 623  O O    . ASP A 1 41 ? -6.406  4.985   17.480  1.00 0.00 ? 41 ASP A O    1 
ATOM 624  C CB   . ASP A 1 41 ? -8.495  2.982   15.695  1.00 0.00 ? 41 ASP A CB   1 
ATOM 625  C CG   . ASP A 1 41 ? -7.896  1.595   15.794  1.00 0.00 ? 41 ASP A CG   1 
ATOM 626  O OD1  . ASP A 1 41 ? -7.041  1.295   14.999  1.00 0.00 ? 41 ASP A OD1  1 
ATOM 627  O OD2  . ASP A 1 41 ? -8.331  0.893   16.680  1.00 0.00 ? 41 ASP A OD2  1 
ATOM 628  H H    . ASP A 1 41 ? -7.544  3.948   13.400  1.00 0.00 ? 41 ASP A H    1 
ATOM 629  H HA   . ASP A 1 41 ? -7.987  5.069   15.607  1.00 0.00 ? 41 ASP A HA   1 
ATOM 630  H HB2  . ASP A 1 41 ? -9.075  3.203   16.566  1.00 0.00 ? 41 ASP A HB2  1 
ATOM 631  H HB3  . ASP A 1 41 ? -9.155  2.973   14.848  1.00 0.00 ? 41 ASP A HB3  1 
ATOM 632  N N    . LYS A 1 42 ? -5.729  3.007   16.759  1.00 0.00 ? 42 LYS A N    1 
ATOM 633  C CA   . LYS A 1 42 ? -4.716  2.820   17.838  1.00 0.00 ? 42 LYS A CA   1 
ATOM 634  C C    . LYS A 1 42 ? -3.456  2.236   17.254  1.00 0.00 ? 42 LYS A C    1 
ATOM 635  O O    . LYS A 1 42 ? -2.439  2.224   17.920  1.00 0.00 ? 42 LYS A O    1 
ATOM 636  C CB   . LYS A 1 42 ? -5.172  1.820   18.919  1.00 0.00 ? 42 LYS A CB   1 
ATOM 637  C CG   . LYS A 1 42 ? -6.462  2.308   19.577  1.00 0.00 ? 42 LYS A CG   1 
ATOM 638  C CD   . LYS A 1 42 ? -7.055  1.166   20.465  1.00 0.00 ? 42 LYS A CD   1 
ATOM 639  C CE   . LYS A 1 42 ? -8.579  1.324   20.463  1.00 0.00 ? 42 LYS A CE   1 
ATOM 640  N NZ   . LYS A 1 42 ? -8.990  1.372   19.034  1.00 0.00 ? 42 LYS A NZ   1 
ATOM 641  H H    . LYS A 1 42 ? -5.868  2.328   16.069  1.00 0.00 ? 42 LYS A H    1 
ATOM 642  H HA   . LYS A 1 42 ? -4.468  3.783   18.259  1.00 0.00 ? 42 LYS A HA   1 
ATOM 643  H HB2  . LYS A 1 42 ? -5.301  0.849   18.454  1.00 0.00 ? 42 LYS A HB2  1 
ATOM 644  H HB3  . LYS A 1 42 ? -4.372  1.735   19.649  1.00 0.00 ? 42 LYS A HB3  1 
ATOM 645  H HG2  . LYS A 1 42 ? -6.206  3.155   20.199  1.00 0.00 ? 42 LYS A HG2  1 
ATOM 646  H HG3  . LYS A 1 42 ? -7.112  2.675   18.799  1.00 0.00 ? 42 LYS A HG3  1 
ATOM 647  H HD2  . LYS A 1 42 ? -6.777  0.186   20.092  1.00 0.00 ? 42 LYS A HD2  1 
ATOM 648  H HD3  . LYS A 1 42 ? -6.681  1.252   21.481  1.00 0.00 ? 42 LYS A HD3  1 
ATOM 649  H HE2  . LYS A 1 42 ? -9.060  0.493   20.963  1.00 0.00 ? 42 LYS A HE2  1 
ATOM 650  H HE3  . LYS A 1 42 ? -8.860  2.246   20.955  1.00 0.00 ? 42 LYS A HE3  1 
ATOM 651  H HZ1  . LYS A 1 42 ? -8.141  1.293   18.429  1.00 0.00 ? 42 LYS A HZ1  1 
ATOM 652  H HZ2  . LYS A 1 42 ? -9.562  0.578   18.685  1.00 0.00 ? 42 LYS A HZ2  1 
ATOM 653  H HZ3  . LYS A 1 42 ? -9.434  2.254   18.717  1.00 0.00 ? 42 LYS A HZ3  1 
ATOM 654  N N    . ALA A 1 43 ? -3.515  1.750   16.051  1.00 0.00 ? 43 ALA A N    1 
ATOM 655  C CA   . ALA A 1 43 ? -2.280  1.163   15.488  1.00 0.00 ? 43 ALA A CA   1 
ATOM 656  C C    . ALA A 1 43 ? -1.607  2.046   14.448  1.00 0.00 ? 43 ALA A C    1 
ATOM 657  O O    . ALA A 1 43 ? -2.227  2.856   13.797  1.00 0.00 ? 43 ALA A O    1 
ATOM 658  C CB   . ALA A 1 43 ? -2.704  -0.161  14.905  1.00 0.00 ? 43 ALA A CB   1 
ATOM 659  H H    . ALA A 1 43 ? -4.338  1.768   15.513  1.00 0.00 ? 43 ALA A H    1 
ATOM 660  H HA   . ALA A 1 43 ? -1.578  0.968   16.290  1.00 0.00 ? 43 ALA A HA   1 
ATOM 661  H HB1  . ALA A 1 43 ? -3.200  -0.763  15.647  1.00 0.00 ? 43 ALA A HB1  1 
ATOM 662  H HB2  . ALA A 1 43 ? -3.395  0.075   14.117  1.00 0.00 ? 43 ALA A HB2  1 
ATOM 663  H HB3  . ALA A 1 43 ? -1.859  -0.691  14.517  1.00 0.00 ? 43 ALA A HB3  1 
ATOM 664  N N    . VAL A 1 44 ? -0.327  1.836   14.361  1.00 0.00 ? 44 VAL A N    1 
ATOM 665  C CA   . VAL A 1 44 ? 0.565   2.538   13.433  1.00 0.00 ? 44 VAL A CA   1 
ATOM 666  C C    . VAL A 1 44 ? 1.219   1.251   12.923  1.00 0.00 ? 44 VAL A C    1 
ATOM 667  O O    . VAL A 1 44 ? 2.046   0.711   13.644  1.00 0.00 ? 44 VAL A O    1 
ATOM 668  C CB   . VAL A 1 44 ? 1.539   3.419   14.224  1.00 0.00 ? 44 VAL A CB   1 
ATOM 669  C CG1  . VAL A 1 44 ? 2.253   4.323   13.191  1.00 0.00 ? 44 VAL A CG1  1 
ATOM 670  C CG2  . VAL A 1 44 ? 0.763   4.269   15.267  1.00 0.00 ? 44 VAL A CG2  1 
ATOM 671  H H    . VAL A 1 44 ? 0.112   1.187   14.940  1.00 0.00 ? 44 VAL A H    1 
ATOM 672  H HA   . VAL A 1 44 ? 0.003   3.030   12.665  1.00 0.00 ? 44 VAL A HA   1 
ATOM 673  H HB   . VAL A 1 44 ? 2.224   2.757   14.734  1.00 0.00 ? 44 VAL A HB   1 
ATOM 674  H HG11 . VAL A 1 44 ? 2.694   3.698   12.422  1.00 0.00 ? 44 VAL A HG11 1 
ATOM 675  H HG12 . VAL A 1 44 ? 1.552   4.988   12.707  1.00 0.00 ? 44 VAL A HG12 1 
ATOM 676  H HG13 . VAL A 1 44 ? 3.028   4.914   13.655  1.00 0.00 ? 44 VAL A HG13 1 
ATOM 677  H HG21 . VAL A 1 44 ? 0.193   3.627   15.926  1.00 0.00 ? 44 VAL A HG21 1 
ATOM 678  H HG22 . VAL A 1 44 ? 1.458   4.839   15.865  1.00 0.00 ? 44 VAL A HG22 1 
ATOM 679  H HG23 . VAL A 1 44 ? 0.075   4.960   14.806  1.00 0.00 ? 44 VAL A HG23 1 
ATOM 680  N N    . VAL A 1 45 ? 0.856   0.768   11.767  1.00 0.00 ? 45 VAL A N    1 
ATOM 681  C CA   . VAL A 1 45 ? 1.482   -0.499  11.276  1.00 0.00 ? 45 VAL A CA   1 
ATOM 682  C C    . VAL A 1 45 ? 1.882   -0.499  9.780   1.00 0.00 ? 45 VAL A C    1 
ATOM 683  O O    . VAL A 1 45 ? 1.963   0.514   9.119   1.00 0.00 ? 45 VAL A O    1 
ATOM 684  C CB   . VAL A 1 45 ? 0.498   -1.665  11.562  1.00 0.00 ? 45 VAL A CB   1 
ATOM 685  C CG1  . VAL A 1 45 ? 1.234   -2.887  12.153  1.00 0.00 ? 45 VAL A CG1  1 
ATOM 686  C CG2  . VAL A 1 45 ? -0.552  -1.243  12.577  1.00 0.00 ? 45 VAL A CG2  1 
ATOM 687  H H    . VAL A 1 45 ? 0.180   1.241   11.241  1.00 0.00 ? 45 VAL A H    1 
ATOM 688  H HA   . VAL A 1 45 ? 2.379   -0.609  11.873  1.00 0.00 ? 45 VAL A HA   1 
ATOM 689  H HB   . VAL A 1 45 ? -0.067  -1.858  10.659  1.00 0.00 ? 45 VAL A HB   1 
ATOM 690  H HG11 . VAL A 1 45 ? 2.022   -3.249  11.509  1.00 0.00 ? 45 VAL A HG11 1 
ATOM 691  H HG12 . VAL A 1 45 ? 1.681   -2.642  13.107  1.00 0.00 ? 45 VAL A HG12 1 
ATOM 692  H HG13 . VAL A 1 45 ? 0.515   -3.666  12.322  1.00 0.00 ? 45 VAL A HG13 1 
ATOM 693  H HG21 . VAL A 1 45 ? -1.060  -0.359  12.208  1.00 0.00 ? 45 VAL A HG21 1 
ATOM 694  H HG22 . VAL A 1 45 ? -1.270  -2.036  12.696  1.00 0.00 ? 45 VAL A HG22 1 
ATOM 695  H HG23 . VAL A 1 45 ? -0.071  -1.017  13.514  1.00 0.00 ? 45 VAL A HG23 1 
ATOM 696  N N    . GLU A 1 46 ? 2.105   -1.705  9.339   1.00 0.00 ? 46 GLU A N    1 
ATOM 697  C CA   . GLU A 1 46 ? 2.528   -2.055  7.952   1.00 0.00 ? 46 GLU A CA   1 
ATOM 698  C C    . GLU A 1 46 ? 1.696   -3.039  7.093   1.00 0.00 ? 46 GLU A C    1 
ATOM 699  O O    . GLU A 1 46 ? 0.708   -3.635  7.487   1.00 0.00 ? 46 GLU A O    1 
ATOM 700  C CB   . GLU A 1 46 ? 3.968   -2.624  8.106   1.00 0.00 ? 46 GLU A CB   1 
ATOM 701  C CG   . GLU A 1 46 ? 3.895   -3.899  9.023   1.00 0.00 ? 46 GLU A CG   1 
ATOM 702  C CD   . GLU A 1 46 ? 5.266   -4.527  9.221   1.00 0.00 ? 46 GLU A CD   1 
ATOM 703  O OE1  . GLU A 1 46 ? 5.661   -5.240  8.320   1.00 0.00 ? 46 GLU A OE1  1 
ATOM 704  O OE2  . GLU A 1 46 ? 5.825   -4.257  10.266  1.00 0.00 ? 46 GLU A OE2  1 
ATOM 705  H H    . GLU A 1 46 ? 1.982   -2.438  9.960   1.00 0.00 ? 46 GLU A H    1 
ATOM 706  H HA   . GLU A 1 46 ? 2.570   -1.122  7.417   1.00 0.00 ? 46 GLU A HA   1 
ATOM 707  H HB2  . GLU A 1 46 ? 4.413   -2.890  7.169   1.00 0.00 ? 46 GLU A HB2  1 
ATOM 708  H HB3  . GLU A 1 46 ? 4.601   -1.899  8.577   1.00 0.00 ? 46 GLU A HB3  1 
ATOM 709  H HG2  . GLU A 1 46 ? 3.491   -3.699  9.999   1.00 0.00 ? 46 GLU A HG2  1 
ATOM 710  H HG3  . GLU A 1 46 ? 3.260   -4.628  8.558   1.00 0.00 ? 46 GLU A HG3  1 
ATOM 711  N N    . ILE A 1 47 ? 2.207   -3.135  5.896   1.00 0.00 ? 47 ILE A N    1 
ATOM 712  C CA   . ILE A 1 47 ? 1.702   -3.986  4.829   1.00 0.00 ? 47 ILE A CA   1 
ATOM 713  C C    . ILE A 1 47 ? 3.160   -4.556  4.560   1.00 0.00 ? 47 ILE A C    1 
ATOM 714  O O    . ILE A 1 47 ? 3.950   -3.773  4.067   1.00 0.00 ? 47 ILE A O    1 
ATOM 715  C CB   . ILE A 1 47 ? 1.142   -3.115  3.645   1.00 0.00 ? 47 ILE A CB   1 
ATOM 716  C CG1  . ILE A 1 47 ? -0.287  -2.520  3.941   1.00 0.00 ? 47 ILE A CG1  1 
ATOM 717  C CG2  . ILE A 1 47 ? 1.069   -3.918  2.380   1.00 0.00 ? 47 ILE A CG2  1 
ATOM 718  C CD1  . ILE A 1 47 ? -0.198  -1.315  4.826   1.00 0.00 ? 47 ILE A CD1  1 
ATOM 719  H H    . ILE A 1 47 ? 2.999   -2.627  5.611   1.00 0.00 ? 47 ILE A H    1 
ATOM 720  H HA   . ILE A 1 47 ? 0.995   -4.689  5.213   1.00 0.00 ? 47 ILE A HA   1 
ATOM 721  H HB   . ILE A 1 47 ? 1.843   -2.329  3.420   1.00 0.00 ? 47 ILE A HB   1 
ATOM 722  H HG12 . ILE A 1 47 ? -0.826  -2.252  3.034   1.00 0.00 ? 47 ILE A HG12 1 
ATOM 723  H HG13 . ILE A 1 47 ? -0.866  -3.244  4.520   1.00 0.00 ? 47 ILE A HG13 1 
ATOM 724  H HG21 . ILE A 1 47 ? 2.081   -4.267  2.205   1.00 0.00 ? 47 ILE A HG21 1 
ATOM 725  H HG22 . ILE A 1 47 ? 0.383   -4.754  2.453   1.00 0.00 ? 47 ILE A HG22 1 
ATOM 726  H HG23 . ILE A 1 47 ? 0.787   -3.253  1.577   1.00 0.00 ? 47 ILE A HG23 1 
ATOM 727  H HD11 . ILE A 1 47 ? 0.476   -0.549  4.462   1.00 0.00 ? 47 ILE A HD11 1 
ATOM 728  H HD12 . ILE A 1 47 ? -1.184  -0.900  4.888   1.00 0.00 ? 47 ILE A HD12 1 
ATOM 729  H HD13 . ILE A 1 47 ? 0.090   -1.634  5.812   1.00 0.00 ? 47 ILE A HD13 1 
ATOM 730  N N    . PRO A 1 48 ? 3.551   -5.779  4.869   1.00 0.00 ? 48 PRO A N    1 
ATOM 731  C CA   . PRO A 1 48 ? 4.805   -6.391  4.309   1.00 0.00 ? 48 PRO A CA   1 
ATOM 732  C C    . PRO A 1 48 ? 4.512   -6.936  2.919   1.00 0.00 ? 48 PRO A C    1 
ATOM 733  O O    . PRO A 1 48 ? 3.444   -6.721  2.378   1.00 0.00 ? 48 PRO A O    1 
ATOM 734  C CB   . PRO A 1 48 ? 5.161   -7.456  5.307   1.00 0.00 ? 48 PRO A CB   1 
ATOM 735  C CG   . PRO A 1 48 ? 3.768   -7.998  5.651   1.00 0.00 ? 48 PRO A CG   1 
ATOM 736  C CD   . PRO A 1 48 ? 2.876   -6.707  5.816   1.00 0.00 ? 48 PRO A CD   1 
ATOM 737  H HA   . PRO A 1 48 ? 5.619   -5.693  4.227   1.00 0.00 ? 48 PRO A HA   1 
ATOM 738  H HB2  . PRO A 1 48 ? 5.792   -8.206  4.853   1.00 0.00 ? 48 PRO A HB2  1 
ATOM 739  H HB3  . PRO A 1 48 ? 5.662   -7.009  6.160   1.00 0.00 ? 48 PRO A HB3  1 
ATOM 740  H HG2  . PRO A 1 48 ? 3.459   -8.632  4.838   1.00 0.00 ? 48 PRO A HG2  1 
ATOM 741  H HG3  . PRO A 1 48 ? 3.824   -8.566  6.557   1.00 0.00 ? 48 PRO A HG3  1 
ATOM 742  H HD2  . PRO A 1 48 ? 1.846   -6.862  5.511   1.00 0.00 ? 48 PRO A HD2  1 
ATOM 743  H HD3  . PRO A 1 48 ? 2.909   -6.261  6.804   1.00 0.00 ? 48 PRO A HD3  1 
ATOM 744  N N    . SER A 1 49 ? 5.448   -7.642  2.379   1.00 0.00 ? 49 SER A N    1 
ATOM 745  C CA   . SER A 1 49 ? 5.180   -8.187  0.999   1.00 0.00 ? 49 SER A CA   1 
ATOM 746  C C    . SER A 1 49 ? 4.449   -9.493  1.292   1.00 0.00 ? 49 SER A C    1 
ATOM 747  O O    . SER A 1 49 ? 4.941   -10.251 2.099   1.00 0.00 ? 49 SER A O    1 
ATOM 748  C CB   . SER A 1 49 ? 6.474   -8.551  0.168   1.00 0.00 ? 49 SER A CB   1 
ATOM 749  O OG   . SER A 1 49 ? 7.360   -7.486  0.519   1.00 0.00 ? 49 SER A OG   1 
ATOM 750  H H    . SER A 1 49 ? 6.251   -7.775  2.924   1.00 0.00 ? 49 SER A H    1 
ATOM 751  H HA   . SER A 1 49 ? 4.541   -7.517  0.448   1.00 0.00 ? 49 SER A HA   1 
ATOM 752  H HB2  . SER A 1 49 ? 6.912   -9.523  0.398   1.00 0.00 ? 49 SER A HB2  1 
ATOM 753  H HB3  . SER A 1 49 ? 6.273   -8.582  -0.902  1.00 0.00 ? 49 SER A HB3  1 
ATOM 754  H HG   . SER A 1 49 ? 7.140   -6.692  0.010   1.00 0.00 ? 49 SER A HG   1 
ATOM 755  N N    . PRO A 1 50 ? 3.308   -9.757  0.693   1.00 0.00 ? 50 PRO A N    1 
ATOM 756  C CA   . PRO A 1 50 ? 2.961   -11.141 0.288   1.00 0.00 ? 50 PRO A CA   1 
ATOM 757  C C    . PRO A 1 50 ? 3.818   -11.547 -0.903  1.00 0.00 ? 50 PRO A C    1 
ATOM 758  O O    . PRO A 1 50 ? 4.238   -12.680 -0.960  1.00 0.00 ? 50 PRO A O    1 
ATOM 759  C CB   . PRO A 1 50 ? 1.448   -11.100 -0.028  1.00 0.00 ? 50 PRO A CB   1 
ATOM 760  C CG   . PRO A 1 50 ? 0.979   -9.759  0.622   1.00 0.00 ? 50 PRO A CG   1 
ATOM 761  C CD   . PRO A 1 50 ? 2.194   -8.811  0.389   1.00 0.00 ? 50 PRO A CD   1 
ATOM 762  H HA   . PRO A 1 50 ? 3.190   -11.805 1.113   1.00 0.00 ? 50 PRO A HA   1 
ATOM 763  H HB2  . PRO A 1 50 ? 1.252   -11.139 -1.088  1.00 0.00 ? 50 PRO A HB2  1 
ATOM 764  H HB3  . PRO A 1 50 ? 0.966   -11.941 0.447   1.00 0.00 ? 50 PRO A HB3  1 
ATOM 765  H HG2  . PRO A 1 50 ? 0.082   -9.387  0.148   1.00 0.00 ? 50 PRO A HG2  1 
ATOM 766  H HG3  . PRO A 1 50 ? 0.793   -9.905  1.679   1.00 0.00 ? 50 PRO A HG3  1 
ATOM 767  H HD2  . PRO A 1 50 ? 2.246   -8.449  -0.633  1.00 0.00 ? 50 PRO A HD2  1 
ATOM 768  H HD3  . PRO A 1 50 ? 2.178   -7.982  1.084   1.00 0.00 ? 50 PRO A HD3  1 
ATOM 769  N N    . VAL A 1 51 ? 4.004   -10.634 -1.822  1.00 0.00 ? 51 VAL A N    1 
ATOM 770  C CA   . VAL A 1 51 ? 4.828   -10.936 -2.991  1.00 0.00 ? 51 VAL A CA   1 
ATOM 771  C C    . VAL A 1 51 ? 5.712   -9.785  -3.383  1.00 0.00 ? 51 VAL A C    1 
ATOM 772  O O    . VAL A 1 51 ? 5.512   -8.640  -3.008  1.00 0.00 ? 51 VAL A O    1 
ATOM 773  C CB   . VAL A 1 51 ? 3.878   -11.362 -4.142  1.00 0.00 ? 51 VAL A CB   1 
ATOM 774  C CG1  . VAL A 1 51 ? 2.460   -10.772 -3.999  1.00 0.00 ? 51 VAL A CG1  1 
ATOM 775  C CG2  . VAL A 1 51 ? 4.400   -11.078 -5.507  1.00 0.00 ? 51 VAL A CG2  1 
ATOM 776  H H    . VAL A 1 51 ? 3.629   -9.743  -1.815  1.00 0.00 ? 51 VAL A H    1 
ATOM 777  H HA   . VAL A 1 51 ? 5.471   -11.760 -2.773  1.00 0.00 ? 51 VAL A HA   1 
ATOM 778  H HB   . VAL A 1 51 ? 3.976   -12.430 -4.075  1.00 0.00 ? 51 VAL A HB   1 
ATOM 779  H HG11 . VAL A 1 51 ? 2.537   -9.690  -3.951  1.00 0.00 ? 51 VAL A HG11 1 
ATOM 780  H HG12 . VAL A 1 51 ? 1.836   -11.047 -4.838  1.00 0.00 ? 51 VAL A HG12 1 
ATOM 781  H HG13 . VAL A 1 51 ? 2.010   -11.145 -3.093  1.00 0.00 ? 51 VAL A HG13 1 
ATOM 782  H HG21 . VAL A 1 51 ? 5.333   -11.605 -5.585  1.00 0.00 ? 51 VAL A HG21 1 
ATOM 783  H HG22 . VAL A 1 51 ? 3.718   -11.408 -6.266  1.00 0.00 ? 51 VAL A HG22 1 
ATOM 784  H HG23 . VAL A 1 51 ? 4.556   -10.012 -5.571  1.00 0.00 ? 51 VAL A HG23 1 
ATOM 785  N N    . LYS A 1 52 ? 6.640   -10.225 -4.167  1.00 0.00 ? 52 LYS A N    1 
ATOM 786  C CA   . LYS A 1 52 ? 7.686   -9.368  -4.757  1.00 0.00 ? 52 LYS A CA   1 
ATOM 787  C C    . LYS A 1 52 ? 7.332   -9.246  -6.237  1.00 0.00 ? 52 LYS A C    1 
ATOM 788  O O    . LYS A 1 52 ? 6.732   -10.138 -6.819  1.00 0.00 ? 52 LYS A O    1 
ATOM 789  C CB   . LYS A 1 52 ? 9.059   -10.056 -4.537  1.00 0.00 ? 52 LYS A CB   1 
ATOM 790  C CG   . LYS A 1 52 ? 9.538   -11.031 -5.627  1.00 0.00 ? 52 LYS A CG   1 
ATOM 791  C CD   . LYS A 1 52 ? 8.787   -12.359 -5.467  1.00 0.00 ? 52 LYS A CD   1 
ATOM 792  C CE   . LYS A 1 52 ? 8.805   -13.148 -6.735  1.00 0.00 ? 52 LYS A CE   1 
ATOM 793  N NZ   . LYS A 1 52 ? 8.151   -12.298 -7.774  1.00 0.00 ? 52 LYS A NZ   1 
ATOM 794  H H    . LYS A 1 52 ? 6.594   -11.191 -4.326  1.00 0.00 ? 52 LYS A H    1 
ATOM 795  H HA   . LYS A 1 52 ? 7.653   -8.387  -4.301  1.00 0.00 ? 52 LYS A HA   1 
ATOM 796  H HB2  . LYS A 1 52 ? 9.765   -9.269  -4.435  1.00 0.00 ? 52 LYS A HB2  1 
ATOM 797  H HB3  . LYS A 1 52 ? 9.013   -10.577 -3.584  1.00 0.00 ? 52 LYS A HB3  1 
ATOM 798  H HG2  . LYS A 1 52 ? 9.457   -10.551 -6.592  1.00 0.00 ? 52 LYS A HG2  1 
ATOM 799  H HG3  . LYS A 1 52 ? 10.589  -11.194 -5.426  1.00 0.00 ? 52 LYS A HG3  1 
ATOM 800  H HD2  . LYS A 1 52 ? 9.258   -12.932 -4.671  1.00 0.00 ? 52 LYS A HD2  1 
ATOM 801  H HD3  . LYS A 1 52 ? 7.768   -12.188 -5.168  1.00 0.00 ? 52 LYS A HD3  1 
ATOM 802  H HE2  . LYS A 1 52 ? 9.817   -13.390 -7.027  1.00 0.00 ? 52 LYS A HE2  1 
ATOM 803  H HE3  . LYS A 1 52 ? 8.239   -14.061 -6.592  1.00 0.00 ? 52 LYS A HE3  1 
ATOM 804  H HZ1  . LYS A 1 52 ? 7.832   -11.411 -7.325  1.00 0.00 ? 52 LYS A HZ1  1 
ATOM 805  H HZ2  . LYS A 1 52 ? 8.816   -12.063 -8.531  1.00 0.00 ? 52 LYS A HZ2  1 
ATOM 806  H HZ3  . LYS A 1 52 ? 7.309   -12.768 -8.156  1.00 0.00 ? 52 LYS A HZ3  1 
ATOM 807  N N    . GLY A 1 53 ? 7.739   -8.181  -6.838  1.00 0.00 ? 53 GLY A N    1 
ATOM 808  C CA   . GLY A 1 53 ? 7.461   -7.908  -8.287  1.00 0.00 ? 53 GLY A CA   1 
ATOM 809  C C    . GLY A 1 53 ? 7.929   -6.457  -8.453  1.00 0.00 ? 53 GLY A C    1 
ATOM 810  O O    . GLY A 1 53 ? 8.889   -6.095  -7.793  1.00 0.00 ? 53 GLY A O    1 
ATOM 811  H H    . GLY A 1 53 ? 8.263   -7.520  -6.333  1.00 0.00 ? 53 GLY A H    1 
ATOM 812  H HA2  . GLY A 1 53 ? 8.033   -8.558  -8.929  1.00 0.00 ? 53 GLY A HA2  1 
ATOM 813  H HA3  . GLY A 1 53 ? 6.397   -8.020  -8.496  1.00 0.00 ? 53 GLY A HA3  1 
ATOM 814  N N    . LYS A 1 54 ? 7.311   -5.653  -9.264  1.00 0.00 ? 54 LYS A N    1 
ATOM 815  C CA   . LYS A 1 54 ? 7.782   -4.242  -9.417  1.00 0.00 ? 54 LYS A CA   1 
ATOM 816  C C    . LYS A 1 54 ? 6.859   -3.471  -8.494  1.00 0.00 ? 54 LYS A C    1 
ATOM 817  O O    . LYS A 1 54 ? 5.914   -3.967  -7.909  1.00 0.00 ? 54 LYS A O    1 
ATOM 818  C CB   . LYS A 1 54 ? 7.600   -3.764  -10.916 1.00 0.00 ? 54 LYS A CB   1 
ATOM 819  C CG   . LYS A 1 54 ? 8.266   -2.402  -11.312 1.00 0.00 ? 54 LYS A CG   1 
ATOM 820  C CD   . LYS A 1 54 ? 9.796   -2.490  -11.245 1.00 0.00 ? 54 LYS A CD   1 
ATOM 821  C CE   . LYS A 1 54 ? 10.393  -3.050  -12.539 1.00 0.00 ? 54 LYS A CE   1 
ATOM 822  N NZ   . LYS A 1 54 ? 11.803  -3.361  -12.289 1.00 0.00 ? 54 LYS A NZ   1 
ATOM 823  H H    . LYS A 1 54 ? 6.524   -5.957  -9.783  1.00 0.00 ? 54 LYS A H    1 
ATOM 824  H HA   . LYS A 1 54 ? 8.797   -4.116  -9.057  1.00 0.00 ? 54 LYS A HA   1 
ATOM 825  H HB2  . LYS A 1 54 ? 7.914   -4.569  -11.568 1.00 0.00 ? 54 LYS A HB2  1 
ATOM 826  H HB3  . LYS A 1 54 ? 6.536   -3.647  -11.079 1.00 0.00 ? 54 LYS A HB3  1 
ATOM 827  H HG2  . LYS A 1 54 ? 7.970   -2.183  -12.327 1.00 0.00 ? 54 LYS A HG2  1 
ATOM 828  H HG3  . LYS A 1 54 ? 7.911   -1.585  -10.703 1.00 0.00 ? 54 LYS A HG3  1 
ATOM 829  H HD2  . LYS A 1 54 ? 10.206  -1.513  -11.020 1.00 0.00 ? 54 LYS A HD2  1 
ATOM 830  H HD3  . LYS A 1 54 ? 10.079  -3.167  -10.455 1.00 0.00 ? 54 LYS A HD3  1 
ATOM 831  H HE2  . LYS A 1 54 ? 9.883   -3.950  -12.860 1.00 0.00 ? 54 LYS A HE2  1 
ATOM 832  H HE3  . LYS A 1 54 ? 10.347  -2.306  -13.320 1.00 0.00 ? 54 LYS A HE3  1 
ATOM 833  H HZ1  . LYS A 1 54 ? 12.108  -3.197  -11.305 1.00 0.00 ? 54 LYS A HZ1  1 
ATOM 834  H HZ2  . LYS A 1 54 ? 12.015  -4.387  -12.377 1.00 0.00 ? 54 LYS A HZ2  1 
ATOM 835  H HZ3  . LYS A 1 54 ? 12.545  -2.930  -12.872 1.00 0.00 ? 54 LYS A HZ3  1 
ATOM 836  N N    . VAL A 1 55 ? 7.188   -2.228  -8.424  1.00 0.00 ? 55 VAL A N    1 
ATOM 837  C CA   . VAL A 1 55 ? 6.437   -1.276  -7.591  1.00 0.00 ? 55 VAL A CA   1 
ATOM 838  C C    . VAL A 1 55 ? 6.146   -0.234  -8.656  1.00 0.00 ? 55 VAL A C    1 
ATOM 839  O O    . VAL A 1 55 ? 6.571   0.895   -8.573  1.00 0.00 ? 55 VAL A O    1 
ATOM 840  C CB   . VAL A 1 55 ? 7.328   -0.763  -6.500  1.00 0.00 ? 55 VAL A CB   1 
ATOM 841  C CG1  . VAL A 1 55 ? 6.400   0.094   -5.656  1.00 0.00 ? 55 VAL A CG1  1 
ATOM 842  C CG2  . VAL A 1 55 ? 7.745   -1.987  -5.708  1.00 0.00 ? 55 VAL A CG2  1 
ATOM 843  H H    . VAL A 1 55 ? 7.929   -1.916  -8.978  1.00 0.00 ? 55 VAL A H    1 
ATOM 844  H HA   . VAL A 1 55 ? 5.475   -1.646  -7.278  1.00 0.00 ? 55 VAL A HA   1 
ATOM 845  H HB   . VAL A 1 55 ? 8.162   -0.235  -6.952  1.00 0.00 ? 55 VAL A HB   1 
ATOM 846  H HG11 . VAL A 1 55 ? 5.555   -0.549  -5.445  1.00 0.00 ? 55 VAL A HG11 1 
ATOM 847  H HG12 . VAL A 1 55 ? 6.860   0.456   -4.749  1.00 0.00 ? 55 VAL A HG12 1 
ATOM 848  H HG13 . VAL A 1 55 ? 6.036   0.935   -6.227  1.00 0.00 ? 55 VAL A HG13 1 
ATOM 849  H HG21 . VAL A 1 55 ? 6.821   -2.481  -5.434  1.00 0.00 ? 55 VAL A HG21 1 
ATOM 850  H HG22 . VAL A 1 55 ? 8.320   -2.652  -6.334  1.00 0.00 ? 55 VAL A HG22 1 
ATOM 851  H HG23 . VAL A 1 55 ? 8.331   -1.729  -4.837  1.00 0.00 ? 55 VAL A HG23 1 
ATOM 852  N N    . LEU A 1 56 ? 5.426   -0.708  -9.631  1.00 0.00 ? 56 LEU A N    1 
ATOM 853  C CA   . LEU A 1 56 ? 5.007   0.111   -10.805 1.00 0.00 ? 56 LEU A CA   1 
ATOM 854  C C    . LEU A 1 56 ? 4.857   1.596   -10.477 1.00 0.00 ? 56 LEU A C    1 
ATOM 855  O O    . LEU A 1 56 ? 5.742   2.371   -10.782 1.00 0.00 ? 56 LEU A O    1 
ATOM 856  C CB   . LEU A 1 56 ? 3.665   -0.441  -11.351 1.00 0.00 ? 56 LEU A CB   1 
ATOM 857  C CG   . LEU A 1 56 ? 3.769   -1.946  -11.759 1.00 0.00 ? 56 LEU A CG   1 
ATOM 858  C CD1  . LEU A 1 56 ? 2.383   -2.408  -12.253 1.00 0.00 ? 56 LEU A CD1  1 
ATOM 859  C CD2  . LEU A 1 56 ? 4.806   -2.152  -12.894 1.00 0.00 ? 56 LEU A CD2  1 
ATOM 860  H H    . LEU A 1 56 ? 5.156   -1.644  -9.558  1.00 0.00 ? 56 LEU A H    1 
ATOM 861  H HA   . LEU A 1 56 ? 5.771   0.033   -11.566 1.00 0.00 ? 56 LEU A HA   1 
ATOM 862  H HB2  . LEU A 1 56 ? 2.907   -0.333  -10.590 1.00 0.00 ? 56 LEU A HB2  1 
ATOM 863  H HB3  . LEU A 1 56 ? 3.362   0.173   -12.194 1.00 0.00 ? 56 LEU A HB3  1 
ATOM 864  H HG   . LEU A 1 56 ? 4.049   -2.564  -10.915 1.00 0.00 ? 56 LEU A HG   1 
ATOM 865  H HD11 . LEU A 1 56 ? 1.644   -2.287  -11.474 1.00 0.00 ? 56 LEU A HD11 1 
ATOM 866  H HD12 . LEU A 1 56 ? 2.057   -1.842  -13.114 1.00 0.00 ? 56 LEU A HD12 1 
ATOM 867  H HD13 . LEU A 1 56 ? 2.405   -3.454  -12.522 1.00 0.00 ? 56 LEU A HD13 1 
ATOM 868  H HD21 . LEU A 1 56 ? 4.552   -1.579  -13.774 1.00 0.00 ? 56 LEU A HD21 1 
ATOM 869  H HD22 . LEU A 1 56 ? 5.792   -1.863  -12.569 1.00 0.00 ? 56 LEU A HD22 1 
ATOM 870  H HD23 . LEU A 1 56 ? 4.851   -3.200  -13.171 1.00 0.00 ? 56 LEU A HD23 1 
ATOM 871  N N    . GLU A 1 57 ? 3.761   1.928   -9.859  1.00 0.00 ? 57 GLU A N    1 
ATOM 872  C CA   . GLU A 1 57 ? 3.509   3.349   -9.499  1.00 0.00 ? 57 GLU A CA   1 
ATOM 873  C C    . GLU A 1 57 ? 2.938   3.438   -8.094  1.00 0.00 ? 57 GLU A C    1 
ATOM 874  O O    . GLU A 1 57 ? 2.432   2.473   -7.548  1.00 0.00 ? 57 GLU A O    1 
ATOM 875  C CB   . GLU A 1 57 ? 2.480   3.971   -10.446 1.00 0.00 ? 57 GLU A CB   1 
ATOM 876  C CG   . GLU A 1 57 ? 2.708   3.524   -11.898 1.00 0.00 ? 57 GLU A CG   1 
ATOM 877  C CD   . GLU A 1 57 ? 1.527   4.055   -12.694 1.00 0.00 ? 57 GLU A CD   1 
ATOM 878  O OE1  . GLU A 1 57 ? 1.477   5.264   -12.831 1.00 0.00 ? 57 GLU A OE1  1 
ATOM 879  O OE2  . GLU A 1 57 ? 0.752   3.209   -13.098 1.00 0.00 ? 57 GLU A OE2  1 
ATOM 880  H H    . GLU A 1 57 ? 3.102   1.247   -9.625  1.00 0.00 ? 57 GLU A H    1 
ATOM 881  H HA   . GLU A 1 57 ? 4.441   3.897   -9.541  1.00 0.00 ? 57 GLU A HA   1 
ATOM 882  H HB2  . GLU A 1 57 ? 1.471   3.704   -10.165 1.00 0.00 ? 57 GLU A HB2  1 
ATOM 883  H HB3  . GLU A 1 57 ? 2.543   5.051   -10.427 1.00 0.00 ? 57 GLU A HB3  1 
ATOM 884  H HG2  . GLU A 1 57 ? 3.619   3.940   -12.301 1.00 0.00 ? 57 GLU A HG2  1 
ATOM 885  H HG3  . GLU A 1 57 ? 2.735   2.450   -11.991 1.00 0.00 ? 57 GLU A HG3  1 
ATOM 886  N N    . ILE A 1 58 ? 3.048   4.626   -7.594  1.00 0.00 ? 58 ILE A N    1 
ATOM 887  C CA   . ILE A 1 58 ? 2.576   5.032   -6.257  1.00 0.00 ? 58 ILE A CA   1 
ATOM 888  C C    . ILE A 1 58 ? 1.969   6.347   -6.756  1.00 0.00 ? 58 ILE A C    1 
ATOM 889  O O    . ILE A 1 58 ? 2.682   7.114   -7.381  1.00 0.00 ? 58 ILE A O    1 
ATOM 890  C CB   . ILE A 1 58 ? 3.786   5.253   -5.323  1.00 0.00 ? 58 ILE A CB   1 
ATOM 891  C CG1  . ILE A 1 58 ? 4.565   3.906   -5.156  1.00 0.00 ? 58 ILE A CG1  1 
ATOM 892  C CG2  . ILE A 1 58 ? 3.281   5.737   -3.935  1.00 0.00 ? 58 ILE A CG2  1 
ATOM 893  C CD1  . ILE A 1 58 ? 5.869   4.107   -4.345  1.00 0.00 ? 58 ILE A CD1  1 
ATOM 894  H H    . ILE A 1 58 ? 3.472   5.337   -8.123  1.00 0.00 ? 58 ILE A H    1 
ATOM 895  H HA   . ILE A 1 58 ? 1.803   4.366   -5.898  1.00 0.00 ? 58 ILE A HA   1 
ATOM 896  H HB   . ILE A 1 58 ? 4.397   6.014   -5.794  1.00 0.00 ? 58 ILE A HB   1 
ATOM 897  H HG12 . ILE A 1 58 ? 3.944   3.201   -4.621  1.00 0.00 ? 58 ILE A HG12 1 
ATOM 898  H HG13 . ILE A 1 58 ? 4.795   3.462   -6.115  1.00 0.00 ? 58 ILE A HG13 1 
ATOM 899  H HG21 . ILE A 1 58 ? 2.701   6.644   -4.049  1.00 0.00 ? 58 ILE A HG21 1 
ATOM 900  H HG22 . ILE A 1 58 ? 2.651   4.999   -3.458  1.00 0.00 ? 58 ILE A HG22 1 
ATOM 901  H HG23 . ILE A 1 58 ? 4.105   5.948   -3.272  1.00 0.00 ? 58 ILE A HG23 1 
ATOM 902  H HD11 . ILE A 1 58 ? 6.525   4.815   -4.827  1.00 0.00 ? 58 ILE A HD11 1 
ATOM 903  H HD12 . ILE A 1 58 ? 5.661   4.449   -3.342  1.00 0.00 ? 58 ILE A HD12 1 
ATOM 904  H HD13 . ILE A 1 58 ? 6.393   3.166   -4.272  1.00 0.00 ? 58 ILE A HD13 1 
ATOM 905  N N    . LEU A 1 59 ? 0.721   6.579   -6.497  1.00 0.00 ? 59 LEU A N    1 
ATOM 906  C CA   . LEU A 1 59 ? 0.069   7.832   -6.955  1.00 0.00 ? 59 LEU A CA   1 
ATOM 907  C C    . LEU A 1 59 ? 0.119   8.826   -5.808  1.00 0.00 ? 59 LEU A C    1 
ATOM 908  O O    . LEU A 1 59 ? 0.527   9.960   -5.963  1.00 0.00 ? 59 LEU A O    1 
ATOM 909  C CB   . LEU A 1 59 ? -1.394  7.534   -7.331  1.00 0.00 ? 59 LEU A CB   1 
ATOM 910  C CG   . LEU A 1 59 ? -1.502  6.560   -8.553  1.00 0.00 ? 59 LEU A CG   1 
ATOM 911  C CD1  . LEU A 1 59 ? -1.251  5.081   -8.159  1.00 0.00 ? 59 LEU A CD1  1 
ATOM 912  C CD2  . LEU A 1 59 ? -2.932  6.645   -9.134  1.00 0.00 ? 59 LEU A CD2  1 
ATOM 913  H H    . LEU A 1 59 ? 0.191   5.926   -6.002  1.00 0.00 ? 59 LEU A H    1 
ATOM 914  H HA   . LEU A 1 59 ? 0.618   8.240   -7.793  1.00 0.00 ? 59 LEU A HA   1 
ATOM 915  H HB2  . LEU A 1 59 ? -1.914  7.138   -6.471  1.00 0.00 ? 59 LEU A HB2  1 
ATOM 916  H HB3  . LEU A 1 59 ? -1.837  8.484   -7.570  1.00 0.00 ? 59 LEU A HB3  1 
ATOM 917  H HG   . LEU A 1 59 ? -0.774  6.837   -9.305  1.00 0.00 ? 59 LEU A HG   1 
ATOM 918  H HD11 . LEU A 1 59 ? -1.951  4.750   -7.407  1.00 0.00 ? 59 LEU A HD11 1 
ATOM 919  H HD12 . LEU A 1 59 ? -1.362  4.457   -9.037  1.00 0.00 ? 59 LEU A HD12 1 
ATOM 920  H HD13 . LEU A 1 59 ? -0.248  4.936   -7.795  1.00 0.00 ? 59 LEU A HD13 1 
ATOM 921  H HD21 . LEU A 1 59 ? -3.677  6.364   -8.402  1.00 0.00 ? 59 LEU A HD21 1 
ATOM 922  H HD22 . LEU A 1 59 ? -3.141  7.653   -9.467  1.00 0.00 ? 59 LEU A HD22 1 
ATOM 923  H HD23 . LEU A 1 59 ? -3.025  5.989   -9.989  1.00 0.00 ? 59 LEU A HD23 1 
ATOM 924  N N    . VAL A 1 60 ? -0.303  8.369   -4.669  1.00 0.00 ? 60 VAL A N    1 
ATOM 925  C CA   . VAL A 1 60 ? -0.304  9.237   -3.468  1.00 0.00 ? 60 VAL A CA   1 
ATOM 926  C C    . VAL A 1 60 ? 0.777   8.474   -2.692  1.00 0.00 ? 60 VAL A C    1 
ATOM 927  O O    . VAL A 1 60 ? 0.587   7.299   -2.450  1.00 0.00 ? 60 VAL A O    1 
ATOM 928  C CB   . VAL A 1 60 ? -1.707  9.170   -2.774  1.00 0.00 ? 60 VAL A CB   1 
ATOM 929  C CG1  . VAL A 1 60 ? -1.824  10.266  -1.690  1.00 0.00 ? 60 VAL A CG1  1 
ATOM 930  C CG2  . VAL A 1 60 ? -2.850  9.338   -3.823  1.00 0.00 ? 60 VAL A CG2  1 
ATOM 931  H H    . VAL A 1 60 ? -0.610  7.445   -4.586  1.00 0.00 ? 60 VAL A H    1 
ATOM 932  H HA   . VAL A 1 60 ? 0.018   10.235  -3.722  1.00 0.00 ? 60 VAL A HA   1 
ATOM 933  H HB   . VAL A 1 60 ? -1.798  8.215   -2.278  1.00 0.00 ? 60 VAL A HB   1 
ATOM 934  H HG11 . VAL A 1 60 ? -1.054  10.120  -0.944  1.00 0.00 ? 60 VAL A HG11 1 
ATOM 935  H HG12 . VAL A 1 60 ? -1.705  11.254  -2.114  1.00 0.00 ? 60 VAL A HG12 1 
ATOM 936  H HG13 . VAL A 1 60 ? -2.782  10.216  -1.193  1.00 0.00 ? 60 VAL A HG13 1 
ATOM 937  H HG21 . VAL A 1 60 ? -2.757  10.277  -4.348  1.00 0.00 ? 60 VAL A HG21 1 
ATOM 938  H HG22 . VAL A 1 60 ? -2.818  8.538   -4.549  1.00 0.00 ? 60 VAL A HG22 1 
ATOM 939  H HG23 . VAL A 1 60 ? -3.814  9.313   -3.337  1.00 0.00 ? 60 VAL A HG23 1 
ATOM 940  N N    . PRO A 1 61 ? 1.871   9.095   -2.340  1.00 0.00 ? 61 PRO A N    1 
ATOM 941  C CA   . PRO A 1 61 ? 2.890   8.420   -1.504  1.00 0.00 ? 61 PRO A CA   1 
ATOM 942  C C    . PRO A 1 61 ? 2.469   8.406   -0.025  1.00 0.00 ? 61 PRO A C    1 
ATOM 943  O O    . PRO A 1 61 ? 1.692   7.569   0.396   1.00 0.00 ? 61 PRO A O    1 
ATOM 944  C CB   . PRO A 1 61 ? 4.153   9.227   -1.821  1.00 0.00 ? 61 PRO A CB   1 
ATOM 945  C CG   . PRO A 1 61 ? 3.593   10.687  -1.980  1.00 0.00 ? 61 PRO A CG   1 
ATOM 946  C CD   . PRO A 1 61 ? 2.258   10.489  -2.726  1.00 0.00 ? 61 PRO A CD   1 
ATOM 947  H HA   . PRO A 1 61 ? 2.996   7.394   -1.832  1.00 0.00 ? 61 PRO A HA   1 
ATOM 948  H HB2  . PRO A 1 61 ? 4.874   9.171   -1.015  1.00 0.00 ? 61 PRO A HB2  1 
ATOM 949  H HB3  . PRO A 1 61 ? 4.614   8.871   -2.727  1.00 0.00 ? 61 PRO A HB3  1 
ATOM 950  H HG2  . PRO A 1 61 ? 3.398   11.160  -1.025  1.00 0.00 ? 61 PRO A HG2  1 
ATOM 951  H HG3  . PRO A 1 61 ? 4.290   11.313  -2.520  1.00 0.00 ? 61 PRO A HG3  1 
ATOM 952  H HD2  . PRO A 1 61 ? 1.522   11.196  -2.367  1.00 0.00 ? 61 PRO A HD2  1 
ATOM 953  H HD3  . PRO A 1 61 ? 2.367   10.563  -3.801  1.00 0.00 ? 61 PRO A HD3  1 
ATOM 954  N N    . GLU A 1 62 ? 2.977   9.331   0.713   1.00 0.00 ? 62 GLU A N    1 
ATOM 955  C CA   . GLU A 1 62 ? 2.699   9.476   2.153   1.00 0.00 ? 62 GLU A CA   1 
ATOM 956  C C    . GLU A 1 62 ? 2.299   10.924  2.315   1.00 0.00 ? 62 GLU A C    1 
ATOM 957  O O    . GLU A 1 62 ? 2.109   11.675  1.373   1.00 0.00 ? 62 GLU A O    1 
ATOM 958  C CB   . GLU A 1 62 ? 4.012   9.107   2.949   1.00 0.00 ? 62 GLU A CB   1 
ATOM 959  C CG   . GLU A 1 62 ? 5.300   9.416   2.108   1.00 0.00 ? 62 GLU A CG   1 
ATOM 960  C CD   . GLU A 1 62 ? 5.203   10.865  1.644   1.00 0.00 ? 62 GLU A CD   1 
ATOM 961  O OE1  . GLU A 1 62 ? 5.046   11.711  2.499   1.00 0.00 ? 62 GLU A OE1  1 
ATOM 962  O OE2  . GLU A 1 62 ? 5.278   11.023  0.445   1.00 0.00 ? 62 GLU A OE2  1 
ATOM 963  H H    . GLU A 1 62 ? 3.570   10.016  0.335   1.00 0.00 ? 62 GLU A H    1 
ATOM 964  H HA   . GLU A 1 62 ? 1.819   8.945   2.462   1.00 0.00 ? 62 GLU A HA   1 
ATOM 965  H HB2  . GLU A 1 62 ? 4.090   9.754   3.804   1.00 0.00 ? 62 GLU A HB2  1 
ATOM 966  H HB3  . GLU A 1 62 ? 3.988   8.093   3.301   1.00 0.00 ? 62 GLU A HB3  1 
ATOM 967  H HG2  . GLU A 1 62 ? 6.193   9.337   2.707   1.00 0.00 ? 62 GLU A HG2  1 
ATOM 968  H HG3  . GLU A 1 62 ? 5.417   8.782   1.246   1.00 0.00 ? 62 GLU A HG3  1 
ATOM 969  N N    . GLY A 1 63 ? 2.131   11.241  3.552   1.00 0.00 ? 63 GLY A N    1 
ATOM 970  C CA   . GLY A 1 63 ? 1.755   12.618  3.928   1.00 0.00 ? 63 GLY A CA   1 
ATOM 971  C C    . GLY A 1 63 ? 0.271   12.839  3.741   1.00 0.00 ? 63 GLY A C    1 
ATOM 972  O O    . GLY A 1 63 ? -0.376  13.437  4.577   1.00 0.00 ? 63 GLY A O    1 
ATOM 973  H H    . GLY A 1 63 ? 2.252   10.525  4.208   1.00 0.00 ? 63 GLY A H    1 
ATOM 974  H HA2  . GLY A 1 63 ? 2.012   12.753  4.966   1.00 0.00 ? 63 GLY A HA2  1 
ATOM 975  H HA3  . GLY A 1 63 ? 2.325   13.312  3.323   1.00 0.00 ? 63 GLY A HA3  1 
ATOM 976  N N    . THR A 1 64 ? -0.251  12.354  2.653   1.00 0.00 ? 64 THR A N    1 
ATOM 977  C CA   . THR A 1 64 ? -1.704  12.538  2.394   1.00 0.00 ? 64 THR A CA   1 
ATOM 978  C C    . THR A 1 64 ? -2.411  11.256  2.868   1.00 0.00 ? 64 THR A C    1 
ATOM 979  O O    . THR A 1 64 ? -1.766  10.277  3.196   1.00 0.00 ? 64 THR A O    1 
ATOM 980  C CB   . THR A 1 64 ? -1.875  12.771  0.874   1.00 0.00 ? 64 THR A CB   1 
ATOM 981  O OG1  . THR A 1 64 ? -0.726  13.499  0.435   1.00 0.00 ? 64 THR A OG1  1 
ATOM 982  C CG2  . THR A 1 64 ? -3.021  13.750  0.548   1.00 0.00 ? 64 THR A CG2  1 
ATOM 983  H H    . THR A 1 64 ? 0.308   11.866  2.011   1.00 0.00 ? 64 THR A H    1 
ATOM 984  H HA   . THR A 1 64 ? -2.067  13.373  2.980   1.00 0.00 ? 64 THR A HA   1 
ATOM 985  H HB   . THR A 1 64 ? -1.967  11.844  0.328   1.00 0.00 ? 64 THR A HB   1 
ATOM 986  H HG1  . THR A 1 64 ? -0.013  13.461  1.087   1.00 0.00 ? 64 THR A HG1  1 
ATOM 987  H HG21 . THR A 1 64 ? -2.855  14.712  1.011   1.00 0.00 ? 64 THR A HG21 1 
ATOM 988  H HG22 . THR A 1 64 ? -3.079  13.894  -0.522  1.00 0.00 ? 64 THR A HG22 1 
ATOM 989  H HG23 . THR A 1 64 ? -3.970  13.357  0.885   1.00 0.00 ? 64 THR A HG23 1 
ATOM 990  N N    . VAL A 1 65 ? -3.714  11.290  2.882   1.00 0.00 ? 65 VAL A N    1 
ATOM 991  C CA   . VAL A 1 65 ? -4.502  10.113  3.326   1.00 0.00 ? 65 VAL A CA   1 
ATOM 992  C C    . VAL A 1 65 ? -5.118  9.573   2.031   1.00 0.00 ? 65 VAL A C    1 
ATOM 993  O O    . VAL A 1 65 ? -5.353  10.332  1.110   1.00 0.00 ? 65 VAL A O    1 
ATOM 994  C CB   . VAL A 1 65 ? -5.586  10.613  4.319   1.00 0.00 ? 65 VAL A CB   1 
ATOM 995  C CG1  . VAL A 1 65 ? -6.360  9.434   4.955   1.00 0.00 ? 65 VAL A CG1  1 
ATOM 996  C CG2  . VAL A 1 65 ? -4.945  11.496  5.436   1.00 0.00 ? 65 VAL A CG2  1 
ATOM 997  H H    . VAL A 1 65 ? -4.206  12.083  2.594   1.00 0.00 ? 65 VAL A H    1 
ATOM 998  H HA   . VAL A 1 65 ? -3.843  9.373   3.759   1.00 0.00 ? 65 VAL A HA   1 
ATOM 999  H HB   . VAL A 1 65 ? -6.286  11.211  3.752   1.00 0.00 ? 65 VAL A HB   1 
ATOM 1000 H HG11 . VAL A 1 65 ? -6.839  8.853   4.179   1.00 0.00 ? 65 VAL A HG11 1 
ATOM 1001 H HG12 . VAL A 1 65 ? -5.705  8.785   5.517   1.00 0.00 ? 65 VAL A HG12 1 
ATOM 1002 H HG13 . VAL A 1 65 ? -7.132  9.804   5.617   1.00 0.00 ? 65 VAL A HG13 1 
ATOM 1003 H HG21 . VAL A 1 65 ? -4.198  10.950  5.997   1.00 0.00 ? 65 VAL A HG21 1 
ATOM 1004 H HG22 . VAL A 1 65 ? -4.472  12.367  5.007   1.00 0.00 ? 65 VAL A HG22 1 
ATOM 1005 H HG23 . VAL A 1 65 ? -5.704  11.837  6.126   1.00 0.00 ? 65 VAL A HG23 1 
ATOM 1006 N N    . ALA A 1 66 ? -5.360  8.299   1.987   1.00 0.00 ? 66 ALA A N    1 
ATOM 1007 C CA   . ALA A 1 66 ? -5.958  7.639   0.801   1.00 0.00 ? 66 ALA A CA   1 
ATOM 1008 C C    . ALA A 1 66 ? -7.221  6.979   1.307   1.00 0.00 ? 66 ALA A C    1 
ATOM 1009 O O    . ALA A 1 66 ? -7.378  6.797   2.495   1.00 0.00 ? 66 ALA A O    1 
ATOM 1010 C CB   . ALA A 1 66 ? -4.965  6.630   0.317   1.00 0.00 ? 66 ALA A CB   1 
ATOM 1011 H H    . ALA A 1 66 ? -5.143  7.725   2.751   1.00 0.00 ? 66 ALA A H    1 
ATOM 1012 H HA   . ALA A 1 66 ? -6.231  8.354   0.037   1.00 0.00 ? 66 ALA A HA   1 
ATOM 1013 H HB1  . ALA A 1 66 ? -4.762  5.995   1.166   1.00 0.00 ? 66 ALA A HB1  1 
ATOM 1014 H HB2  . ALA A 1 66 ? -5.335  6.049   -0.516  1.00 0.00 ? 66 ALA A HB2  1 
ATOM 1015 H HB3  . ALA A 1 66 ? -4.051  7.133   0.035   1.00 0.00 ? 66 ALA A HB3  1 
ATOM 1016 N N    . THR A 1 67 ? -8.076  6.628   0.415   1.00 0.00 ? 67 THR A N    1 
ATOM 1017 C CA   . THR A 1 67 ? -9.341  5.965   0.817   1.00 0.00 ? 67 THR A CA   1 
ATOM 1018 C C    . THR A 1 67 ? -9.143  4.555   0.244   1.00 0.00 ? 67 THR A C    1 
ATOM 1019 O O    . THR A 1 67 ? -8.034  4.090   0.019   1.00 0.00 ? 67 THR A O    1 
ATOM 1020 C CB   . THR A 1 67 ? -10.495 6.859   0.183   1.00 0.00 ? 67 THR A CB   1 
ATOM 1021 O OG1  . THR A 1 67 ? -11.722 6.141   0.218   1.00 0.00 ? 67 THR A OG1  1 
ATOM 1022 C CG2  . THR A 1 67 ? -10.259 7.238   -1.280  1.00 0.00 ? 67 THR A CG2  1 
ATOM 1023 H H    . THR A 1 67 ? -7.903  6.790   -0.539  1.00 0.00 ? 67 THR A H    1 
ATOM 1024 H HA   . THR A 1 67 ? -9.496  5.926   1.870   1.00 0.00 ? 67 THR A HA   1 
ATOM 1025 H HB   . THR A 1 67 ? -10.620 7.751   0.786   1.00 0.00 ? 67 THR A HB   1 
ATOM 1026 H HG1  . THR A 1 67 ? -12.009 5.887   -0.672  1.00 0.00 ? 67 THR A HG1  1 
ATOM 1027 H HG21 . THR A 1 67 ? -9.342  7.804   -1.383  1.00 0.00 ? 67 THR A HG21 1 
ATOM 1028 H HG22 . THR A 1 67 ? -10.201 6.347   -1.881  1.00 0.00 ? 67 THR A HG22 1 
ATOM 1029 H HG23 . THR A 1 67 ? -11.069 7.860   -1.633  1.00 0.00 ? 67 THR A HG23 1 
ATOM 1030 N N    . VAL A 1 68 ? -10.247 3.936   0.058   1.00 0.00 ? 68 VAL A N    1 
ATOM 1031 C CA   . VAL A 1 68 ? -10.387 2.583   -0.508  1.00 0.00 ? 68 VAL A CA   1 
ATOM 1032 C C    . VAL A 1 68 ? -11.223 3.049   -1.716  1.00 0.00 ? 68 VAL A C    1 
ATOM 1033 O O    . VAL A 1 68 ? -11.785 4.135   -1.744  1.00 0.00 ? 68 VAL A O    1 
ATOM 1034 C CB   . VAL A 1 68 ? -11.224 1.700   0.353   1.00 0.00 ? 68 VAL A CB   1 
ATOM 1035 C CG1  . VAL A 1 68 ? -11.528 0.357   -0.387  1.00 0.00 ? 68 VAL A CG1  1 
ATOM 1036 C CG2  . VAL A 1 68 ? -10.343 1.430   1.501   1.00 0.00 ? 68 VAL A CG2  1 
ATOM 1037 H H    . VAL A 1 68 ? -11.045 4.441   0.296   1.00 0.00 ? 68 VAL A H    1 
ATOM 1038 H HA   . VAL A 1 68 ? -9.502  2.234   -1.013  1.00 0.00 ? 68 VAL A HA   1 
ATOM 1039 H HB   . VAL A 1 68 ? -12.079 2.290   0.658   1.00 0.00 ? 68 VAL A HB   1 
ATOM 1040 H HG11 . VAL A 1 68 ? -12.032 0.496   -1.328  1.00 0.00 ? 68 VAL A HG11 1 
ATOM 1041 H HG12 . VAL A 1 68 ? -10.623 -0.182  -0.605  1.00 0.00 ? 68 VAL A HG12 1 
ATOM 1042 H HG13 . VAL A 1 68 ? -12.147 -0.294  0.191   1.00 0.00 ? 68 VAL A HG13 1 
ATOM 1043 H HG21 . VAL A 1 68 ? -10.087 2.397   1.911   1.00 0.00 ? 68 VAL A HG21 1 
ATOM 1044 H HG22 . VAL A 1 68 ? -10.833 0.788   2.227   1.00 0.00 ? 68 VAL A HG22 1 
ATOM 1045 H HG23 . VAL A 1 68 ? -9.466  0.979   1.072   1.00 0.00 ? 68 VAL A HG23 1 
ATOM 1046 N N    . GLY A 1 69 ? -11.283 2.231   -2.718  1.00 0.00 ? 69 GLY A N    1 
ATOM 1047 C CA   . GLY A 1 69 ? -12.073 2.615   -3.924  1.00 0.00 ? 69 GLY A CA   1 
ATOM 1048 C C    . GLY A 1 69 ? -10.967 3.194   -4.802  1.00 0.00 ? 69 GLY A C    1 
ATOM 1049 O O    . GLY A 1 69 ? -10.809 2.868   -5.957  1.00 0.00 ? 69 GLY A O    1 
ATOM 1050 H H    . GLY A 1 69 ? -10.800 1.379   -2.674  1.00 0.00 ? 69 GLY A H    1 
ATOM 1051 H HA2  . GLY A 1 69 ? -12.503 1.738   -4.385  1.00 0.00 ? 69 GLY A HA2  1 
ATOM 1052 H HA3  . GLY A 1 69 ? -12.837 3.341   -3.668  1.00 0.00 ? 69 GLY A HA3  1 
ATOM 1053 N N    . GLN A 1 70 ? -10.215 4.056   -4.177  1.00 0.00 ? 70 GLN A N    1 
ATOM 1054 C CA   . GLN A 1 70 ? -9.073  4.740   -4.824  1.00 0.00 ? 70 GLN A CA   1 
ATOM 1055 C C    . GLN A 1 70 ? -7.966  3.713   -4.640  1.00 0.00 ? 70 GLN A C    1 
ATOM 1056 O O    . GLN A 1 70 ? -8.049  2.834   -3.799  1.00 0.00 ? 70 GLN A O    1 
ATOM 1057 C CB   . GLN A 1 70 ? -8.719  6.007   -4.038  1.00 0.00 ? 70 GLN A CB   1 
ATOM 1058 C CG   . GLN A 1 70 ? -7.698  6.907   -4.744  1.00 0.00 ? 70 GLN A CG   1 
ATOM 1059 C CD   . GLN A 1 70 ? -7.388  8.032   -3.761  1.00 0.00 ? 70 GLN A CD   1 
ATOM 1060 O OE1  . GLN A 1 70 ? -8.260  8.780   -3.375  1.00 0.00 ? 70 GLN A OE1  1 
ATOM 1061 N NE2  . GLN A 1 70 ? -6.186  8.202   -3.312  1.00 0.00 ? 70 GLN A NE2  1 
ATOM 1062 H H    . GLN A 1 70 ? -10.396 4.265   -3.242  1.00 0.00 ? 70 GLN A H    1 
ATOM 1063 H HA   . GLN A 1 70 ? -9.237  4.879   -5.883  1.00 0.00 ? 70 GLN A HA   1 
ATOM 1064 H HB2  . GLN A 1 70 ? -9.585  6.593   -3.782  1.00 0.00 ? 70 GLN A HB2  1 
ATOM 1065 H HB3  . GLN A 1 70 ? -8.279  5.678   -3.107  1.00 0.00 ? 70 GLN A HB3  1 
ATOM 1066 H HG2  . GLN A 1 70 ? -6.786  6.382   -4.980  1.00 0.00 ? 70 GLN A HG2  1 
ATOM 1067 H HG3  . GLN A 1 70 ? -8.117  7.338   -5.643  1.00 0.00 ? 70 GLN A HG3  1 
ATOM 1068 H HE21 . GLN A 1 70 ? -5.462  7.599   -3.582  1.00 0.00 ? 70 GLN A HE21 1 
ATOM 1069 H HE22 . GLN A 1 70 ? -6.014  8.945   -2.697  1.00 0.00 ? 70 GLN A HE22 1 
ATOM 1070 N N    . THR A 1 71 ? -6.958  3.854   -5.432  1.00 0.00 ? 71 THR A N    1 
ATOM 1071 C CA   . THR A 1 71 ? -5.821  2.929   -5.340  1.00 0.00 ? 71 THR A CA   1 
ATOM 1072 C C    . THR A 1 71 ? -4.785  3.812   -4.628  1.00 0.00 ? 71 THR A C    1 
ATOM 1073 O O    . THR A 1 71 ? -5.044  4.945   -4.258  1.00 0.00 ? 71 THR A O    1 
ATOM 1074 C CB   . THR A 1 71 ? -5.370  2.580   -6.731  1.00 0.00 ? 71 THR A CB   1 
ATOM 1075 O OG1  . THR A 1 71 ? -6.548  2.482   -7.526  1.00 0.00 ? 71 THR A OG1  1 
ATOM 1076 C CG2  . THR A 1 71 ? -4.780  1.157   -6.838  1.00 0.00 ? 71 THR A CG2  1 
ATOM 1077 H H    . THR A 1 71 ? -6.926  4.561   -6.103  1.00 0.00 ? 71 THR A H    1 
ATOM 1078 H HA   . THR A 1 71 ? -6.057  2.077   -4.716  1.00 0.00 ? 71 THR A HA   1 
ATOM 1079 H HB   . THR A 1 71 ? -4.714  3.364   -7.070  1.00 0.00 ? 71 THR A HB   1 
ATOM 1080 H HG1  . THR A 1 71 ? -7.351  2.507   -6.985  1.00 0.00 ? 71 THR A HG1  1 
ATOM 1081 H HG21 . THR A 1 71 ? -5.512  0.415   -6.549  1.00 0.00 ? 71 THR A HG21 1 
ATOM 1082 H HG22 . THR A 1 71 ? -4.502  0.965   -7.866  1.00 0.00 ? 71 THR A HG22 1 
ATOM 1083 H HG23 . THR A 1 71 ? -3.898  1.038   -6.227  1.00 0.00 ? 71 THR A HG23 1 
ATOM 1084 N N    . LEU A 1 72 ? -3.633  3.249   -4.478  1.00 0.00 ? 72 LEU A N    1 
ATOM 1085 C CA   . LEU A 1 72 ? -2.522  3.973   -3.805  1.00 0.00 ? 72 LEU A CA   1 
ATOM 1086 C C    . LEU A 1 72 ? -1.281  3.648   -4.611  1.00 0.00 ? 72 LEU A C    1 
ATOM 1087 O O    . LEU A 1 72 ? -0.702  4.472   -5.286  1.00 0.00 ? 72 LEU A O    1 
ATOM 1088 C CB   . LEU A 1 72 ? -2.375  3.468   -2.330  1.00 0.00 ? 72 LEU A CB   1 
ATOM 1089 C CG   . LEU A 1 72 ? -1.235  4.250   -1.617  1.00 0.00 ? 72 LEU A CG   1 
ATOM 1090 C CD1  . LEU A 1 72 ? -1.693  5.693   -1.364  1.00 0.00 ? 72 LEU A CD1  1 
ATOM 1091 C CD2  . LEU A 1 72 ? -0.934  3.625   -0.246  1.00 0.00 ? 72 LEU A CD2  1 
ATOM 1092 H H    . LEU A 1 72 ? -3.519  2.351   -4.845  1.00 0.00 ? 72 LEU A H    1 
ATOM 1093 H HA   . LEU A 1 72 ? -2.706  5.038   -3.851  1.00 0.00 ? 72 LEU A HA   1 
ATOM 1094 H HB2  . LEU A 1 72 ? -3.308  3.639   -1.812  1.00 0.00 ? 72 LEU A HB2  1 
ATOM 1095 H HB3  . LEU A 1 72 ? -2.166  2.410   -2.298  1.00 0.00 ? 72 LEU A HB3  1 
ATOM 1096 H HG   . LEU A 1 72 ? -0.326  4.250   -2.208  1.00 0.00 ? 72 LEU A HG   1 
ATOM 1097 H HD11 . LEU A 1 72 ? -1.957  6.178   -2.288  1.00 0.00 ? 72 LEU A HD11 1 
ATOM 1098 H HD12 . LEU A 1 72 ? -2.543  5.720   -0.702  1.00 0.00 ? 72 LEU A HD12 1 
ATOM 1099 H HD13 . LEU A 1 72 ? -0.888  6.255   -0.915  1.00 0.00 ? 72 LEU A HD13 1 
ATOM 1100 H HD21 . LEU A 1 72 ? -1.813  3.636   0.375   1.00 0.00 ? 72 LEU A HD21 1 
ATOM 1101 H HD22 . LEU A 1 72 ? -0.593  2.606   -0.343  1.00 0.00 ? 72 LEU A HD22 1 
ATOM 1102 H HD23 . LEU A 1 72 ? -0.166  4.192   0.262   1.00 0.00 ? 72 LEU A HD23 1 
ATOM 1103 N N    . ILE A 1 73 ? -0.938  2.409   -4.491  1.00 0.00 ? 73 ILE A N    1 
ATOM 1104 C CA   . ILE A 1 73 ? 0.233   1.811   -5.162  1.00 0.00 ? 73 ILE A CA   1 
ATOM 1105 C C    . ILE A 1 73 ? -0.314  0.510   -5.708  1.00 0.00 ? 73 ILE A C    1 
ATOM 1106 O O    . ILE A 1 73 ? -1.381  0.083   -5.283  1.00 0.00 ? 73 ILE A O    1 
ATOM 1107 C CB   . ILE A 1 73 ? 1.319   1.566   -4.083  1.00 0.00 ? 73 ILE A CB   1 
ATOM 1108 C CG1  . ILE A 1 73 ? 2.521   0.748   -4.653  1.00 0.00 ? 73 ILE A CG1  1 
ATOM 1109 C CG2  . ILE A 1 73 ? 0.647   0.811   -2.875  1.00 0.00 ? 73 ILE A CG2  1 
ATOM 1110 C CD1  . ILE A 1 73 ? 3.551   0.485   -3.541  1.00 0.00 ? 73 ILE A CD1  1 
ATOM 1111 H H    . ILE A 1 73 ? -1.466  1.806   -3.934  1.00 0.00 ? 73 ILE A H    1 
ATOM 1112 H HA   . ILE A 1 73 ? 0.577   2.423   -5.985  1.00 0.00 ? 73 ILE A HA   1 
ATOM 1113 H HB   . ILE A 1 73 ? 1.682   2.530   -3.749  1.00 0.00 ? 73 ILE A HB   1 
ATOM 1114 H HG12 . ILE A 1 73 ? 2.199   -0.210  -5.040  1.00 0.00 ? 73 ILE A HG12 1 
ATOM 1115 H HG13 . ILE A 1 73 ? 2.993   1.289   -5.464  1.00 0.00 ? 73 ILE A HG13 1 
ATOM 1116 H HG21 . ILE A 1 73 ? 0.223   -0.128  -3.208  1.00 0.00 ? 73 ILE A HG21 1 
ATOM 1117 H HG22 . ILE A 1 73 ? 1.346   0.597   -2.090  1.00 0.00 ? 73 ILE A HG22 1 
ATOM 1118 H HG23 . ILE A 1 73 ? -0.146  1.402   -2.443  1.00 0.00 ? 73 ILE A HG23 1 
ATOM 1119 H HD11 . ILE A 1 73 ? 3.908   1.418   -3.129  1.00 0.00 ? 73 ILE A HD11 1 
ATOM 1120 H HD12 . ILE A 1 73 ? 3.127   -0.120  -2.756  1.00 0.00 ? 73 ILE A HD12 1 
ATOM 1121 H HD13 . ILE A 1 73 ? 4.392   -0.054  -3.942  1.00 0.00 ? 73 ILE A HD13 1 
ATOM 1122 N N    . THR A 1 74 ? 0.413   -0.042  -6.622  1.00 0.00 ? 74 THR A N    1 
ATOM 1123 C CA   . THR A 1 74 ? -0.010  -1.324  -7.201  1.00 0.00 ? 74 THR A CA   1 
ATOM 1124 C C    . THR A 1 74 ? 1.280   -2.112  -7.340  1.00 0.00 ? 74 THR A C    1 
ATOM 1125 O O    . THR A 1 74 ? 2.373   -1.569  -7.332  1.00 0.00 ? 74 THR A O    1 
ATOM 1126 C CB   . THR A 1 74 ? -0.724  -1.071  -8.549  1.00 0.00 ? 74 THR A CB   1 
ATOM 1127 O OG1  . THR A 1 74 ? -0.923  -2.386  -9.054  1.00 0.00 ? 74 THR A OG1  1 
ATOM 1128 C CG2  . THR A 1 74 ? 0.150   -0.382  -9.599  1.00 0.00 ? 74 THR A CG2  1 
ATOM 1129 H H    . THR A 1 74 ? 1.234   0.401   -6.928  1.00 0.00 ? 74 THR A H    1 
ATOM 1130 H HA   . THR A 1 74 ? -0.686  -1.759  -6.484  1.00 0.00 ? 74 THR A HA   1 
ATOM 1131 H HB   . THR A 1 74 ? -1.720  -0.692  -8.391  1.00 0.00 ? 74 THR A HB   1 
ATOM 1132 H HG1  . THR A 1 74 ? -1.673  -2.753  -8.553  1.00 0.00 ? 74 THR A HG1  1 
ATOM 1133 H HG21 . THR A 1 74 ? 0.502   0.575   -9.245  1.00 0.00 ? 74 THR A HG21 1 
ATOM 1134 H HG22 . THR A 1 74 ? 0.998   -1.016  -9.809  1.00 0.00 ? 74 THR A HG22 1 
ATOM 1135 H HG23 . THR A 1 74 ? -0.404  -0.230  -10.514 1.00 0.00 ? 74 THR A HG23 1 
ATOM 1136 N N    . LEU A 1 75 ? 1.075   -3.376  -7.474  1.00 0.00 ? 75 LEU A N    1 
ATOM 1137 C CA   . LEU A 1 75 ? 2.186   -4.354  -7.617  1.00 0.00 ? 75 LEU A CA   1 
ATOM 1138 C C    . LEU A 1 75 ? 1.867   -5.302  -8.770  1.00 0.00 ? 75 LEU A C    1 
ATOM 1139 O O    . LEU A 1 75 ? 0.705   -5.627  -8.992  1.00 0.00 ? 75 LEU A O    1 
ATOM 1140 C CB   . LEU A 1 75 ? 2.275   -5.053  -6.289  1.00 0.00 ? 75 LEU A CB   1 
ATOM 1141 C CG   . LEU A 1 75 ? 3.708   -5.292  -5.774  1.00 0.00 ? 75 LEU A CG   1 
ATOM 1142 C CD1  . LEU A 1 75 ? 3.661   -5.506  -4.247  1.00 0.00 ? 75 LEU A CD1  1 
ATOM 1143 C CD2  . LEU A 1 75 ? 4.331   -6.517  -6.473  1.00 0.00 ? 75 LEU A CD2  1 
ATOM 1144 H H    . LEU A 1 75 ? 0.135   -3.651  -7.484  1.00 0.00 ? 75 LEU A H    1 
ATOM 1145 H HA   . LEU A 1 75 ? 3.120   -3.878  -7.806  1.00 0.00 ? 75 LEU A HA   1 
ATOM 1146 H HB2  . LEU A 1 75 ? 1.663   -4.528  -5.569  1.00 0.00 ? 75 LEU A HB2  1 
ATOM 1147 H HB3  . LEU A 1 75 ? 1.852   -6.007  -6.496  1.00 0.00 ? 75 LEU A HB3  1 
ATOM 1148 H HG   . LEU A 1 75 ? 4.312   -4.419  -5.989  1.00 0.00 ? 75 LEU A HG   1 
ATOM 1149 H HD11 . LEU A 1 75 ? 3.025   -6.343  -3.991  1.00 0.00 ? 75 LEU A HD11 1 
ATOM 1150 H HD12 . LEU A 1 75 ? 4.652   -5.698  -3.861  1.00 0.00 ? 75 LEU A HD12 1 
ATOM 1151 H HD13 . LEU A 1 75 ? 3.280   -4.615  -3.767  1.00 0.00 ? 75 LEU A HD13 1 
ATOM 1152 H HD21 . LEU A 1 75 ? 3.746   -7.414  -6.307  1.00 0.00 ? 75 LEU A HD21 1 
ATOM 1153 H HD22 . LEU A 1 75 ? 4.411   -6.339  -7.535  1.00 0.00 ? 75 LEU A HD22 1 
ATOM 1154 H HD23 . LEU A 1 75 ? 5.326   -6.684  -6.092  1.00 0.00 ? 75 LEU A HD23 1 
ATOM 1155 N N    . ASP A 1 76 ? 2.885   -5.728  -9.458  1.00 0.00 ? 76 ASP A N    1 
ATOM 1156 C CA   . ASP A 1 76 ? 2.697   -6.664  -10.591 1.00 0.00 ? 76 ASP A CA   1 
ATOM 1157 C C    . ASP A 1 76 ? 3.268   -7.934  -9.997  1.00 0.00 ? 76 ASP A C    1 
ATOM 1158 O O    . ASP A 1 76 ? 4.308   -7.935  -9.365  1.00 0.00 ? 76 ASP A O    1 
ATOM 1159 C CB   . ASP A 1 76 ? 3.509   -6.218  -11.833 1.00 0.00 ? 76 ASP A CB   1 
ATOM 1160 C CG   . ASP A 1 76 ? 4.963   -6.643  -11.846 1.00 0.00 ? 76 ASP A CG   1 
ATOM 1161 O OD1  . ASP A 1 76 ? 5.227   -7.753  -12.247 1.00 0.00 ? 76 ASP A OD1  1 
ATOM 1162 O OD2  . ASP A 1 76 ? 5.734   -5.806  -11.448 1.00 0.00 ? 76 ASP A OD2  1 
ATOM 1163 H H    . ASP A 1 76 ? 3.803   -5.449  -9.247  1.00 0.00 ? 76 ASP A H    1 
ATOM 1164 H HA   . ASP A 1 76 ? 1.649   -6.784  -10.813 1.00 0.00 ? 76 ASP A HA   1 
ATOM 1165 H HB2  . ASP A 1 76 ? 3.045   -6.546  -12.748 1.00 0.00 ? 76 ASP A HB2  1 
ATOM 1166 H HB3  . ASP A 1 76 ? 3.533   -5.143  -11.789 1.00 0.00 ? 76 ASP A HB3  1 
ATOM 1167 N N    . ALA A 1 77 ? 2.538   -8.986  -10.190 1.00 0.00 ? 77 ALA A N    1 
ATOM 1168 C CA   . ALA A 1 77 ? 2.965   -10.303 -9.668  1.00 0.00 ? 77 ALA A CA   1 
ATOM 1169 C C    . ALA A 1 77 ? 2.565   -11.334 -10.731 1.00 0.00 ? 77 ALA A C    1 
ATOM 1170 O O    . ALA A 1 77 ? 1.767   -12.187 -10.421 1.00 0.00 ? 77 ALA A O    1 
ATOM 1171 C CB   . ALA A 1 77 ? 2.230   -10.569 -8.335  1.00 0.00 ? 77 ALA A CB   1 
ATOM 1172 H H    . ALA A 1 77 ? 1.701   -8.907  -10.681 1.00 0.00 ? 77 ALA A H    1 
ATOM 1173 H HA   . ALA A 1 77 ? 4.042   -10.269 -9.488  1.00 0.00 ? 77 ALA A HA   1 
ATOM 1174 H HB1  . ALA A 1 77 ? 1.158   -10.585 -8.488  1.00 0.00 ? 77 ALA A HB1  1 
ATOM 1175 H HB2  . ALA A 1 77 ? 2.512   -11.535 -7.965  1.00 0.00 ? 77 ALA A HB2  1 
ATOM 1176 H HB3  . ALA A 1 77 ? 2.473   -9.814  -7.602  1.00 0.00 ? 77 ALA A HB3  1 
ATOM 1177 N N    . PRO A 1 78 ? 3.071   -11.255 -11.934 1.00 0.00 ? 78 PRO A N    1 
ATOM 1178 C CA   . PRO A 1 78 ? 2.667   -12.142 -13.068 1.00 0.00 ? 78 PRO A CA   1 
ATOM 1179 C C    . PRO A 1 78 ? 2.590   -13.655 -12.757 1.00 0.00 ? 78 PRO A C    1 
ATOM 1180 O O    . PRO A 1 78 ? 3.446   -14.403 -13.191 1.00 0.00 ? 78 PRO A O    1 
ATOM 1181 C CB   . PRO A 1 78 ? 3.694   -11.792 -14.194 1.00 0.00 ? 78 PRO A CB   1 
ATOM 1182 C CG   . PRO A 1 78 ? 4.869   -11.153 -13.402 1.00 0.00 ? 78 PRO A CG   1 
ATOM 1183 C CD   . PRO A 1 78 ? 4.134   -10.307 -12.360 1.00 0.00 ? 78 PRO A CD   1 
ATOM 1184 H HA   . PRO A 1 78 ? 1.686   -11.835 -13.397 1.00 0.00 ? 78 PRO A HA   1 
ATOM 1185 H HB2  . PRO A 1 78 ? 4.027   -12.687 -14.702 1.00 0.00 ? 78 PRO A HB2  1 
ATOM 1186 H HB3  . PRO A 1 78 ? 3.280   -11.105 -14.920 1.00 0.00 ? 78 PRO A HB3  1 
ATOM 1187 H HG2  . PRO A 1 78 ? 5.465   -11.917 -12.925 1.00 0.00 ? 78 PRO A HG2  1 
ATOM 1188 H HG3  . PRO A 1 78 ? 5.493   -10.523 -14.020 1.00 0.00 ? 78 PRO A HG3  1 
ATOM 1189 H HD2  . PRO A 1 78 ? 4.780   -10.024 -11.542 1.00 0.00 ? 78 PRO A HD2  1 
ATOM 1190 H HD3  . PRO A 1 78 ? 3.684   -9.427  -12.796 1.00 0.00 ? 78 PRO A HD3  1 
ATOM 1191 N N    . GLY A 1 79 ? 1.604   -14.082 -12.031 1.00 0.00 ? 79 GLY A N    1 
ATOM 1192 C CA   . GLY A 1 79 ? 1.477   -15.533 -11.702 1.00 0.00 ? 79 GLY A CA   1 
ATOM 1193 C C    . GLY A 1 79 ? 0.964   -15.768 -10.291 1.00 0.00 ? 79 GLY A C    1 
ATOM 1194 O O    . GLY A 1 79 ? 1.315   -16.745 -9.659  1.00 0.00 ? 79 GLY A O    1 
ATOM 1195 H H    . GLY A 1 79 ? 0.948   -13.442 -11.679 1.00 0.00 ? 79 GLY A H    1 
ATOM 1196 H HA2  . GLY A 1 79 ? 0.785   -15.985 -12.396 1.00 0.00 ? 79 GLY A HA2  1 
ATOM 1197 H HA3  . GLY A 1 79 ? 2.442   -16.009 -11.797 1.00 0.00 ? 79 GLY A HA3  1 
ATOM 1198 N N    . TYR A 1 80 ? 0.149   -14.852 -9.873  1.00 0.00 ? 80 TYR A N    1 
ATOM 1199 C CA   . TYR A 1 80 ? -0.508  -14.830 -8.547  1.00 0.00 ? 80 TYR A CA   1 
ATOM 1200 C C    . TYR A 1 80 ? -1.876  -14.185 -8.835  1.00 0.00 ? 80 TYR A C    1 
ATOM 1201 O O    . TYR A 1 80 ? -2.021  -13.655 -9.932  1.00 0.00 ? 80 TYR A O    1 
ATOM 1202 C CB   . TYR A 1 80 ? 0.230   -13.942 -7.551  1.00 0.00 ? 80 TYR A CB   1 
ATOM 1203 C CG   . TYR A 1 80 ? 1.349   -14.658 -6.772  1.00 0.00 ? 80 TYR A CG   1 
ATOM 1204 C CD1  . TYR A 1 80 ? 1.058   -15.742 -5.972  1.00 0.00 ? 80 TYR A CD1  1 
ATOM 1205 C CD2  . TYR A 1 80 ? 2.648   -14.211 -6.823  1.00 0.00 ? 80 TYR A CD2  1 
ATOM 1206 C CE1  . TYR A 1 80 ? 2.050   -16.357 -5.233  1.00 0.00 ? 80 TYR A CE1  1 
ATOM 1207 C CE2  . TYR A 1 80 ? 3.636   -14.816 -6.090  1.00 0.00 ? 80 TYR A CE2  1 
ATOM 1208 C CZ   . TYR A 1 80 ? 3.350   -15.895 -5.286  1.00 0.00 ? 80 TYR A CZ   1 
ATOM 1209 O OH   . TYR A 1 80 ? 4.359   -16.463 -4.541  1.00 0.00 ? 80 TYR A OH   1 
ATOM 1210 O OXT  . TYR A 1 80 ? -2.693  -14.247 -7.936  1.00 0.00 ? 80 TYR A OXT  1 
ATOM 1211 H H    . TYR A 1 80 ? -0.102  -14.092 -10.431 1.00 0.00 ? 80 TYR A H    1 
ATOM 1212 H HA   . TYR A 1 80 ? -0.653  -15.843 -8.200  1.00 0.00 ? 80 TYR A HA   1 
ATOM 1213 H HB2  . TYR A 1 80 ? 0.627   -13.089 -8.074  1.00 0.00 ? 80 TYR A HB2  1 
ATOM 1214 H HB3  . TYR A 1 80 ? -0.501  -13.583 -6.840  1.00 0.00 ? 80 TYR A HB3  1 
ATOM 1215 H HD1  . TYR A 1 80 ? 0.041   -16.104 -5.937  1.00 0.00 ? 80 TYR A HD1  1 
ATOM 1216 H HD2  . TYR A 1 80 ? 2.893   -13.381 -7.456  1.00 0.00 ? 80 TYR A HD2  1 
ATOM 1217 H HE1  . TYR A 1 80 ? 1.796   -17.208 -4.622  1.00 0.00 ? 80 TYR A HE1  1 
ATOM 1218 H HE2  . TYR A 1 80 ? 4.645   -14.443 -6.148  1.00 0.00 ? 80 TYR A HE2  1 
ATOM 1219 H HH   . TYR A 1 80 ? 4.571   -15.845 -3.828  1.00 0.00 ? 80 TYR A HH   1 
# 
